data_7VZQ
#
_entry.id   7VZQ
#
_cell.length_a   111.092
_cell.length_b   111.092
_cell.length_c   231.802
_cell.angle_alpha   90.000
_cell.angle_beta   90.000
_cell.angle_gamma   120.000
#
_symmetry.space_group_name_H-M   'P 31 2 1'
#
loop_
_entity.id
_entity.type
_entity.pdbx_description
1 polymer GdmN
2 non-polymer 'PHOSPHORIC ACID MONO(FORMAMIDE)ESTER'
3 non-polymer 'FE (III) ION'
4 non-polymer 1,2-ETHANEDIOL
5 non-polymer "5'-O-[(S)-(carbamoyloxy)(hydroxy)phosphoryl]adenosine"
6 non-polymer 'SULFATE ION'
7 non-polymer 'CHLORIDE ION'
8 water water
#
_entity_poly.entity_id   1
_entity_poly.type   'polypeptide(L)'
_entity_poly.pdbx_seq_one_letter_code
;MGSSHHHHHHSSGLVPRGSHMLVLGLNGNFSAADTDVVPQLGEYFFHDSAASLIRDGELVAAVEEERLNRIKKTTKFPLN
AVRECLALAGARPEDVDAVGYYFPENHIDTVLNHLYTEYPRAPLRYSRELIRQRLKEGLGWDLPDEKLVYVPHHEAHAYS
SYLHSGMDSALVLVLDAAGELHSGTVYRAEGTRLEKLADYPVPKSLGRLYLNATYLLGYGFGDEYKVMGLAPWGNPETYR
DTFAKLYTLQDNGEYELHGNIMVPNLVSPLFYAEGFRPRRKGEPFTQAHRDFAAALQETVEKIVLHILEYWAKTSGHSRL
CFGGGVAHNSSLNGLILKSGLFDEVFVHPASHDAGAGEGAAYAAAASLGTLERPGKRLLSASLGPALGGREQIRARLADW
APLIDVEFPDDAVETAAGLLAEGQVLGWAYGRSEFGPRALGHRSIVADARPEENRTRINAMVKKREGFRPFAPVVTAEAA
RDYFDLSGADGNHEFMSFVVPVLPERRTELGAVTHVDGTARVQVVSAESGERFHRLVRRFGELTGTPVLLNTSFNNNAEP
IVQSLDDVVTSFLTTDLDVLVVEDCLVRGKASPDLGVLVPRFRPVTRLVERRTAGPDASAGAKTHEIHLDYDGGPSAKVS
PELYELLGAVDGTTTLGDLAKTVGGLSDALATEVFALWEQRFLTLAPAGDIGPLADDGTRGH
;
_entity_poly.pdbx_strand_id   A,B
#
loop_
_chem_comp.id
_chem_comp.type
_chem_comp.name
_chem_comp.formula
CA0 non-polymer 5'-O-[(S)-(carbamoyloxy)(hydroxy)phosphoryl]adenosine 'C11 H15 N6 O8 P'
CL non-polymer 'CHLORIDE ION' 'Cl -1'
CP non-polymer 'PHOSPHORIC ACID MONO(FORMAMIDE)ESTER' 'C H4 N O5 P'
EDO non-polymer 1,2-ETHANEDIOL 'C2 H6 O2'
FE non-polymer 'FE (III) ION' 'Fe 3'
SO4 non-polymer 'SULFATE ION' 'O4 S -2'
#
# COMPACT_ATOMS: atom_id res chain seq x y z
N MET A 21 -34.48 10.71 25.55
CA MET A 21 -33.45 9.75 25.13
C MET A 21 -32.90 10.03 23.72
N LEU A 22 -31.73 10.69 23.64
CA LEU A 22 -31.12 11.15 22.39
C LEU A 22 -29.77 10.49 22.21
N VAL A 23 -29.62 9.65 21.19
CA VAL A 23 -28.38 8.91 21.03
C VAL A 23 -27.78 9.12 19.63
N LEU A 24 -26.47 9.32 19.60
CA LEU A 24 -25.72 9.52 18.38
C LEU A 24 -25.04 8.21 17.97
N GLY A 25 -25.19 7.81 16.71
CA GLY A 25 -24.47 6.67 16.15
C GLY A 25 -23.38 7.12 15.19
N LEU A 26 -22.17 6.54 15.36
CA LEU A 26 -20.97 6.94 14.63
C LEU A 26 -20.34 5.75 13.90
N ASN A 27 -19.81 6.03 12.71
CA ASN A 27 -18.98 5.06 12.00
C ASN A 27 -18.00 5.78 11.10
N GLY A 28 -16.84 5.17 10.92
CA GLY A 28 -15.80 5.73 10.09
C GLY A 28 -14.49 5.78 10.83
N ASN A 29 -13.48 6.29 10.15
CA ASN A 29 -12.18 6.47 10.77
C ASN A 29 -12.16 7.85 11.45
N PHE A 30 -10.97 8.35 11.80
CA PHE A 30 -10.88 9.53 12.64
C PHE A 30 -10.02 10.63 12.03
N SER A 31 -9.83 10.59 10.71
CA SER A 31 -9.02 11.58 10.03
C SER A 31 -9.72 12.93 10.02
N ALA A 32 -8.93 14.01 10.10
CA ALA A 32 -9.43 15.37 9.93
C ALA A 32 -9.77 15.63 8.47
N ALA A 33 -10.19 16.87 8.19
CA ALA A 33 -10.62 17.23 6.84
C ALA A 33 -9.44 17.26 5.87
N ASP A 34 -8.27 17.74 6.31
CA ASP A 34 -7.18 17.99 5.38
C ASP A 34 -6.05 16.97 5.46
N THR A 35 -5.93 16.25 6.58
CA THR A 35 -4.92 15.22 6.76
C THR A 35 -5.64 13.90 7.05
N ASP A 36 -4.88 12.81 7.00
CA ASP A 36 -5.39 11.51 7.42
C ASP A 36 -4.60 11.03 8.62
N VAL A 37 -5.20 10.15 9.44
CA VAL A 37 -4.54 9.70 10.68
C VAL A 37 -3.15 9.11 10.38
N VAL A 38 -3.03 8.37 9.28
CA VAL A 38 -1.72 8.02 8.73
C VAL A 38 -1.72 8.51 7.30
N PRO A 39 -0.58 8.97 6.77
CA PRO A 39 -0.57 9.51 5.40
C PRO A 39 -1.02 8.47 4.39
N GLN A 40 -1.86 8.92 3.46
CA GLN A 40 -2.51 8.06 2.46
C GLN A 40 -3.17 6.85 3.13
N LEU A 41 -3.99 7.11 4.15
CA LEU A 41 -4.75 6.04 4.78
C LEU A 41 -5.64 5.34 3.76
N GLY A 42 -5.49 4.02 3.63
CA GLY A 42 -6.26 3.25 2.67
C GLY A 42 -7.77 3.47 2.79
N GLU A 43 -8.44 3.58 1.63
CA GLU A 43 -9.88 3.88 1.48
C GLU A 43 -10.79 2.81 2.07
N TYR A 44 -10.25 1.69 2.55
CA TYR A 44 -11.03 0.59 3.09
C TYR A 44 -10.94 0.51 4.61
N PHE A 45 -10.17 1.41 5.23
CA PHE A 45 -9.97 1.43 6.68
C PHE A 45 -11.08 2.28 7.30
N PHE A 46 -12.28 1.68 7.39
CA PHE A 46 -13.43 2.28 8.05
C PHE A 46 -14.07 3.38 7.20
N HIS A 47 -14.66 2.96 6.09
CA HIS A 47 -15.25 3.71 4.99
C HIS A 47 -16.74 4.01 5.24
N ASP A 48 -17.32 4.83 4.34
CA ASP A 48 -18.73 5.23 4.43
C ASP A 48 -19.06 5.89 5.76
N SER A 49 -18.14 6.73 6.25
CA SER A 49 -18.33 7.46 7.49
C SER A 49 -19.66 8.18 7.46
N ALA A 50 -20.31 8.26 8.62
CA ALA A 50 -21.65 8.83 8.68
C ALA A 50 -22.01 9.06 10.14
N ALA A 51 -23.08 9.81 10.35
CA ALA A 51 -23.62 9.99 11.69
C ALA A 51 -25.13 9.85 11.63
N SER A 52 -25.69 9.26 12.68
CA SER A 52 -27.12 9.08 12.82
C SER A 52 -27.53 9.57 14.21
N LEU A 53 -28.73 10.15 14.30
CA LEU A 53 -29.29 10.60 15.57
C LEU A 53 -30.65 9.95 15.79
N ILE A 54 -30.79 9.24 16.91
N ILE A 54 -30.82 9.23 16.90
CA ILE A 54 -32.05 8.64 17.36
CA ILE A 54 -32.11 8.65 17.26
C ILE A 54 -32.59 9.50 18.50
C ILE A 54 -32.63 9.38 18.51
N ARG A 55 -33.90 9.75 18.48
CA ARG A 55 -34.57 10.37 19.63
C ARG A 55 -35.85 9.60 19.93
N ASP A 56 -35.98 9.14 21.18
CA ASP A 56 -37.17 8.41 21.64
C ASP A 56 -37.46 7.22 20.73
N GLY A 57 -36.39 6.56 20.30
CA GLY A 57 -36.50 5.37 19.47
C GLY A 57 -36.59 5.62 17.98
N GLU A 58 -36.77 6.87 17.55
CA GLU A 58 -37.00 7.18 16.15
C GLU A 58 -35.74 7.75 15.51
N LEU A 59 -35.48 7.35 14.27
CA LEU A 59 -34.35 7.88 13.51
C LEU A 59 -34.76 9.27 13.04
N VAL A 60 -34.21 10.31 13.66
CA VAL A 60 -34.62 11.68 13.34
C VAL A 60 -33.68 12.37 12.35
N ALA A 61 -32.43 11.93 12.24
CA ALA A 61 -31.53 12.53 11.27
C ALA A 61 -30.42 11.55 10.95
N ALA A 62 -29.98 11.55 9.69
CA ALA A 62 -28.89 10.67 9.27
C ALA A 62 -28.33 11.22 7.97
N VAL A 63 -27.00 11.27 7.88
CA VAL A 63 -26.36 11.69 6.64
C VAL A 63 -24.96 11.08 6.61
N GLU A 64 -24.55 10.67 5.41
CA GLU A 64 -23.20 10.20 5.19
C GLU A 64 -22.25 11.37 4.96
N GLU A 65 -21.04 11.24 5.52
CA GLU A 65 -20.06 12.33 5.45
C GLU A 65 -19.65 12.63 4.01
N GLU A 66 -19.65 11.62 3.13
CA GLU A 66 -19.32 11.81 1.72
C GLU A 66 -20.15 12.92 1.07
N ARG A 67 -21.38 13.12 1.54
CA ARG A 67 -22.25 14.14 0.95
C ARG A 67 -21.77 15.54 1.30
N LEU A 68 -21.09 15.68 2.43
CA LEU A 68 -20.64 16.96 2.94
C LEU A 68 -19.18 17.24 2.60
N ASN A 69 -18.28 16.26 2.67
CA ASN A 69 -16.93 16.54 2.21
C ASN A 69 -16.71 16.16 0.75
N ARG A 70 -17.71 15.57 0.10
CA ARG A 70 -17.72 15.34 -1.36
C ARG A 70 -16.70 14.29 -1.80
N ILE A 71 -16.17 13.48 -0.88
CA ILE A 71 -15.32 12.33 -1.21
C ILE A 71 -16.17 11.06 -1.16
N LYS A 72 -16.38 10.38 -2.29
CA LYS A 72 -17.22 9.17 -2.31
C LYS A 72 -16.74 8.14 -1.28
N LYS A 73 -17.68 7.59 -0.50
CA LYS A 73 -17.39 6.52 0.48
C LYS A 73 -16.27 6.88 1.45
N THR A 74 -16.17 8.17 1.82
CA THR A 74 -15.02 8.68 2.56
C THR A 74 -14.82 7.95 3.88
N THR A 75 -13.57 7.92 4.33
CA THR A 75 -13.17 7.36 5.62
C THR A 75 -12.99 8.43 6.69
N LYS A 76 -13.14 9.71 6.34
CA LYS A 76 -12.80 10.77 7.27
C LYS A 76 -13.84 10.85 8.40
N PHE A 77 -13.42 11.36 9.55
CA PHE A 77 -14.32 11.40 10.70
C PHE A 77 -15.56 12.21 10.37
N PRO A 78 -16.77 11.70 10.65
CA PRO A 78 -18.00 12.37 10.18
C PRO A 78 -18.39 13.59 11.00
N LEU A 79 -17.46 14.53 11.12
CA LEU A 79 -17.67 15.74 11.92
C LEU A 79 -18.83 16.57 11.38
N ASN A 80 -18.81 16.84 10.07
CA ASN A 80 -19.89 17.61 9.46
C ASN A 80 -21.24 16.89 9.61
N ALA A 81 -21.23 15.57 9.46
CA ALA A 81 -22.48 14.81 9.60
C ALA A 81 -23.05 14.94 11.02
N VAL A 82 -22.21 14.87 12.05
CA VAL A 82 -22.71 15.03 13.42
C VAL A 82 -23.33 16.41 13.60
N ARG A 83 -22.65 17.45 13.13
CA ARG A 83 -23.16 18.81 13.28
C ARG A 83 -24.49 18.97 12.56
N GLU A 84 -24.60 18.43 11.33
CA GLU A 84 -25.84 18.54 10.57
C GLU A 84 -26.98 17.76 11.24
N CYS A 85 -26.69 16.57 11.77
CA CYS A 85 -27.74 15.83 12.47
C CYS A 85 -28.24 16.60 13.70
N LEU A 86 -27.33 17.20 14.46
CA LEU A 86 -27.76 17.93 15.66
C LEU A 86 -28.64 19.10 15.29
N ALA A 87 -28.27 19.84 14.24
CA ALA A 87 -29.09 20.95 13.78
C ALA A 87 -30.48 20.47 13.37
N LEU A 88 -30.56 19.36 12.64
CA LEU A 88 -31.85 18.86 12.17
C LEU A 88 -32.74 18.47 13.36
N ALA A 89 -32.17 17.85 14.38
CA ALA A 89 -32.92 17.49 15.58
C ALA A 89 -33.18 18.69 16.48
N GLY A 90 -32.61 19.85 16.17
CA GLY A 90 -32.72 21.00 17.06
C GLY A 90 -32.05 20.77 18.39
N ALA A 91 -30.97 20.02 18.42
CA ALA A 91 -30.33 19.61 19.66
C ALA A 91 -28.92 20.20 19.73
N ARG A 92 -28.44 20.37 20.95
CA ARG A 92 -27.07 20.76 21.21
C ARG A 92 -26.26 19.53 21.60
N PRO A 93 -24.93 19.55 21.40
CA PRO A 93 -24.11 18.41 21.83
C PRO A 93 -24.35 17.97 23.27
N GLU A 94 -24.46 18.92 24.20
CA GLU A 94 -24.64 18.54 25.61
C GLU A 94 -25.96 17.79 25.83
N ASP A 95 -26.90 17.83 24.87
CA ASP A 95 -28.16 17.11 25.00
C ASP A 95 -28.04 15.62 24.72
N VAL A 96 -26.97 15.17 24.08
CA VAL A 96 -26.85 13.78 23.64
C VAL A 96 -26.59 12.89 24.86
N ASP A 97 -27.41 11.86 25.02
CA ASP A 97 -27.26 10.99 26.19
C ASP A 97 -26.15 9.96 26.02
N ALA A 98 -25.90 9.53 24.79
CA ALA A 98 -24.89 8.50 24.55
C ALA A 98 -24.44 8.57 23.10
N VAL A 99 -23.25 8.04 22.86
CA VAL A 99 -22.69 7.89 21.52
C VAL A 99 -22.29 6.43 21.33
N GLY A 100 -22.82 5.80 20.30
CA GLY A 100 -22.40 4.45 19.93
C GLY A 100 -21.42 4.46 18.77
N TYR A 101 -20.37 3.63 18.86
CA TYR A 101 -19.42 3.45 17.77
C TYR A 101 -19.49 2.00 17.28
N TYR A 102 -19.54 1.84 15.97
CA TYR A 102 -19.93 0.60 15.28
C TYR A 102 -18.89 -0.55 15.32
N PHE A 103 -17.79 -0.55 16.08
CA PHE A 103 -16.91 -1.70 16.26
C PHE A 103 -16.48 -1.74 17.72
N PRO A 104 -16.14 -2.92 18.25
CA PRO A 104 -15.59 -2.97 19.60
C PRO A 104 -14.29 -2.17 19.71
N GLU A 105 -14.10 -1.59 20.90
CA GLU A 105 -12.94 -0.75 21.18
C GLU A 105 -11.62 -1.45 20.89
N ASN A 106 -11.45 -2.67 21.40
CA ASN A 106 -10.20 -3.39 21.22
C ASN A 106 -9.92 -3.70 19.76
N HIS A 107 -10.95 -3.97 18.96
CA HIS A 107 -10.73 -4.26 17.55
C HIS A 107 -10.21 -3.03 16.80
N ILE A 108 -10.91 -1.89 16.90
CA ILE A 108 -10.47 -0.69 16.20
C ILE A 108 -9.10 -0.23 16.69
N ASP A 109 -8.82 -0.40 17.99
CA ASP A 109 -7.52 0.04 18.51
C ASP A 109 -6.38 -0.87 18.03
N THR A 110 -6.66 -2.18 17.92
CA THR A 110 -5.66 -3.11 17.40
C THR A 110 -5.29 -2.77 15.96
N VAL A 111 -6.29 -2.39 15.15
CA VAL A 111 -6.00 -1.96 13.79
C VAL A 111 -5.22 -0.66 13.79
N LEU A 112 -5.63 0.31 14.62
CA LEU A 112 -4.87 1.56 14.73
C LEU A 112 -3.43 1.26 15.16
N ASN A 113 -3.27 0.38 16.14
CA ASN A 113 -1.93 0.02 16.59
C ASN A 113 -1.09 -0.53 15.44
N HIS A 114 -1.69 -1.35 14.59
CA HIS A 114 -0.98 -1.89 13.43
C HIS A 114 -0.53 -0.77 12.49
N LEU A 115 -1.44 0.15 12.15
CA LEU A 115 -1.07 1.26 11.28
C LEU A 115 0.08 2.06 11.89
N TYR A 116 0.11 2.19 13.22
CA TYR A 116 1.17 2.96 13.86
C TYR A 116 2.50 2.25 13.78
N THR A 117 2.51 0.91 13.80
CA THR A 117 3.78 0.22 13.63
C THR A 117 4.30 0.35 12.21
N GLU A 118 3.42 0.58 11.23
CA GLU A 118 3.88 0.83 9.86
C GLU A 118 4.23 2.29 9.62
N TYR A 119 3.86 3.19 10.52
CA TYR A 119 4.11 4.61 10.36
C TYR A 119 4.62 5.15 11.69
N PRO A 120 5.91 4.96 11.97
CA PRO A 120 6.42 5.28 13.32
C PRO A 120 6.42 6.77 13.67
N ARG A 121 6.18 7.67 12.70
CA ARG A 121 6.01 9.08 13.05
C ARG A 121 4.68 9.35 13.73
N ALA A 122 3.64 8.58 13.42
CA ALA A 122 2.30 8.87 13.92
C ALA A 122 2.24 8.65 15.43
N PRO A 123 1.74 9.61 16.20
CA PRO A 123 1.64 9.42 17.65
C PRO A 123 0.57 8.40 18.02
N LEU A 124 0.71 7.84 19.21
CA LEU A 124 -0.08 6.69 19.63
C LEU A 124 -1.39 7.16 20.24
N ARG A 125 -2.30 7.58 19.37
CA ARG A 125 -3.63 8.05 19.76
C ARG A 125 -4.65 6.99 19.35
N TYR A 126 -5.33 6.40 20.32
CA TYR A 126 -6.30 5.36 20.01
C TYR A 126 -7.69 5.96 19.92
N SER A 127 -8.68 5.09 19.68
CA SER A 127 -9.97 5.56 19.19
C SER A 127 -10.69 6.42 20.22
N ARG A 128 -10.62 6.05 21.51
CA ARG A 128 -11.30 6.83 22.54
C ARG A 128 -10.76 8.26 22.57
N GLU A 129 -9.43 8.42 22.64
CA GLU A 129 -8.84 9.75 22.62
C GLU A 129 -9.12 10.46 21.30
N LEU A 130 -9.07 9.76 20.18
CA LEU A 130 -9.31 10.42 18.90
C LEU A 130 -10.75 10.88 18.76
N ILE A 131 -11.70 10.03 19.17
CA ILE A 131 -13.12 10.40 19.08
C ILE A 131 -13.41 11.62 19.93
N ARG A 132 -12.92 11.62 21.17
CA ARG A 132 -13.18 12.76 22.05
C ARG A 132 -12.42 14.00 21.59
N GLN A 133 -11.24 13.85 21.01
CA GLN A 133 -10.54 14.99 20.45
C GLN A 133 -11.33 15.60 19.29
N ARG A 134 -11.85 14.76 18.39
CA ARG A 134 -12.55 15.32 17.24
C ARG A 134 -13.82 16.03 17.68
N LEU A 135 -14.52 15.47 18.66
CA LEU A 135 -15.75 16.10 19.12
C LEU A 135 -15.45 17.41 19.86
N LYS A 136 -14.41 17.42 20.68
CA LYS A 136 -14.07 18.63 21.44
C LYS A 136 -13.57 19.75 20.52
N GLU A 137 -12.59 19.46 19.66
CA GLU A 137 -12.07 20.48 18.76
C GLU A 137 -13.09 20.87 17.68
N GLY A 138 -13.92 19.93 17.25
CA GLY A 138 -14.79 20.17 16.12
C GLY A 138 -16.12 20.82 16.47
N LEU A 139 -16.68 20.44 17.63
CA LEU A 139 -17.98 20.90 18.07
C LEU A 139 -17.96 21.63 19.42
N GLY A 140 -16.80 21.71 20.08
CA GLY A 140 -16.76 22.25 21.43
C GLY A 140 -17.42 21.34 22.45
N TRP A 141 -17.37 20.03 22.21
CA TRP A 141 -18.12 19.04 22.97
C TRP A 141 -17.11 18.14 23.68
N ASP A 142 -16.96 18.36 24.98
CA ASP A 142 -16.17 17.49 25.84
C ASP A 142 -17.04 16.28 26.19
N LEU A 143 -16.82 15.15 25.52
CA LEU A 143 -17.64 13.96 25.75
C LEU A 143 -17.07 13.16 26.91
N PRO A 144 -17.85 12.85 27.95
CA PRO A 144 -17.32 12.04 29.05
C PRO A 144 -17.20 10.58 28.66
N ASP A 145 -16.23 9.89 29.27
CA ASP A 145 -15.96 8.50 28.89
C ASP A 145 -17.20 7.64 28.99
N GLU A 146 -18.01 7.81 30.05
CA GLU A 146 -19.13 6.91 30.27
C GLU A 146 -20.22 7.05 29.22
N LYS A 147 -20.22 8.13 28.44
CA LYS A 147 -21.23 8.27 27.39
C LYS A 147 -20.82 7.60 26.08
N LEU A 148 -19.58 7.15 25.94
CA LEU A 148 -19.10 6.51 24.71
C LEU A 148 -19.22 4.99 24.83
N VAL A 149 -20.02 4.38 23.96
CA VAL A 149 -20.28 2.93 23.99
C VAL A 149 -19.81 2.32 22.67
N TYR A 150 -18.94 1.32 22.75
CA TYR A 150 -18.55 0.55 21.57
C TYR A 150 -19.42 -0.70 21.46
N VAL A 151 -19.66 -1.12 20.23
CA VAL A 151 -20.71 -2.08 19.90
C VAL A 151 -20.18 -3.16 18.97
N PRO A 152 -20.55 -4.43 19.16
CA PRO A 152 -20.28 -5.46 18.14
C PRO A 152 -20.82 -5.04 16.78
N HIS A 153 -20.00 -5.25 15.75
CA HIS A 153 -20.31 -4.72 14.43
C HIS A 153 -21.57 -5.35 13.84
N HIS A 154 -21.71 -6.68 13.91
CA HIS A 154 -22.88 -7.29 13.28
C HIS A 154 -24.15 -7.04 14.11
N GLU A 155 -23.99 -6.86 15.41
CA GLU A 155 -25.13 -6.47 16.23
C GLU A 155 -25.64 -5.10 15.83
N ALA A 156 -24.73 -4.18 15.48
CA ALA A 156 -25.17 -2.87 15.02
C ALA A 156 -25.92 -2.97 13.69
N HIS A 157 -25.35 -3.70 12.71
CA HIS A 157 -26.09 -3.97 11.47
C HIS A 157 -27.47 -4.56 11.75
N ALA A 158 -27.53 -5.54 12.66
CA ALA A 158 -28.78 -6.25 12.91
C ALA A 158 -29.84 -5.31 13.46
N TYR A 159 -29.47 -4.50 14.47
CA TYR A 159 -30.45 -3.58 15.05
C TYR A 159 -31.02 -2.66 13.97
N SER A 160 -30.13 -2.04 13.19
CA SER A 160 -30.57 -1.12 12.14
C SER A 160 -31.55 -1.80 11.19
N SER A 161 -31.18 -2.97 10.67
CA SER A 161 -32.03 -3.64 9.68
C SER A 161 -33.33 -4.12 10.31
N TYR A 162 -33.27 -4.67 11.53
CA TYR A 162 -34.50 -5.23 12.09
C TYR A 162 -35.42 -4.15 12.65
N LEU A 163 -34.87 -3.20 13.42
CA LEU A 163 -35.73 -2.27 14.16
C LEU A 163 -36.56 -1.38 13.23
N HIS A 164 -36.17 -1.24 11.97
CA HIS A 164 -36.91 -0.43 11.00
C HIS A 164 -37.85 -1.25 10.13
N SER A 165 -37.92 -2.57 10.34
CA SER A 165 -38.73 -3.46 9.51
C SER A 165 -40.23 -3.40 9.79
N GLY A 166 -40.64 -2.84 10.93
CA GLY A 166 -42.05 -3.00 11.30
C GLY A 166 -42.41 -4.38 11.85
N MET A 167 -41.49 -5.33 11.89
CA MET A 167 -41.77 -6.69 12.33
C MET A 167 -41.49 -6.83 13.82
N ASP A 168 -42.27 -7.70 14.49
CA ASP A 168 -42.03 -7.96 15.91
C ASP A 168 -41.27 -9.27 16.14
N SER A 169 -41.03 -10.06 15.09
CA SER A 169 -40.13 -11.20 15.17
C SER A 169 -39.67 -11.58 13.77
N ALA A 170 -38.42 -12.01 13.66
CA ALA A 170 -37.86 -12.24 12.32
C ALA A 170 -36.55 -13.02 12.45
N LEU A 171 -36.19 -13.70 11.37
CA LEU A 171 -34.80 -14.06 11.17
C LEU A 171 -34.05 -12.84 10.64
N VAL A 172 -32.85 -12.58 11.17
CA VAL A 172 -32.02 -11.45 10.72
C VAL A 172 -30.67 -12.01 10.26
N LEU A 173 -30.34 -11.76 9.00
CA LEU A 173 -29.07 -12.17 8.41
C LEU A 173 -28.23 -10.93 8.15
N VAL A 174 -26.97 -10.96 8.60
CA VAL A 174 -26.00 -9.91 8.28
C VAL A 174 -24.87 -10.56 7.50
N LEU A 175 -24.57 -10.01 6.32
CA LEU A 175 -23.37 -10.42 5.59
C LEU A 175 -22.60 -9.18 5.12
N ASP A 176 -21.31 -9.11 5.43
CA ASP A 176 -20.49 -8.00 4.94
C ASP A 176 -19.06 -8.49 4.76
N ALA A 177 -18.14 -7.55 4.50
CA ALA A 177 -16.73 -7.92 4.40
C ALA A 177 -16.25 -8.56 5.69
N ALA A 178 -16.25 -7.80 6.78
CA ALA A 178 -15.96 -8.44 8.07
C ALA A 178 -16.32 -7.56 9.26
N GLY A 179 -17.02 -8.15 10.23
CA GLY A 179 -17.06 -7.62 11.58
C GLY A 179 -15.78 -7.97 12.33
N GLU A 180 -15.78 -7.65 13.62
CA GLU A 180 -14.58 -7.90 14.41
C GLU A 180 -14.21 -9.39 14.43
N LEU A 181 -15.22 -10.28 14.38
CA LEU A 181 -15.00 -11.71 14.52
C LEU A 181 -15.56 -12.56 13.38
N HIS A 182 -16.57 -12.09 12.64
CA HIS A 182 -17.29 -12.95 11.71
C HIS A 182 -17.61 -12.21 10.43
N SER A 183 -17.66 -12.96 9.33
CA SER A 183 -18.08 -12.38 8.07
C SER A 183 -19.60 -12.41 7.88
N GLY A 184 -20.30 -13.22 8.67
CA GLY A 184 -21.75 -13.33 8.57
C GLY A 184 -22.32 -13.76 9.90
N THR A 185 -23.52 -13.26 10.22
CA THR A 185 -24.18 -13.58 11.47
C THR A 185 -25.67 -13.76 11.23
N VAL A 186 -26.26 -14.75 11.91
CA VAL A 186 -27.68 -15.05 11.82
C VAL A 186 -28.30 -14.84 13.21
N TYR A 187 -29.34 -14.01 13.29
CA TYR A 187 -29.99 -13.74 14.57
C TYR A 187 -31.46 -14.12 14.55
N ARG A 188 -31.96 -14.47 15.74
CA ARG A 188 -33.39 -14.42 15.99
C ARG A 188 -33.71 -13.06 16.63
N ALA A 189 -34.72 -12.38 16.11
CA ALA A 189 -35.18 -11.11 16.66
C ALA A 189 -36.61 -11.28 17.13
N GLU A 190 -36.89 -10.83 18.36
CA GLU A 190 -38.25 -10.83 18.91
C GLU A 190 -38.38 -9.63 19.82
N GLY A 191 -39.44 -8.85 19.65
CA GLY A 191 -39.54 -7.61 20.42
C GLY A 191 -38.36 -6.73 20.07
N THR A 192 -37.58 -6.32 21.07
CA THR A 192 -36.36 -5.57 20.85
C THR A 192 -35.12 -6.38 21.17
N ARG A 193 -35.23 -7.71 21.22
CA ARG A 193 -34.10 -8.53 21.63
C ARG A 193 -33.58 -9.35 20.45
N LEU A 194 -32.26 -9.37 20.31
CA LEU A 194 -31.55 -10.16 19.32
C LEU A 194 -30.90 -11.31 20.05
N GLU A 195 -31.01 -12.50 19.49
CA GLU A 195 -30.27 -13.65 20.00
C GLU A 195 -29.54 -14.25 18.82
N LYS A 196 -28.26 -14.54 18.99
CA LYS A 196 -27.50 -15.10 17.88
C LYS A 196 -27.85 -16.57 17.67
N LEU A 197 -27.98 -16.94 16.40
CA LEU A 197 -28.21 -18.32 15.99
C LEU A 197 -27.00 -18.95 15.32
N ALA A 198 -26.26 -18.18 14.52
CA ALA A 198 -25.14 -18.73 13.76
C ALA A 198 -24.17 -17.62 13.40
N ASP A 199 -22.96 -18.02 13.02
CA ASP A 199 -22.00 -17.05 12.50
C ASP A 199 -21.04 -17.79 11.58
N TYR A 200 -20.40 -17.04 10.70
CA TYR A 200 -19.49 -17.57 9.70
C TYR A 200 -18.17 -16.82 9.84
N PRO A 201 -17.04 -17.51 9.87
CA PRO A 201 -15.75 -16.84 10.12
C PRO A 201 -15.35 -15.87 9.01
N VAL A 202 -14.38 -15.02 9.37
CA VAL A 202 -13.93 -13.97 8.47
C VAL A 202 -13.44 -14.52 7.13
N PRO A 203 -12.61 -15.57 7.07
CA PRO A 203 -12.16 -16.06 5.75
C PRO A 203 -13.28 -16.55 4.84
N LYS A 204 -14.46 -16.84 5.37
CA LYS A 204 -15.58 -17.26 4.53
C LYS A 204 -16.39 -16.08 3.98
N SER A 205 -15.85 -14.87 4.06
CA SER A 205 -16.63 -13.69 3.69
C SER A 205 -17.07 -13.74 2.24
N LEU A 206 -18.37 -13.54 2.02
CA LEU A 206 -18.90 -13.38 0.66
C LEU A 206 -18.70 -11.97 0.17
N GLY A 207 -18.68 -11.00 1.09
CA GLY A 207 -18.33 -9.65 0.70
C GLY A 207 -16.91 -9.54 0.16
N ARG A 208 -15.97 -10.21 0.85
CA ARG A 208 -14.57 -10.22 0.41
C ARG A 208 -14.42 -10.97 -0.91
N LEU A 209 -15.14 -12.08 -1.07
CA LEU A 209 -15.13 -12.81 -2.33
C LEU A 209 -15.61 -11.94 -3.49
N TYR A 210 -16.73 -11.25 -3.29
CA TYR A 210 -17.27 -10.41 -4.35
C TYR A 210 -16.34 -9.24 -4.66
N LEU A 211 -15.70 -8.68 -3.64
CA LEU A 211 -14.78 -7.57 -3.86
C LEU A 211 -13.48 -8.04 -4.50
N ASN A 212 -12.95 -9.19 -4.06
CA ASN A 212 -11.80 -9.81 -4.75
C ASN A 212 -12.11 -10.01 -6.23
N ALA A 213 -13.30 -10.52 -6.56
CA ALA A 213 -13.65 -10.74 -7.96
C ALA A 213 -13.78 -9.42 -8.71
N THR A 214 -14.33 -8.41 -8.03
CA THR A 214 -14.50 -7.09 -8.64
C THR A 214 -13.18 -6.52 -9.13
N TYR A 215 -12.09 -6.77 -8.40
CA TYR A 215 -10.77 -6.27 -8.80
C TYR A 215 -10.33 -6.84 -10.14
N LEU A 216 -10.89 -7.97 -10.57
CA LEU A 216 -10.53 -8.57 -11.87
C LEU A 216 -11.20 -7.87 -13.05
N LEU A 217 -12.23 -7.07 -12.81
CA LEU A 217 -12.90 -6.37 -13.88
C LEU A 217 -12.48 -4.90 -13.96
N GLY A 218 -11.24 -4.60 -13.54
CA GLY A 218 -10.70 -3.25 -13.61
C GLY A 218 -11.31 -2.28 -12.65
N TYR A 219 -12.06 -2.79 -11.66
CA TYR A 219 -12.84 -2.02 -10.71
C TYR A 219 -12.21 -2.07 -9.32
N GLY A 220 -12.74 -1.26 -8.42
CA GLY A 220 -12.20 -1.22 -7.07
C GLY A 220 -13.28 -1.20 -6.02
N PHE A 221 -12.91 -0.82 -4.79
CA PHE A 221 -13.90 -0.76 -3.73
C PHE A 221 -14.98 0.24 -4.11
N GLY A 222 -16.23 -0.11 -3.81
CA GLY A 222 -17.36 0.70 -4.19
C GLY A 222 -18.00 0.35 -5.52
N ASP A 223 -17.34 -0.46 -6.35
CA ASP A 223 -17.83 -0.75 -7.68
C ASP A 223 -18.64 -2.04 -7.77
N GLU A 224 -18.86 -2.75 -6.64
CA GLU A 224 -19.49 -4.07 -6.70
C GLU A 224 -20.82 -4.02 -7.43
N TYR A 225 -21.62 -2.98 -7.21
CA TYR A 225 -22.94 -2.97 -7.84
C TYR A 225 -22.85 -2.71 -9.33
N LYS A 226 -21.72 -2.19 -9.83
CA LYS A 226 -21.48 -2.13 -11.26
C LYS A 226 -21.25 -3.52 -11.83
N VAL A 227 -20.45 -4.32 -11.12
CA VAL A 227 -20.29 -5.72 -11.50
C VAL A 227 -21.64 -6.43 -11.50
N MET A 228 -22.45 -6.21 -10.45
CA MET A 228 -23.83 -6.70 -10.44
C MET A 228 -24.59 -6.32 -11.70
N GLY A 229 -24.46 -5.07 -12.12
CA GLY A 229 -25.18 -4.63 -13.32
C GLY A 229 -24.62 -5.22 -14.59
N LEU A 230 -23.36 -5.65 -14.57
CA LEU A 230 -22.75 -6.29 -15.74
C LEU A 230 -23.22 -7.73 -15.90
N ALA A 231 -23.41 -8.43 -14.78
CA ALA A 231 -23.68 -9.87 -14.79
C ALA A 231 -24.75 -10.31 -15.76
N PRO A 232 -25.92 -9.66 -15.88
CA PRO A 232 -26.94 -10.18 -16.82
C PRO A 232 -26.48 -10.16 -18.26
N TRP A 233 -25.46 -9.37 -18.60
CA TRP A 233 -24.91 -9.44 -19.95
C TRP A 233 -24.04 -10.66 -20.19
N GLY A 234 -23.69 -11.44 -19.17
CA GLY A 234 -22.80 -12.57 -19.34
C GLY A 234 -23.55 -13.90 -19.31
N ASN A 235 -22.85 -14.94 -19.77
CA ASN A 235 -23.34 -16.32 -19.69
C ASN A 235 -22.74 -16.97 -18.47
N PRO A 236 -23.54 -17.32 -17.45
CA PRO A 236 -22.96 -17.90 -16.22
C PRO A 236 -22.33 -19.29 -16.40
N GLU A 237 -22.44 -19.93 -17.58
CA GLU A 237 -21.90 -21.27 -17.73
C GLU A 237 -20.39 -21.27 -17.93
N THR A 238 -19.83 -20.26 -18.61
CA THR A 238 -18.41 -20.30 -18.98
C THR A 238 -17.52 -20.62 -17.78
N TYR A 239 -17.70 -19.91 -16.67
CA TYR A 239 -16.79 -20.01 -15.54
C TYR A 239 -17.42 -20.72 -14.35
N ARG A 240 -18.59 -21.34 -14.53
CA ARG A 240 -19.26 -22.02 -13.43
C ARG A 240 -18.35 -23.08 -12.80
N ASP A 241 -17.72 -23.91 -13.63
CA ASP A 241 -16.84 -24.95 -13.11
C ASP A 241 -15.58 -24.37 -12.47
N THR A 242 -15.13 -23.20 -12.94
CA THR A 242 -14.01 -22.54 -12.30
C THR A 242 -14.40 -22.03 -10.91
N PHE A 243 -15.55 -21.35 -10.81
CA PHE A 243 -15.97 -20.82 -9.52
C PHE A 243 -16.26 -21.96 -8.54
N ALA A 244 -16.69 -23.11 -9.06
CA ALA A 244 -16.99 -24.27 -8.22
C ALA A 244 -15.78 -24.77 -7.47
N LYS A 245 -14.57 -24.34 -7.88
CA LYS A 245 -13.37 -24.76 -7.19
C LYS A 245 -13.07 -23.88 -5.98
N LEU A 246 -13.71 -22.71 -5.91
CA LEU A 246 -13.44 -21.76 -4.84
C LEU A 246 -14.41 -21.87 -3.66
N TYR A 247 -15.50 -22.63 -3.80
CA TYR A 247 -16.41 -22.83 -2.69
C TYR A 247 -16.91 -24.26 -2.71
N THR A 248 -17.30 -24.76 -1.53
CA THR A 248 -18.02 -26.02 -1.37
C THR A 248 -19.22 -25.79 -0.45
N LEU A 249 -20.41 -26.18 -0.92
CA LEU A 249 -21.56 -26.23 -0.05
C LEU A 249 -21.49 -27.49 0.81
N GLN A 250 -21.85 -27.38 2.08
CA GLN A 250 -21.88 -28.51 2.99
C GLN A 250 -23.26 -28.62 3.65
N ASP A 251 -23.51 -29.75 4.31
CA ASP A 251 -24.81 -30.04 4.89
C ASP A 251 -25.15 -29.03 5.99
N ASN A 252 -26.45 -28.92 6.28
CA ASN A 252 -26.95 -28.11 7.38
C ASN A 252 -26.53 -26.63 7.24
N GLY A 253 -26.66 -26.10 6.03
CA GLY A 253 -26.44 -24.67 5.84
C GLY A 253 -25.00 -24.21 5.93
N GLU A 254 -24.04 -25.12 5.97
CA GLU A 254 -22.64 -24.74 6.06
C GLU A 254 -22.01 -24.61 4.66
N TYR A 255 -20.86 -23.96 4.62
CA TYR A 255 -20.11 -23.83 3.37
C TYR A 255 -18.67 -23.46 3.71
N GLU A 256 -17.80 -23.62 2.72
CA GLU A 256 -16.40 -23.27 2.87
C GLU A 256 -15.96 -22.55 1.60
N LEU A 257 -15.02 -21.61 1.76
CA LEU A 257 -14.31 -21.02 0.63
C LEU A 257 -12.87 -21.51 0.65
N HIS A 258 -12.31 -21.74 -0.53
CA HIS A 258 -10.97 -22.29 -0.63
C HIS A 258 -9.99 -21.18 -0.98
N GLY A 259 -9.16 -20.81 -0.01
CA GLY A 259 -8.18 -19.76 -0.18
C GLY A 259 -6.89 -20.29 -0.76
N ASN A 260 -5.92 -19.38 -0.88
CA ASN A 260 -4.59 -19.71 -1.41
C ASN A 260 -3.56 -18.88 -0.66
N ILE A 261 -2.30 -19.31 -0.77
CA ILE A 261 -1.22 -18.68 -0.02
C ILE A 261 -0.38 -17.73 -0.85
N MET A 262 -0.68 -17.57 -2.15
CA MET A 262 0.16 -16.71 -2.97
C MET A 262 -0.12 -15.22 -2.74
N VAL A 263 -1.39 -14.84 -2.77
CA VAL A 263 -1.78 -13.43 -2.83
C VAL A 263 -3.02 -13.21 -1.98
N PRO A 264 -3.24 -11.97 -1.50
CA PRO A 264 -4.44 -11.65 -0.72
C PRO A 264 -5.64 -11.36 -1.61
N ASN A 265 -6.02 -12.34 -2.41
CA ASN A 265 -7.19 -12.26 -3.28
C ASN A 265 -7.58 -13.69 -3.56
N LEU A 266 -8.82 -14.03 -3.22
CA LEU A 266 -9.30 -15.41 -3.26
C LEU A 266 -9.43 -15.93 -4.68
N VAL A 267 -9.61 -15.04 -5.65
CA VAL A 267 -10.13 -15.38 -6.96
C VAL A 267 -9.03 -15.34 -8.03
N SER A 268 -8.11 -14.38 -7.94
CA SER A 268 -7.25 -14.10 -9.08
C SER A 268 -6.31 -15.24 -9.48
N PRO A 269 -5.72 -16.02 -8.56
CA PRO A 269 -4.76 -17.05 -9.03
C PRO A 269 -5.40 -18.14 -9.87
N LEU A 270 -6.58 -18.63 -9.47
CA LEU A 270 -7.23 -19.66 -10.26
C LEU A 270 -7.58 -19.15 -11.65
N PHE A 271 -8.14 -17.95 -11.74
CA PHE A 271 -8.54 -17.42 -13.04
C PHE A 271 -7.32 -17.05 -13.87
N TYR A 272 -6.23 -16.64 -13.24
CA TYR A 272 -4.99 -16.47 -14.00
C TYR A 272 -4.56 -17.79 -14.63
N ALA A 273 -4.53 -18.86 -13.83
CA ALA A 273 -4.11 -20.16 -14.35
C ALA A 273 -4.95 -20.63 -15.53
N GLU A 274 -6.18 -20.14 -15.66
CA GLU A 274 -7.01 -20.51 -16.80
C GLU A 274 -6.95 -19.48 -17.93
N GLY A 275 -6.08 -18.48 -17.82
CA GLY A 275 -5.88 -17.57 -18.93
C GLY A 275 -6.78 -16.36 -18.93
N PHE A 276 -7.41 -16.06 -17.80
CA PHE A 276 -8.22 -14.85 -17.68
C PHE A 276 -7.32 -13.63 -17.65
N ARG A 277 -7.72 -12.57 -18.34
CA ARG A 277 -6.92 -11.35 -18.41
C ARG A 277 -7.66 -10.16 -17.81
N PRO A 278 -7.31 -9.75 -16.60
CA PRO A 278 -8.04 -8.67 -15.92
C PRO A 278 -8.12 -7.39 -16.73
N ARG A 279 -9.35 -6.88 -16.89
CA ARG A 279 -9.62 -5.67 -17.65
C ARG A 279 -8.78 -4.50 -17.16
N ARG A 280 -8.28 -3.72 -18.11
CA ARG A 280 -7.50 -2.53 -17.80
C ARG A 280 -8.41 -1.30 -17.76
N LYS A 281 -8.07 -0.36 -16.88
CA LYS A 281 -8.88 0.84 -16.70
C LYS A 281 -9.08 1.55 -18.02
N GLY A 282 -10.32 1.66 -18.46
CA GLY A 282 -10.62 2.33 -19.70
C GLY A 282 -10.62 1.46 -20.93
N GLU A 283 -10.48 0.15 -20.77
CA GLU A 283 -10.68 -0.80 -21.85
C GLU A 283 -12.13 -1.26 -21.84
N PRO A 284 -12.64 -1.75 -22.98
CA PRO A 284 -14.00 -2.32 -22.99
C PRO A 284 -14.10 -3.58 -22.14
N PHE A 285 -15.35 -4.00 -21.93
CA PHE A 285 -15.68 -5.23 -21.21
C PHE A 285 -15.86 -6.34 -22.23
N THR A 286 -14.92 -7.28 -22.28
CA THR A 286 -15.05 -8.37 -23.24
C THR A 286 -16.15 -9.33 -22.80
N GLN A 287 -16.45 -10.28 -23.69
CA GLN A 287 -17.41 -11.32 -23.36
C GLN A 287 -16.93 -12.18 -22.21
N ALA A 288 -15.61 -12.37 -22.09
CA ALA A 288 -15.11 -13.12 -20.95
C ALA A 288 -15.30 -12.35 -19.65
N HIS A 289 -15.08 -11.02 -19.69
CA HIS A 289 -15.40 -10.20 -18.53
C HIS A 289 -16.86 -10.34 -18.14
N ARG A 290 -17.76 -10.26 -19.12
CA ARG A 290 -19.19 -10.37 -18.84
C ARG A 290 -19.53 -11.73 -18.25
N ASP A 291 -19.00 -12.79 -18.85
CA ASP A 291 -19.26 -14.13 -18.34
C ASP A 291 -18.72 -14.30 -16.93
N PHE A 292 -17.57 -13.68 -16.67
CA PHE A 292 -16.99 -13.71 -15.33
C PHE A 292 -17.95 -13.10 -14.30
N ALA A 293 -18.48 -11.91 -14.60
CA ALA A 293 -19.42 -11.29 -13.67
C ALA A 293 -20.66 -12.16 -13.47
N ALA A 294 -21.17 -12.79 -14.53
CA ALA A 294 -22.39 -13.59 -14.42
C ALA A 294 -22.16 -14.82 -13.56
N ALA A 295 -20.99 -15.44 -13.68
CA ALA A 295 -20.70 -16.59 -12.85
C ALA A 295 -20.47 -16.19 -11.40
N LEU A 296 -19.82 -15.03 -11.17
CA LEU A 296 -19.66 -14.52 -9.82
C LEU A 296 -21.01 -14.33 -9.13
N GLN A 297 -21.91 -13.60 -9.78
CA GLN A 297 -23.21 -13.28 -9.22
C GLN A 297 -24.00 -14.56 -8.90
N GLU A 298 -23.98 -15.52 -9.83
CA GLU A 298 -24.62 -16.80 -9.57
C GLU A 298 -24.00 -17.49 -8.35
N THR A 299 -22.66 -17.42 -8.21
CA THR A 299 -21.99 -18.10 -7.10
C THR A 299 -22.48 -17.56 -5.75
N VAL A 300 -22.46 -16.23 -5.59
CA VAL A 300 -22.89 -15.65 -4.31
C VAL A 300 -24.37 -15.95 -4.07
N GLU A 301 -25.20 -15.90 -5.12
CA GLU A 301 -26.61 -16.25 -4.96
C GLU A 301 -26.76 -17.69 -4.47
N LYS A 302 -25.98 -18.61 -5.03
CA LYS A 302 -26.07 -20.01 -4.62
C LYS A 302 -25.74 -20.17 -3.14
N ILE A 303 -24.72 -19.46 -2.65
CA ILE A 303 -24.28 -19.66 -1.28
C ILE A 303 -25.26 -19.02 -0.30
N VAL A 304 -25.71 -17.79 -0.59
CA VAL A 304 -26.65 -17.12 0.28
C VAL A 304 -27.95 -17.91 0.37
N LEU A 305 -28.48 -18.35 -0.77
CA LEU A 305 -29.73 -19.12 -0.75
C LEU A 305 -29.56 -20.45 -0.04
N HIS A 306 -28.35 -21.03 -0.08
CA HIS A 306 -28.02 -22.22 0.70
C HIS A 306 -28.09 -21.92 2.20
N ILE A 307 -27.46 -20.82 2.63
CA ILE A 307 -27.56 -20.39 4.02
C ILE A 307 -29.01 -20.17 4.41
N LEU A 308 -29.77 -19.48 3.58
CA LEU A 308 -31.11 -19.06 4.00
C LEU A 308 -32.11 -20.22 3.95
N GLU A 309 -31.91 -21.19 3.04
CA GLU A 309 -32.79 -22.33 3.01
C GLU A 309 -32.68 -23.11 4.32
N TYR A 310 -31.45 -23.30 4.81
CA TYR A 310 -31.28 -24.00 6.07
C TYR A 310 -31.88 -23.22 7.23
N TRP A 311 -31.54 -21.92 7.36
CA TRP A 311 -31.92 -21.20 8.58
C TRP A 311 -33.38 -20.80 8.62
N ALA A 312 -34.05 -20.72 7.46
CA ALA A 312 -35.49 -20.52 7.47
C ALA A 312 -36.22 -21.72 8.08
N LYS A 313 -35.94 -22.92 7.59
CA LYS A 313 -36.64 -24.08 8.13
C LYS A 313 -36.19 -24.39 9.56
N THR A 314 -34.95 -24.09 9.89
CA THR A 314 -34.46 -24.42 11.22
C THR A 314 -34.99 -23.44 12.27
N SER A 315 -34.92 -22.14 11.99
CA SER A 315 -35.32 -21.14 12.97
C SER A 315 -36.83 -21.05 13.09
N GLY A 316 -37.55 -21.43 12.04
CA GLY A 316 -39.00 -21.37 11.98
C GLY A 316 -39.59 -20.04 11.57
N HIS A 317 -38.78 -19.04 11.19
CA HIS A 317 -39.30 -17.72 10.91
C HIS A 317 -39.80 -17.60 9.48
N SER A 318 -40.95 -16.94 9.32
CA SER A 318 -41.48 -16.63 8.00
C SER A 318 -40.99 -15.29 7.46
N ARG A 319 -40.37 -14.47 8.29
CA ARG A 319 -39.97 -13.12 7.89
C ARG A 319 -38.46 -12.98 8.02
N LEU A 320 -37.86 -12.23 7.08
CA LEU A 320 -36.41 -12.05 7.04
C LEU A 320 -36.03 -10.58 6.93
N CYS A 321 -35.10 -10.14 7.77
CA CYS A 321 -34.39 -8.88 7.59
C CYS A 321 -32.98 -9.19 7.14
N PHE A 322 -32.51 -8.49 6.11
CA PHE A 322 -31.22 -8.78 5.49
C PHE A 322 -30.43 -7.49 5.48
N GLY A 323 -29.28 -7.49 6.16
CA GLY A 323 -28.44 -6.30 6.25
C GLY A 323 -26.98 -6.65 6.04
N GLY A 324 -26.08 -5.71 6.34
CA GLY A 324 -24.70 -5.85 5.91
C GLY A 324 -24.54 -5.38 4.48
N GLY A 325 -23.30 -5.01 4.12
CA GLY A 325 -23.06 -4.45 2.80
C GLY A 325 -23.51 -5.33 1.64
N VAL A 326 -23.45 -6.67 1.81
CA VAL A 326 -23.91 -7.57 0.77
C VAL A 326 -25.40 -7.39 0.49
N ALA A 327 -26.17 -6.84 1.44
CA ALA A 327 -27.59 -6.62 1.17
C ALA A 327 -27.86 -5.48 0.19
N HIS A 328 -26.83 -4.76 -0.29
CA HIS A 328 -27.04 -3.87 -1.43
C HIS A 328 -26.91 -4.61 -2.77
N ASN A 329 -26.81 -5.93 -2.75
CA ASN A 329 -26.84 -6.70 -4.00
C ASN A 329 -28.31 -6.93 -4.35
N SER A 330 -28.86 -5.99 -5.12
CA SER A 330 -30.30 -5.99 -5.39
C SER A 330 -30.71 -7.24 -6.15
N SER A 331 -29.83 -7.79 -6.99
CA SER A 331 -30.17 -9.01 -7.71
C SER A 331 -30.33 -10.17 -6.75
N LEU A 332 -29.37 -10.31 -5.83
CA LEU A 332 -29.49 -11.34 -4.80
C LEU A 332 -30.80 -11.19 -4.03
N ASN A 333 -31.13 -9.96 -3.61
CA ASN A 333 -32.36 -9.76 -2.87
C ASN A 333 -33.58 -10.21 -3.67
N GLY A 334 -33.61 -9.90 -4.96
CA GLY A 334 -34.74 -10.30 -5.79
C GLY A 334 -34.89 -11.81 -5.89
N LEU A 335 -33.78 -12.54 -5.91
CA LEU A 335 -33.86 -14.00 -5.86
C LEU A 335 -34.29 -14.50 -4.49
N ILE A 336 -33.85 -13.84 -3.41
CA ILE A 336 -34.39 -14.19 -2.11
C ILE A 336 -35.90 -13.97 -2.11
N LEU A 337 -36.34 -12.90 -2.74
CA LEU A 337 -37.76 -12.62 -2.82
C LEU A 337 -38.51 -13.74 -3.54
N LYS A 338 -38.02 -14.17 -4.71
CA LYS A 338 -38.68 -15.20 -5.51
C LYS A 338 -38.47 -16.61 -4.99
N SER A 339 -37.54 -16.80 -4.05
CA SER A 339 -37.20 -18.15 -3.61
C SER A 339 -38.36 -18.83 -2.91
N GLY A 340 -39.36 -18.07 -2.43
CA GLY A 340 -40.40 -18.67 -1.62
C GLY A 340 -39.97 -19.09 -0.23
N LEU A 341 -38.72 -18.84 0.17
CA LEU A 341 -38.28 -19.24 1.50
C LEU A 341 -38.91 -18.41 2.63
N PHE A 342 -39.43 -17.24 2.33
CA PHE A 342 -39.96 -16.35 3.35
C PHE A 342 -41.26 -15.77 2.84
N ASP A 343 -42.11 -15.35 3.76
CA ASP A 343 -43.31 -14.62 3.40
C ASP A 343 -43.06 -13.12 3.27
N GLU A 344 -42.07 -12.61 3.99
CA GLU A 344 -41.79 -11.17 4.03
C GLU A 344 -40.29 -10.96 4.10
N VAL A 345 -39.80 -9.90 3.44
CA VAL A 345 -38.37 -9.59 3.45
C VAL A 345 -38.22 -8.06 3.56
N PHE A 346 -37.37 -7.62 4.49
CA PHE A 346 -37.13 -6.20 4.66
C PHE A 346 -35.63 -5.92 4.48
N VAL A 347 -35.31 -4.86 3.74
CA VAL A 347 -33.94 -4.39 3.55
C VAL A 347 -33.90 -2.88 3.80
N HIS A 348 -32.99 -2.44 4.66
CA HIS A 348 -32.81 -1.04 5.03
C HIS A 348 -32.14 -0.27 3.89
N PRO A 349 -32.50 1.01 3.68
CA PRO A 349 -31.84 1.82 2.64
C PRO A 349 -30.33 1.93 2.78
N ALA A 350 -29.80 1.87 3.98
CA ALA A 350 -28.36 2.03 4.18
C ALA A 350 -27.92 0.78 4.93
N SER A 351 -27.65 -0.29 4.18
CA SER A 351 -27.28 -1.57 4.76
C SER A 351 -25.77 -1.75 4.89
N HIS A 352 -24.99 -0.86 4.29
CA HIS A 352 -23.55 -0.86 4.49
C HIS A 352 -23.24 -0.16 5.81
N ASP A 353 -21.99 0.27 6.00
CA ASP A 353 -21.54 0.60 7.35
C ASP A 353 -22.17 1.86 7.90
N ALA A 354 -22.73 2.73 7.07
CA ALA A 354 -23.49 3.85 7.62
C ALA A 354 -24.68 3.35 8.43
N GLY A 355 -25.30 2.28 7.96
CA GLY A 355 -26.39 1.66 8.72
C GLY A 355 -25.90 0.97 9.97
N ALA A 356 -24.65 0.47 9.95
CA ALA A 356 -24.06 -0.04 11.18
C ALA A 356 -23.84 1.08 12.18
N GLY A 357 -23.50 2.27 11.70
CA GLY A 357 -23.44 3.43 12.60
C GLY A 357 -24.77 3.72 13.27
N GLU A 358 -25.86 3.72 12.50
CA GLU A 358 -27.18 3.93 13.10
C GLU A 358 -27.49 2.85 14.13
N GLY A 359 -27.26 1.57 13.78
CA GLY A 359 -27.50 0.50 14.73
C GLY A 359 -26.67 0.62 16.00
N ALA A 360 -25.47 1.20 15.90
CA ALA A 360 -24.66 1.45 17.07
C ALA A 360 -25.36 2.37 18.07
N ALA A 361 -26.17 3.31 17.58
CA ALA A 361 -26.95 4.17 18.48
C ALA A 361 -27.97 3.34 19.26
N TYR A 362 -28.75 2.50 18.58
CA TYR A 362 -29.72 1.64 19.28
C TYR A 362 -29.03 0.73 20.30
N ALA A 363 -27.90 0.13 19.94
CA ALA A 363 -27.16 -0.68 20.90
C ALA A 363 -26.68 0.15 22.09
N ALA A 364 -26.22 1.36 21.83
CA ALA A 364 -25.80 2.22 22.94
C ALA A 364 -26.98 2.52 23.85
N ALA A 365 -28.14 2.82 23.26
CA ALA A 365 -29.33 3.06 24.05
C ALA A 365 -29.69 1.83 24.87
N ALA A 366 -29.59 0.62 24.29
CA ALA A 366 -29.96 -0.58 25.02
C ALA A 366 -29.03 -0.87 26.20
N SER A 367 -27.76 -0.46 26.13
CA SER A 367 -26.83 -0.74 27.22
C SER A 367 -26.98 0.23 28.38
N LEU A 368 -27.76 1.30 28.20
CA LEU A 368 -27.93 2.36 29.18
C LEU A 368 -29.42 2.60 29.37
N GLY A 369 -30.14 1.54 29.76
CA GLY A 369 -31.57 1.58 29.93
C GLY A 369 -32.28 0.61 29.00
N THR A 370 -33.61 0.63 29.09
CA THR A 370 -34.46 -0.10 28.15
C THR A 370 -34.36 0.57 26.76
N LEU A 371 -34.79 -0.16 25.73
CA LEU A 371 -34.56 0.24 24.35
C LEU A 371 -35.86 0.72 23.72
N GLU A 372 -35.91 1.99 23.36
CA GLU A 372 -37.00 2.50 22.55
C GLU A 372 -36.72 2.23 21.08
N ARG A 373 -37.76 1.89 20.33
CA ARG A 373 -37.66 1.43 18.95
C ARG A 373 -38.60 2.20 18.05
N PRO A 374 -38.42 2.10 16.73
CA PRO A 374 -39.37 2.75 15.81
C PRO A 374 -40.78 2.17 15.91
N GLY A 375 -41.78 3.05 15.84
CA GLY A 375 -43.15 2.59 15.85
C GLY A 375 -43.62 1.94 14.56
N LYS A 376 -42.96 2.22 13.45
CA LYS A 376 -43.47 1.77 12.16
C LYS A 376 -42.32 1.35 11.25
N ARG A 377 -42.65 0.55 10.24
CA ARG A 377 -41.75 0.27 9.15
C ARG A 377 -41.25 1.56 8.49
N LEU A 378 -39.94 1.64 8.26
CA LEU A 378 -39.39 2.84 7.61
C LEU A 378 -39.81 2.89 6.14
N LEU A 379 -40.42 4.01 5.72
CA LEU A 379 -40.82 4.19 4.33
C LEU A 379 -40.02 5.25 3.57
N SER A 380 -39.35 6.16 4.24
CA SER A 380 -38.64 7.24 3.57
C SER A 380 -37.21 7.31 4.08
N ALA A 381 -36.26 7.48 3.16
CA ALA A 381 -34.87 7.69 3.51
C ALA A 381 -34.49 9.17 3.49
N SER A 382 -35.48 10.06 3.42
CA SER A 382 -35.26 11.49 3.30
C SER A 382 -34.90 12.03 4.68
N LEU A 383 -33.62 11.90 5.03
CA LEU A 383 -33.16 12.10 6.40
C LEU A 383 -31.98 13.05 6.54
N GLY A 384 -31.34 13.48 5.45
CA GLY A 384 -30.19 14.35 5.53
C GLY A 384 -30.59 15.81 5.63
N PRO A 385 -29.62 16.73 5.51
CA PRO A 385 -29.97 18.15 5.49
C PRO A 385 -30.87 18.47 4.30
N ALA A 386 -31.71 19.50 4.49
CA ALA A 386 -32.57 19.98 3.43
C ALA A 386 -31.78 21.01 2.62
N LEU A 387 -32.45 21.61 1.64
CA LEU A 387 -31.82 22.56 0.75
C LEU A 387 -31.84 23.99 1.31
N GLY A 388 -32.82 24.30 2.14
CA GLY A 388 -32.97 25.62 2.72
C GLY A 388 -34.39 26.12 2.59
N GLY A 389 -34.66 27.22 3.29
CA GLY A 389 -35.95 27.87 3.17
C GLY A 389 -36.15 28.47 1.79
N ARG A 390 -37.41 28.80 1.50
CA ARG A 390 -37.76 29.35 0.19
C ARG A 390 -37.02 30.66 -0.09
N GLU A 391 -36.90 31.53 0.92
CA GLU A 391 -36.32 32.83 0.63
C GLU A 391 -34.82 32.77 0.50
N GLN A 392 -34.15 31.90 1.28
CA GLN A 392 -32.70 31.76 1.10
C GLN A 392 -32.36 31.00 -0.18
N ILE A 393 -33.24 30.11 -0.64
CA ILE A 393 -33.02 29.47 -1.92
C ILE A 393 -33.19 30.48 -3.07
N ARG A 394 -34.20 31.33 -2.99
CA ARG A 394 -34.40 32.35 -4.02
C ARG A 394 -33.22 33.31 -4.06
N ALA A 395 -32.76 33.76 -2.88
CA ALA A 395 -31.65 34.69 -2.80
C ALA A 395 -30.37 34.06 -3.32
N ARG A 396 -30.16 32.77 -3.06
CA ARG A 396 -28.92 32.14 -3.51
C ARG A 396 -28.94 31.88 -5.00
N LEU A 397 -30.11 31.53 -5.54
CA LEU A 397 -30.23 31.40 -7.00
C LEU A 397 -30.01 32.74 -7.70
N ALA A 398 -30.33 33.85 -7.03
CA ALA A 398 -29.98 35.16 -7.59
C ALA A 398 -28.48 35.33 -7.73
N ASP A 399 -27.70 34.91 -6.71
CA ASP A 399 -26.25 35.00 -6.79
C ASP A 399 -25.71 34.27 -8.02
N TRP A 400 -26.39 33.21 -8.46
CA TRP A 400 -25.99 32.43 -9.63
C TRP A 400 -26.51 33.01 -10.95
N ALA A 401 -27.23 34.13 -10.93
CA ALA A 401 -27.84 34.68 -12.13
C ALA A 401 -26.90 34.83 -13.34
N PRO A 402 -25.60 35.14 -13.18
CA PRO A 402 -24.76 35.23 -14.38
C PRO A 402 -24.61 33.92 -15.13
N LEU A 403 -25.11 32.81 -14.57
CA LEU A 403 -24.97 31.52 -15.21
C LEU A 403 -26.30 30.81 -15.45
N ILE A 404 -27.40 31.26 -14.82
CA ILE A 404 -28.67 30.56 -14.93
C ILE A 404 -29.83 31.53 -15.14
N ASP A 405 -30.89 30.99 -15.75
CA ASP A 405 -32.21 31.60 -15.80
C ASP A 405 -33.18 30.79 -14.96
N VAL A 406 -34.03 31.48 -14.19
CA VAL A 406 -34.92 30.86 -13.22
C VAL A 406 -36.35 31.30 -13.52
N GLU A 407 -37.26 30.34 -13.58
CA GLU A 407 -38.70 30.57 -13.65
C GLU A 407 -39.34 30.05 -12.38
N PHE A 408 -40.51 30.60 -12.03
CA PHE A 408 -41.24 30.21 -10.81
C PHE A 408 -42.65 29.79 -11.18
N PRO A 409 -42.83 28.58 -11.69
CA PRO A 409 -44.16 28.16 -12.14
C PRO A 409 -45.14 28.05 -11.00
N ASP A 410 -46.42 28.23 -11.34
CA ASP A 410 -47.49 28.07 -10.36
C ASP A 410 -47.47 26.67 -9.74
N ASP A 411 -47.30 25.64 -10.57
CA ASP A 411 -47.28 24.24 -10.14
C ASP A 411 -46.04 23.59 -10.72
N ALA A 412 -44.97 23.53 -9.93
CA ALA A 412 -43.71 23.03 -10.48
C ALA A 412 -43.83 21.55 -10.83
N VAL A 413 -44.55 20.78 -10.03
CA VAL A 413 -44.71 19.36 -10.33
C VAL A 413 -45.44 19.19 -11.65
N GLU A 414 -46.55 19.93 -11.83
CA GLU A 414 -47.26 19.93 -13.11
C GLU A 414 -46.34 20.27 -14.27
N THR A 415 -45.56 21.36 -14.14
CA THR A 415 -44.66 21.74 -15.25
C THR A 415 -43.63 20.64 -15.52
N ALA A 416 -43.05 20.08 -14.45
CA ALA A 416 -42.03 19.04 -14.62
C ALA A 416 -42.57 17.83 -15.35
N ALA A 417 -43.78 17.37 -15.00
CA ALA A 417 -44.36 16.21 -15.69
C ALA A 417 -44.48 16.47 -17.18
N GLY A 418 -44.94 17.67 -17.56
CA GLY A 418 -45.03 18.02 -18.97
C GLY A 418 -43.68 18.05 -19.66
N LEU A 419 -42.66 18.65 -19.02
CA LEU A 419 -41.32 18.64 -19.61
C LEU A 419 -40.81 17.22 -19.80
N LEU A 420 -41.05 16.34 -18.82
CA LEU A 420 -40.64 14.95 -18.96
C LEU A 420 -41.34 14.30 -20.14
N ALA A 421 -42.64 14.58 -20.31
CA ALA A 421 -43.36 14.04 -21.46
C ALA A 421 -42.83 14.60 -22.77
N GLU A 422 -42.27 15.81 -22.77
CA GLU A 422 -41.67 16.34 -23.99
C GLU A 422 -40.26 15.83 -24.23
N GLY A 423 -39.75 14.93 -23.40
CA GLY A 423 -38.44 14.35 -23.62
C GLY A 423 -37.30 15.06 -22.94
N GLN A 424 -37.59 15.88 -21.94
CA GLN A 424 -36.52 16.55 -21.22
C GLN A 424 -35.95 15.64 -20.14
N VAL A 425 -34.66 15.81 -19.87
CA VAL A 425 -33.99 15.11 -18.77
C VAL A 425 -33.84 16.12 -17.63
N LEU A 426 -34.44 15.81 -16.49
CA LEU A 426 -34.57 16.76 -15.39
C LEU A 426 -33.63 16.42 -14.25
N GLY A 427 -33.03 17.44 -13.65
CA GLY A 427 -32.58 17.33 -12.28
C GLY A 427 -33.74 17.61 -11.34
N TRP A 428 -33.79 16.90 -10.22
CA TRP A 428 -34.91 16.95 -9.30
C TRP A 428 -34.37 16.96 -7.89
N ALA A 429 -34.51 18.08 -7.19
CA ALA A 429 -33.89 18.26 -5.89
C ALA A 429 -34.92 18.89 -4.98
N TYR A 430 -35.29 18.19 -3.90
CA TYR A 430 -36.31 18.64 -2.97
C TYR A 430 -36.03 18.10 -1.58
N GLY A 431 -36.20 18.96 -0.58
CA GLY A 431 -36.22 18.49 0.82
C GLY A 431 -34.92 17.83 1.25
N ARG A 432 -35.05 16.83 2.12
CA ARG A 432 -33.90 16.25 2.81
C ARG A 432 -33.29 15.12 1.98
N SER A 433 -31.96 15.07 1.95
CA SER A 433 -31.27 14.11 1.08
C SER A 433 -31.42 12.67 1.56
N GLU A 434 -31.34 11.75 0.59
CA GLU A 434 -31.49 10.32 0.86
C GLU A 434 -30.32 9.77 1.65
N PHE A 435 -30.63 8.99 2.69
CA PHE A 435 -29.65 8.21 3.44
C PHE A 435 -29.46 6.87 2.73
N GLY A 436 -28.21 6.45 2.53
CA GLY A 436 -27.91 5.27 1.75
C GLY A 436 -27.73 5.62 0.28
N PRO A 437 -27.27 4.66 -0.55
CA PRO A 437 -26.76 5.02 -1.89
C PRO A 437 -27.83 5.37 -2.93
N ARG A 438 -29.10 5.01 -2.76
CA ARG A 438 -30.09 5.19 -3.81
C ARG A 438 -30.74 6.57 -3.77
N ALA A 439 -30.89 7.17 -4.95
CA ALA A 439 -31.73 8.34 -5.10
C ALA A 439 -33.19 7.94 -5.27
N LEU A 440 -34.07 8.64 -4.56
CA LEU A 440 -35.44 8.18 -4.43
C LEU A 440 -36.46 9.32 -4.58
N GLY A 441 -36.07 10.42 -5.22
CA GLY A 441 -36.95 11.55 -5.40
C GLY A 441 -36.61 12.78 -4.59
N HIS A 442 -35.49 12.80 -3.89
CA HIS A 442 -35.03 14.02 -3.25
C HIS A 442 -33.73 14.58 -3.84
N ARG A 443 -32.86 13.72 -4.39
CA ARG A 443 -31.70 14.17 -5.19
C ARG A 443 -31.62 13.23 -6.39
N SER A 444 -32.50 13.44 -7.36
CA SER A 444 -32.66 12.50 -8.46
C SER A 444 -32.48 13.19 -9.80
N ILE A 445 -32.12 12.40 -10.79
CA ILE A 445 -32.24 12.75 -12.20
C ILE A 445 -33.29 11.83 -12.82
N VAL A 446 -34.32 12.43 -13.47
CA VAL A 446 -35.42 11.65 -14.01
C VAL A 446 -35.68 11.96 -15.49
N ALA A 447 -36.27 10.97 -16.17
CA ALA A 447 -36.54 11.05 -17.60
C ALA A 447 -37.62 10.05 -17.95
N ASP A 448 -38.23 10.25 -19.10
CA ASP A 448 -39.11 9.25 -19.70
C ASP A 448 -38.45 7.88 -19.68
N ALA A 449 -39.17 6.88 -19.15
CA ALA A 449 -38.68 5.50 -19.06
C ALA A 449 -38.88 4.70 -20.34
N ARG A 450 -39.60 5.23 -21.32
CA ARG A 450 -40.03 4.42 -22.46
C ARG A 450 -38.97 4.22 -23.55
N PRO A 451 -38.26 5.25 -24.03
CA PRO A 451 -37.37 5.03 -25.18
C PRO A 451 -36.04 4.43 -24.76
N GLU A 452 -35.67 3.31 -25.40
CA GLU A 452 -34.39 2.69 -25.12
C GLU A 452 -33.23 3.67 -25.34
N GLU A 453 -33.37 4.59 -26.30
CA GLU A 453 -32.32 5.57 -26.55
C GLU A 453 -32.07 6.49 -25.36
N ASN A 454 -33.01 6.62 -24.42
CA ASN A 454 -32.76 7.40 -23.20
C ASN A 454 -31.71 6.73 -22.31
N ARG A 455 -31.74 5.39 -22.21
CA ARG A 455 -30.69 4.71 -21.48
C ARG A 455 -29.33 4.92 -22.16
N THR A 456 -29.31 4.84 -23.49
CA THR A 456 -28.05 4.98 -24.21
C THR A 456 -27.44 6.36 -23.98
N ARG A 457 -28.26 7.42 -24.08
CA ARG A 457 -27.72 8.77 -23.98
C ARG A 457 -27.43 9.17 -22.54
N ILE A 458 -28.32 8.80 -21.61
CA ILE A 458 -28.09 9.19 -20.22
C ILE A 458 -26.86 8.50 -19.69
N ASN A 459 -26.58 7.28 -20.14
CA ASN A 459 -25.30 6.65 -19.82
C ASN A 459 -24.14 7.41 -20.45
N ALA A 460 -24.24 7.78 -21.74
CA ALA A 460 -23.08 8.31 -22.46
C ALA A 460 -22.86 9.81 -22.21
N MET A 461 -23.93 10.60 -22.23
CA MET A 461 -23.89 12.05 -22.27
C MET A 461 -24.10 12.68 -20.88
N VAL A 462 -24.96 12.11 -20.05
CA VAL A 462 -25.34 12.74 -18.79
C VAL A 462 -24.51 12.17 -17.64
N LYS A 463 -24.73 10.90 -17.27
CA LYS A 463 -23.92 10.28 -16.22
C LYS A 463 -22.50 9.97 -16.66
N LYS A 464 -22.25 9.84 -17.96
CA LYS A 464 -20.92 9.61 -18.53
C LYS A 464 -20.29 8.33 -17.96
N ARG A 465 -20.97 7.21 -18.17
CA ARG A 465 -20.49 5.94 -17.63
C ARG A 465 -20.67 4.87 -18.69
N GLU A 466 -20.33 3.63 -18.32
CA GLU A 466 -20.31 2.53 -19.27
C GLU A 466 -21.69 2.25 -19.86
N GLY A 467 -21.71 1.85 -21.14
CA GLY A 467 -22.96 1.60 -21.83
C GLY A 467 -23.69 0.35 -21.37
N PHE A 468 -23.02 -0.53 -20.63
CA PHE A 468 -23.73 -1.70 -20.16
C PHE A 468 -24.64 -1.39 -18.97
N ARG A 469 -24.47 -0.23 -18.34
CA ARG A 469 -25.10 0.05 -17.05
C ARG A 469 -26.61 0.21 -17.20
N PRO A 470 -27.42 -0.47 -16.39
CA PRO A 470 -28.88 -0.33 -16.48
C PRO A 470 -29.37 0.91 -15.74
N PHE A 471 -30.64 1.23 -15.96
CA PHE A 471 -31.32 2.31 -15.22
C PHE A 471 -32.56 1.78 -14.52
N ALA A 472 -32.79 2.31 -13.32
CA ALA A 472 -33.81 1.89 -12.36
C ALA A 472 -35.10 2.69 -12.56
N PRO A 473 -36.26 2.05 -12.59
CA PRO A 473 -37.53 2.78 -12.68
C PRO A 473 -38.13 3.11 -11.33
N VAL A 474 -38.86 4.22 -11.30
CA VAL A 474 -39.81 4.50 -10.22
C VAL A 474 -41.22 4.37 -10.80
N VAL A 475 -42.11 3.71 -10.06
CA VAL A 475 -43.51 3.50 -10.46
C VAL A 475 -44.40 3.88 -9.28
N THR A 476 -45.60 4.37 -9.58
CA THR A 476 -46.58 4.60 -8.51
C THR A 476 -47.02 3.28 -7.89
N ALA A 477 -47.34 3.33 -6.60
CA ALA A 477 -47.80 2.12 -5.92
C ALA A 477 -49.06 1.58 -6.55
N GLU A 478 -49.88 2.45 -7.14
CA GLU A 478 -51.14 2.01 -7.71
C GLU A 478 -50.95 1.28 -9.03
N ALA A 479 -49.89 1.57 -9.77
CA ALA A 479 -49.66 0.91 -11.04
C ALA A 479 -48.56 -0.14 -10.99
N ALA A 480 -47.95 -0.39 -9.83
CA ALA A 480 -46.77 -1.26 -9.80
C ALA A 480 -47.07 -2.63 -10.36
N ARG A 481 -48.21 -3.20 -10.01
CA ARG A 481 -48.46 -4.57 -10.47
C ARG A 481 -48.89 -4.62 -11.93
N ASP A 482 -49.27 -3.49 -12.53
CA ASP A 482 -49.43 -3.40 -13.98
C ASP A 482 -48.13 -3.60 -14.74
N TYR A 483 -46.96 -3.40 -14.09
CA TYR A 483 -45.70 -3.38 -14.82
C TYR A 483 -44.65 -4.36 -14.31
N PHE A 484 -44.62 -4.65 -13.03
CA PHE A 484 -43.57 -5.47 -12.46
C PHE A 484 -44.15 -6.72 -11.80
N ASP A 485 -43.36 -7.78 -11.77
CA ASP A 485 -43.74 -9.03 -11.09
C ASP A 485 -43.19 -8.96 -9.67
N LEU A 486 -44.04 -8.53 -8.73
CA LEU A 486 -43.58 -8.40 -7.34
C LEU A 486 -43.78 -9.69 -6.55
N SER A 487 -44.44 -10.69 -7.13
CA SER A 487 -44.96 -11.84 -6.38
C SER A 487 -43.85 -12.68 -5.75
N GLY A 488 -44.26 -13.74 -5.09
CA GLY A 488 -43.40 -14.37 -4.11
C GLY A 488 -43.70 -13.73 -2.76
N ALA A 489 -42.66 -13.53 -1.98
CA ALA A 489 -42.77 -12.83 -0.71
C ALA A 489 -43.18 -11.36 -0.91
N ASP A 490 -43.60 -10.74 0.19
CA ASP A 490 -43.82 -9.31 0.25
C ASP A 490 -42.51 -8.65 0.65
N GLY A 491 -41.83 -8.01 -0.30
CA GLY A 491 -40.64 -7.26 0.00
C GLY A 491 -40.96 -5.78 0.03
N ASN A 492 -40.05 -5.00 0.61
CA ASN A 492 -40.24 -3.56 0.66
C ASN A 492 -39.51 -2.93 -0.52
N HIS A 493 -40.24 -2.12 -1.28
CA HIS A 493 -39.71 -1.55 -2.53
C HIS A 493 -39.56 -0.04 -2.45
N GLU A 494 -39.59 0.55 -1.26
CA GLU A 494 -39.51 1.99 -1.17
C GLU A 494 -38.11 2.51 -1.45
N PHE A 495 -37.09 1.65 -1.36
CA PHE A 495 -35.69 2.06 -1.43
C PHE A 495 -34.94 1.36 -2.54
N MET A 496 -35.65 0.72 -3.48
CA MET A 496 -34.97 0.07 -4.60
C MET A 496 -34.09 -1.10 -4.13
N SER A 497 -34.55 -1.81 -3.09
CA SER A 497 -33.74 -2.91 -2.56
C SER A 497 -33.80 -4.16 -3.43
N PHE A 498 -34.80 -4.31 -4.29
CA PHE A 498 -35.04 -5.58 -4.98
C PHE A 498 -35.05 -5.40 -6.49
N VAL A 499 -34.33 -6.28 -7.18
CA VAL A 499 -34.52 -6.49 -8.60
C VAL A 499 -35.71 -7.44 -8.80
N VAL A 500 -36.64 -7.05 -9.66
CA VAL A 500 -37.83 -7.86 -9.96
C VAL A 500 -37.99 -7.95 -11.47
N PRO A 501 -38.75 -8.94 -11.96
CA PRO A 501 -39.00 -9.00 -13.41
C PRO A 501 -39.94 -7.89 -13.85
N VAL A 502 -39.65 -7.34 -15.00
CA VAL A 502 -40.64 -6.53 -15.71
C VAL A 502 -41.57 -7.50 -16.42
N LEU A 503 -42.85 -7.22 -16.37
CA LEU A 503 -43.80 -8.13 -16.99
C LEU A 503 -43.49 -8.25 -18.48
N PRO A 504 -43.48 -9.46 -19.04
CA PRO A 504 -43.11 -9.62 -20.45
C PRO A 504 -43.83 -8.67 -21.40
N GLU A 505 -45.12 -8.49 -21.23
CA GLU A 505 -45.88 -7.62 -22.11
C GLU A 505 -45.61 -6.14 -21.89
N ARG A 506 -44.70 -5.76 -20.98
CA ARG A 506 -44.37 -4.36 -20.76
C ARG A 506 -42.92 -4.05 -21.06
N ARG A 507 -42.12 -5.05 -21.46
CA ARG A 507 -40.69 -4.85 -21.62
C ARG A 507 -40.41 -3.92 -22.79
N THR A 508 -41.21 -4.03 -23.86
CA THR A 508 -41.10 -3.14 -25.02
C THR A 508 -41.40 -1.71 -24.62
N GLU A 509 -42.48 -1.51 -23.86
CA GLU A 509 -42.91 -0.18 -23.48
C GLU A 509 -41.87 0.50 -22.59
N LEU A 510 -41.25 -0.24 -21.67
CA LEU A 510 -40.27 0.33 -20.74
C LEU A 510 -38.86 0.14 -21.29
N GLY A 511 -38.58 0.81 -22.40
CA GLY A 511 -37.36 0.53 -23.12
C GLY A 511 -36.10 0.93 -22.36
N ALA A 512 -36.17 1.98 -21.55
CA ALA A 512 -34.99 2.55 -20.89
C ALA A 512 -34.66 1.90 -19.54
N VAL A 513 -35.59 1.19 -18.92
CA VAL A 513 -35.44 0.71 -17.56
C VAL A 513 -35.58 -0.80 -17.47
N THR A 514 -35.62 -1.51 -18.59
CA THR A 514 -35.69 -2.96 -18.60
C THR A 514 -34.31 -3.48 -18.96
N HIS A 515 -33.68 -4.18 -18.02
CA HIS A 515 -32.31 -4.63 -18.22
C HIS A 515 -32.30 -5.77 -19.24
N VAL A 516 -31.10 -6.18 -19.65
CA VAL A 516 -30.98 -7.16 -20.74
C VAL A 516 -31.71 -8.45 -20.41
N ASP A 517 -31.81 -8.80 -19.12
CA ASP A 517 -32.50 -10.02 -18.71
C ASP A 517 -33.95 -9.78 -18.33
N GLY A 518 -34.53 -8.64 -18.67
CA GLY A 518 -35.93 -8.40 -18.38
C GLY A 518 -36.27 -7.95 -16.97
N THR A 519 -35.29 -7.47 -16.20
CA THR A 519 -35.49 -7.12 -14.80
C THR A 519 -35.33 -5.62 -14.59
N ALA A 520 -35.71 -5.17 -13.40
CA ALA A 520 -35.60 -3.76 -13.05
C ALA A 520 -35.47 -3.63 -11.55
N ARG A 521 -34.55 -2.78 -11.10
CA ARG A 521 -34.40 -2.45 -9.69
C ARG A 521 -35.42 -1.38 -9.34
N VAL A 522 -36.61 -1.81 -8.93
CA VAL A 522 -37.77 -0.91 -8.91
C VAL A 522 -37.84 -0.12 -7.61
N GLN A 523 -38.27 1.13 -7.72
CA GLN A 523 -38.77 1.92 -6.60
C GLN A 523 -40.26 2.03 -6.75
N VAL A 524 -41.01 1.48 -5.79
CA VAL A 524 -42.46 1.71 -5.75
C VAL A 524 -42.68 2.90 -4.83
N VAL A 525 -43.15 4.01 -5.38
CA VAL A 525 -43.36 5.21 -4.59
C VAL A 525 -44.85 5.38 -4.32
N SER A 526 -45.16 5.92 -3.15
CA SER A 526 -46.54 6.06 -2.70
C SER A 526 -46.69 7.42 -2.02
N ALA A 527 -47.94 7.83 -1.81
CA ALA A 527 -48.16 9.11 -1.13
C ALA A 527 -47.50 9.14 0.23
N GLU A 528 -47.44 7.99 0.90
CA GLU A 528 -46.82 7.89 2.22
C GLU A 528 -45.28 7.87 2.16
N SER A 529 -44.67 7.26 1.12
CA SER A 529 -43.22 7.18 1.09
C SER A 529 -42.57 8.45 0.55
N GLY A 530 -43.15 9.05 -0.48
CA GLY A 530 -42.68 10.30 -1.04
C GLY A 530 -43.82 10.99 -1.77
N GLU A 531 -44.53 11.86 -1.05
CA GLU A 531 -45.77 12.43 -1.56
C GLU A 531 -45.55 13.20 -2.86
N ARG A 532 -44.51 14.04 -2.90
CA ARG A 532 -44.30 14.89 -4.07
C ARG A 532 -43.83 14.07 -5.26
N PHE A 533 -42.91 13.15 -5.04
CA PHE A 533 -42.39 12.33 -6.14
C PHE A 533 -43.49 11.44 -6.70
N HIS A 534 -44.33 10.91 -5.82
CA HIS A 534 -45.47 10.13 -6.27
C HIS A 534 -46.40 10.96 -7.15
N ARG A 535 -46.69 12.19 -6.74
CA ARG A 535 -47.52 13.08 -7.57
C ARG A 535 -46.89 13.31 -8.94
N LEU A 536 -45.57 13.56 -8.98
CA LEU A 536 -44.89 13.70 -10.26
C LEU A 536 -45.08 12.47 -11.15
N VAL A 537 -44.80 11.28 -10.61
CA VAL A 537 -44.93 10.06 -11.42
C VAL A 537 -46.37 9.84 -11.84
N ARG A 538 -47.32 10.10 -10.93
CA ARG A 538 -48.71 9.85 -11.27
C ARG A 538 -49.14 10.77 -12.40
N ARG A 539 -48.81 12.06 -12.28
CA ARG A 539 -49.18 13.04 -13.30
C ARG A 539 -48.53 12.70 -14.63
N PHE A 540 -47.26 12.32 -14.62
CA PHE A 540 -46.63 11.86 -15.85
C PHE A 540 -47.42 10.71 -16.46
N GLY A 541 -47.81 9.75 -15.62
CA GLY A 541 -48.65 8.65 -16.09
C GLY A 541 -49.96 9.12 -16.71
N GLU A 542 -50.61 10.12 -16.09
CA GLU A 542 -51.84 10.66 -16.67
C GLU A 542 -51.58 11.26 -18.05
N LEU A 543 -50.46 11.98 -18.22
CA LEU A 543 -50.20 12.64 -19.49
C LEU A 543 -49.87 11.62 -20.58
N THR A 544 -49.11 10.58 -20.25
CA THR A 544 -48.56 9.68 -21.26
C THR A 544 -49.24 8.33 -21.34
N GLY A 545 -49.85 7.85 -20.26
CA GLY A 545 -50.32 6.48 -20.20
C GLY A 545 -49.37 5.52 -19.51
N THR A 546 -48.14 5.96 -19.22
CA THR A 546 -47.11 5.15 -18.54
C THR A 546 -46.71 5.82 -17.22
N PRO A 547 -47.19 5.36 -16.06
CA PRO A 547 -46.76 5.98 -14.78
C PRO A 547 -45.45 5.40 -14.25
N VAL A 548 -44.40 5.48 -15.06
CA VAL A 548 -43.06 4.96 -14.77
C VAL A 548 -42.05 6.01 -15.23
N LEU A 549 -41.09 6.37 -14.37
CA LEU A 549 -39.98 7.23 -14.80
C LEU A 549 -38.64 6.54 -14.56
N LEU A 550 -37.67 6.87 -15.41
CA LEU A 550 -36.28 6.56 -15.10
C LEU A 550 -35.81 7.46 -13.95
N ASN A 551 -35.06 6.88 -13.01
CA ASN A 551 -34.67 7.60 -11.80
C ASN A 551 -33.25 7.16 -11.45
N THR A 552 -32.28 8.04 -11.72
CA THR A 552 -30.88 7.81 -11.40
C THR A 552 -30.41 8.89 -10.44
N SER A 553 -29.30 8.61 -9.75
CA SER A 553 -28.88 9.51 -8.68
C SER A 553 -28.32 10.80 -9.29
N PHE A 554 -28.52 11.90 -8.57
CA PHE A 554 -28.15 13.25 -9.04
C PHE A 554 -26.69 13.46 -8.66
N ASN A 555 -25.79 13.01 -9.53
CA ASN A 555 -24.35 13.25 -9.41
C ASN A 555 -23.69 12.93 -10.74
N ASN A 556 -22.58 13.62 -11.02
CA ASN A 556 -21.79 13.20 -12.16
C ASN A 556 -20.81 12.12 -11.72
N ASN A 557 -19.99 11.65 -12.65
CA ASN A 557 -19.04 10.57 -12.37
C ASN A 557 -17.93 10.96 -11.37
N ALA A 558 -17.89 12.21 -10.90
CA ALA A 558 -16.79 12.67 -10.06
C ALA A 558 -17.21 13.05 -8.63
N GLU A 559 -18.41 12.65 -8.19
CA GLU A 559 -18.93 13.12 -6.91
C GLU A 559 -19.97 12.12 -6.40
N PRO A 560 -20.23 12.12 -5.09
CA PRO A 560 -21.40 11.43 -4.54
C PRO A 560 -22.64 12.30 -4.77
N ILE A 561 -23.79 11.75 -4.38
CA ILE A 561 -25.07 12.44 -4.52
C ILE A 561 -24.95 13.87 -4.00
N VAL A 562 -25.47 14.83 -4.77
CA VAL A 562 -25.37 16.22 -4.40
C VAL A 562 -26.16 16.48 -3.13
N GLN A 563 -25.68 17.42 -2.32
CA GLN A 563 -26.31 17.70 -1.03
C GLN A 563 -26.93 19.09 -1.00
N SER A 564 -26.12 20.15 -1.05
CA SER A 564 -26.60 21.50 -0.86
C SER A 564 -27.13 22.11 -2.16
N LEU A 565 -27.70 23.31 -2.03
CA LEU A 565 -28.17 24.02 -3.21
C LEU A 565 -27.03 24.31 -4.17
N ASP A 566 -25.87 24.77 -3.64
CA ASP A 566 -24.72 24.99 -4.50
C ASP A 566 -24.23 23.70 -5.14
N ASP A 567 -24.33 22.56 -4.42
CA ASP A 567 -23.98 21.27 -5.05
C ASP A 567 -24.91 20.98 -6.23
N VAL A 568 -26.21 21.21 -6.05
CA VAL A 568 -27.20 20.89 -7.08
C VAL A 568 -26.98 21.75 -8.32
N VAL A 569 -26.81 23.06 -8.12
CA VAL A 569 -26.59 23.96 -9.26
C VAL A 569 -25.27 23.65 -9.95
N THR A 570 -24.20 23.48 -9.18
CA THR A 570 -22.92 23.07 -9.76
C THR A 570 -23.09 21.83 -10.61
N SER A 571 -23.79 20.83 -10.07
CA SER A 571 -23.91 19.59 -10.81
C SER A 571 -24.78 19.77 -12.04
N PHE A 572 -25.89 20.52 -11.91
CA PHE A 572 -26.71 20.81 -13.09
C PHE A 572 -25.87 21.45 -14.21
N LEU A 573 -25.03 22.43 -13.87
CA LEU A 573 -24.26 23.16 -14.87
C LEU A 573 -23.12 22.34 -15.46
N THR A 574 -22.66 21.29 -14.78
CA THR A 574 -21.50 20.52 -15.25
C THR A 574 -21.88 19.13 -15.69
N THR A 575 -23.17 18.84 -15.70
CA THR A 575 -23.76 17.67 -16.31
C THR A 575 -24.63 18.17 -17.46
N ASP A 576 -24.92 17.30 -18.40
CA ASP A 576 -25.67 17.76 -19.56
C ASP A 576 -27.17 17.52 -19.34
N LEU A 577 -27.69 18.15 -18.30
CA LEU A 577 -29.11 18.09 -17.96
C LEU A 577 -29.86 19.20 -18.69
N ASP A 578 -31.12 18.91 -19.06
CA ASP A 578 -31.93 19.87 -19.80
C ASP A 578 -32.47 20.95 -18.89
N VAL A 579 -32.94 20.58 -17.70
CA VAL A 579 -33.55 21.55 -16.81
C VAL A 579 -33.48 21.01 -15.38
N LEU A 580 -33.39 21.93 -14.42
CA LEU A 580 -33.30 21.59 -13.01
C LEU A 580 -34.54 22.09 -12.31
N VAL A 581 -35.25 21.20 -11.60
CA VAL A 581 -36.32 21.59 -10.70
C VAL A 581 -35.79 21.44 -9.28
N VAL A 582 -35.70 22.56 -8.55
CA VAL A 582 -35.17 22.56 -7.19
C VAL A 582 -36.09 23.42 -6.35
N GLU A 583 -36.82 22.79 -5.41
CA GLU A 583 -37.73 23.47 -4.50
C GLU A 583 -38.65 24.42 -5.26
N ASP A 584 -39.28 23.89 -6.31
CA ASP A 584 -40.29 24.55 -7.13
C ASP A 584 -39.74 25.65 -8.04
N CYS A 585 -38.42 25.83 -8.13
CA CYS A 585 -37.82 26.77 -9.08
C CYS A 585 -37.35 26.01 -10.31
N LEU A 586 -37.65 26.55 -11.48
CA LEU A 586 -37.26 25.95 -12.76
C LEU A 586 -35.96 26.61 -13.21
N VAL A 587 -34.88 25.85 -13.24
CA VAL A 587 -33.55 26.42 -13.51
C VAL A 587 -33.04 25.90 -14.85
N ARG A 588 -32.55 26.81 -15.69
CA ARG A 588 -31.88 26.47 -16.93
C ARG A 588 -30.58 27.27 -17.05
N GLY A 589 -29.62 26.73 -17.79
CA GLY A 589 -28.34 27.42 -17.94
C GLY A 589 -28.44 28.54 -18.97
N LYS A 590 -27.75 29.64 -18.69
CA LYS A 590 -27.73 30.74 -19.65
C LYS A 590 -27.07 30.30 -20.95
N ALA A 591 -27.41 31.02 -22.04
CA ALA A 591 -26.79 30.76 -23.34
C ALA A 591 -25.28 30.89 -23.27
N SER A 592 -24.80 31.98 -22.68
CA SER A 592 -23.37 32.13 -22.41
C SER A 592 -23.16 32.37 -20.93
N PRO A 593 -22.72 31.35 -20.18
CA PRO A 593 -22.57 31.49 -18.73
C PRO A 593 -21.27 32.21 -18.38
N ASP A 594 -21.37 33.25 -17.57
CA ASP A 594 -20.19 34.01 -17.18
C ASP A 594 -19.47 33.31 -16.03
N LEU A 595 -18.50 32.45 -16.38
CA LEU A 595 -17.69 31.80 -15.35
C LEU A 595 -16.88 32.76 -14.51
N GLY A 596 -16.59 33.97 -15.02
CA GLY A 596 -15.70 34.89 -14.32
C GLY A 596 -16.22 35.37 -12.97
N VAL A 597 -17.55 35.33 -12.77
CA VAL A 597 -18.07 35.78 -11.47
C VAL A 597 -17.88 34.74 -10.37
N LEU A 598 -17.48 33.52 -10.72
CA LEU A 598 -17.33 32.44 -9.75
C LEU A 598 -16.05 32.60 -8.93
N VAL A 599 -16.15 32.34 -7.63
CA VAL A 599 -15.01 32.45 -6.72
C VAL A 599 -14.39 31.06 -6.59
N PRO A 600 -13.17 30.84 -7.09
CA PRO A 600 -12.53 29.53 -6.88
C PRO A 600 -12.11 29.37 -5.42
N ARG A 601 -12.30 28.16 -4.89
CA ARG A 601 -11.75 27.81 -3.59
C ARG A 601 -11.12 26.43 -3.67
N PHE A 602 -9.96 26.26 -3.03
CA PHE A 602 -9.41 24.92 -2.86
C PHE A 602 -10.35 24.08 -2.00
N ARG A 603 -10.47 22.80 -2.33
CA ARG A 603 -11.04 21.87 -1.36
C ARG A 603 -9.97 21.57 -0.32
N PRO A 604 -10.35 21.05 0.85
CA PRO A 604 -9.33 20.77 1.86
C PRO A 604 -8.27 19.79 1.36
N VAL A 605 -8.59 18.97 0.36
CA VAL A 605 -7.63 17.99 -0.17
C VAL A 605 -6.99 18.43 -1.49
N THR A 606 -7.32 19.61 -2.01
CA THR A 606 -6.75 20.06 -3.28
C THR A 606 -5.25 20.33 -3.10
N ARG A 607 -4.44 19.85 -4.06
CA ARG A 607 -3.00 20.08 -4.12
C ARG A 607 -2.63 20.52 -5.53
N LEU A 608 -1.68 21.45 -5.59
CA LEU A 608 -1.22 22.07 -6.82
C LEU A 608 0.28 21.90 -6.88
N VAL A 609 0.79 21.28 -7.95
CA VAL A 609 2.17 20.79 -8.01
C VAL A 609 2.80 21.18 -9.36
N GLU A 610 4.04 21.68 -9.28
CA GLU A 610 4.95 21.79 -10.43
C GLU A 610 6.06 20.76 -10.24
N ARG A 611 6.26 19.90 -11.24
CA ARG A 611 7.10 18.72 -11.06
C ARG A 611 8.16 18.61 -12.15
N ARG A 612 9.37 18.21 -11.74
CA ARG A 612 10.41 17.79 -12.68
C ARG A 612 10.92 16.42 -12.26
N THR A 613 10.99 15.50 -13.22
CA THR A 613 11.66 14.22 -13.08
C THR A 613 12.98 14.27 -13.85
N ALA A 614 13.74 13.18 -13.79
CA ALA A 614 14.99 13.13 -14.54
C ALA A 614 14.71 13.17 -16.05
N GLY A 615 15.60 13.82 -16.78
CA GLY A 615 15.50 13.86 -18.22
C GLY A 615 16.74 13.31 -18.91
N PRO A 616 16.86 13.57 -20.21
CA PRO A 616 18.00 13.06 -20.96
C PRO A 616 19.34 13.51 -20.37
N ASP A 617 20.30 12.57 -20.36
CA ASP A 617 21.65 12.80 -19.84
C ASP A 617 21.64 13.20 -18.37
N ALA A 618 20.72 12.61 -17.60
CA ALA A 618 20.60 12.87 -16.16
C ALA A 618 20.38 14.35 -15.86
N SER A 619 19.74 15.06 -16.78
CA SER A 619 19.32 16.42 -16.58
C SER A 619 18.04 16.47 -15.73
N ALA A 620 17.67 17.69 -15.34
CA ALA A 620 16.32 17.97 -14.84
C ALA A 620 15.35 17.96 -16.01
N GLY A 621 14.31 17.14 -15.93
CA GLY A 621 13.33 17.10 -17.00
C GLY A 621 12.50 18.36 -17.06
N ALA A 622 11.78 18.51 -18.17
CA ALA A 622 10.93 19.68 -18.38
C ALA A 622 9.80 19.73 -17.35
N LYS A 623 9.51 20.95 -16.88
CA LYS A 623 8.45 21.19 -15.90
C LYS A 623 7.13 20.63 -16.39
N THR A 624 6.35 20.06 -15.49
CA THR A 624 4.92 19.85 -15.71
C THR A 624 4.13 20.29 -14.49
N HIS A 625 2.86 20.56 -14.73
CA HIS A 625 1.98 21.04 -13.68
C HIS A 625 0.79 20.09 -13.56
N GLU A 626 0.35 19.87 -12.32
CA GLU A 626 -0.83 19.05 -12.13
C GLU A 626 -1.55 19.47 -10.87
N ILE A 627 -2.84 19.13 -10.82
CA ILE A 627 -3.69 19.33 -9.66
C ILE A 627 -4.19 17.96 -9.22
N HIS A 628 -4.24 17.73 -7.91
CA HIS A 628 -4.74 16.44 -7.47
C HIS A 628 -5.50 16.58 -6.15
N LEU A 629 -6.24 15.55 -5.81
CA LEU A 629 -6.95 15.48 -4.54
C LEU A 629 -6.21 14.48 -3.65
N ASP A 630 -5.81 14.93 -2.47
CA ASP A 630 -4.90 14.20 -1.58
C ASP A 630 -5.69 13.26 -0.66
N TYR A 631 -6.11 12.13 -1.23
CA TYR A 631 -6.60 11.01 -0.46
C TYR A 631 -6.39 9.76 -1.28
N ASP A 632 -6.33 8.61 -0.60
CA ASP A 632 -6.07 7.35 -1.27
C ASP A 632 -7.12 7.12 -2.35
N GLY A 633 -6.66 6.93 -3.60
CA GLY A 633 -7.53 6.85 -4.74
C GLY A 633 -7.89 8.18 -5.38
N GLY A 634 -7.47 9.31 -4.82
CA GLY A 634 -7.84 10.60 -5.36
C GLY A 634 -7.35 10.81 -6.78
N PRO A 635 -8.15 11.51 -7.58
CA PRO A 635 -7.76 11.78 -8.98
C PRO A 635 -6.71 12.88 -9.07
N SER A 636 -6.18 13.02 -10.30
CA SER A 636 -5.23 14.08 -10.65
C SER A 636 -5.45 14.48 -12.10
N ALA A 637 -4.89 15.63 -12.48
CA ALA A 637 -5.09 16.14 -13.82
C ALA A 637 -3.98 17.14 -14.14
N LYS A 638 -3.52 17.12 -15.40
CA LYS A 638 -2.55 18.14 -15.81
C LYS A 638 -3.22 19.49 -15.90
N VAL A 639 -2.45 20.54 -15.66
CA VAL A 639 -2.90 21.90 -15.89
C VAL A 639 -1.83 22.63 -16.68
N SER A 640 -2.26 23.61 -17.48
CA SER A 640 -1.38 24.44 -18.27
C SER A 640 -0.49 25.29 -17.37
N PRO A 641 0.67 25.73 -17.88
CA PRO A 641 1.46 26.71 -17.14
C PRO A 641 0.67 27.93 -16.69
N GLU A 642 -0.22 28.46 -17.53
CA GLU A 642 -0.86 29.71 -17.14
C GLU A 642 -2.02 29.48 -16.18
N LEU A 643 -2.70 28.33 -16.26
CA LEU A 643 -3.68 28.03 -15.22
C LEU A 643 -2.99 27.75 -13.90
N TYR A 644 -1.86 27.04 -13.94
CA TYR A 644 -1.07 26.84 -12.72
C TYR A 644 -0.74 28.17 -12.06
N GLU A 645 -0.33 29.16 -12.85
CA GLU A 645 -0.04 30.46 -12.26
C GLU A 645 -1.30 31.13 -11.73
N LEU A 646 -2.42 31.01 -12.45
CA LEU A 646 -3.68 31.56 -11.94
C LEU A 646 -4.07 30.90 -10.62
N LEU A 647 -4.11 29.56 -10.59
CA LEU A 647 -4.60 28.89 -9.38
C LEU A 647 -3.69 29.12 -8.19
N GLY A 648 -2.41 29.46 -8.44
CA GLY A 648 -1.50 29.75 -7.35
C GLY A 648 -1.87 30.97 -6.54
N ALA A 649 -2.74 31.82 -7.08
CA ALA A 649 -3.17 33.03 -6.41
C ALA A 649 -4.57 32.93 -5.85
N VAL A 650 -5.17 31.74 -5.83
CA VAL A 650 -6.50 31.60 -5.28
C VAL A 650 -6.47 32.02 -3.83
N ASP A 651 -7.33 32.97 -3.46
CA ASP A 651 -7.42 33.43 -2.09
C ASP A 651 -8.74 33.08 -1.42
N GLY A 652 -9.70 32.53 -2.17
CA GLY A 652 -10.97 32.13 -1.59
C GLY A 652 -12.03 33.21 -1.59
N THR A 653 -11.70 34.42 -2.01
CA THR A 653 -12.68 35.50 -1.99
C THR A 653 -12.69 36.24 -3.32
N THR A 654 -11.56 36.28 -4.00
CA THR A 654 -11.50 36.95 -5.30
C THR A 654 -12.11 36.06 -6.39
N THR A 655 -12.90 36.68 -7.27
CA THR A 655 -13.52 35.94 -8.36
C THR A 655 -12.48 35.49 -9.39
N LEU A 656 -12.88 34.51 -10.19
CA LEU A 656 -11.98 33.99 -11.22
C LEU A 656 -11.68 35.04 -12.29
N GLY A 657 -12.63 35.94 -12.54
CA GLY A 657 -12.37 37.03 -13.48
C GLY A 657 -11.27 37.95 -12.99
N ASP A 658 -11.36 38.40 -11.73
CA ASP A 658 -10.32 39.26 -11.17
C ASP A 658 -8.99 38.53 -11.09
N LEU A 659 -9.01 37.25 -10.69
CA LEU A 659 -7.78 36.47 -10.60
C LEU A 659 -7.10 36.35 -11.95
N ALA A 660 -7.88 36.19 -13.02
CA ALA A 660 -7.30 35.94 -14.33
C ALA A 660 -6.64 37.19 -14.92
N LYS A 661 -6.82 38.35 -14.28
CA LYS A 661 -6.23 39.57 -14.82
C LYS A 661 -4.70 39.54 -14.72
N THR A 662 -4.18 38.96 -13.64
CA THR A 662 -2.72 38.83 -13.47
C THR A 662 -2.09 38.04 -14.61
N VAL A 663 -2.81 37.07 -15.16
CA VAL A 663 -2.34 36.31 -16.31
C VAL A 663 -2.89 36.90 -17.62
N GLY A 664 -3.38 38.14 -17.58
CA GLY A 664 -3.90 38.78 -18.76
C GLY A 664 -5.27 38.28 -19.18
N GLY A 665 -6.29 38.54 -18.36
CA GLY A 665 -7.67 38.28 -18.73
C GLY A 665 -8.12 36.82 -18.72
N LEU A 666 -9.38 36.60 -18.35
CA LEU A 666 -9.96 35.26 -18.44
C LEU A 666 -10.14 34.89 -19.90
N SER A 667 -9.10 34.29 -20.50
CA SER A 667 -9.19 33.82 -21.86
C SER A 667 -10.31 32.81 -22.03
N ASP A 668 -10.70 32.58 -23.29
CA ASP A 668 -11.64 31.50 -23.58
C ASP A 668 -11.02 30.13 -23.33
N ALA A 669 -9.71 30.00 -23.53
CA ALA A 669 -9.08 28.70 -23.26
C ALA A 669 -8.91 28.47 -21.76
N LEU A 670 -8.64 29.54 -21.00
CA LEU A 670 -8.54 29.38 -19.55
C LEU A 670 -9.89 29.02 -18.95
N ALA A 671 -10.96 29.70 -19.38
CA ALA A 671 -12.29 29.36 -18.88
C ALA A 671 -12.64 27.91 -19.18
N THR A 672 -12.33 27.46 -20.40
CA THR A 672 -12.59 26.06 -20.77
C THR A 672 -11.79 25.12 -19.89
N GLU A 673 -10.49 25.40 -19.71
CA GLU A 673 -9.67 24.55 -18.86
C GLU A 673 -10.21 24.53 -17.42
N VAL A 674 -10.63 25.70 -16.91
CA VAL A 674 -11.20 25.78 -15.57
C VAL A 674 -12.49 24.96 -15.47
N PHE A 675 -13.37 25.09 -16.47
CA PHE A 675 -14.64 24.36 -16.45
C PHE A 675 -14.41 22.85 -16.34
N ALA A 676 -13.43 22.32 -17.06
CA ALA A 676 -13.18 20.88 -16.99
C ALA A 676 -12.64 20.47 -15.62
N LEU A 677 -11.86 21.33 -14.94
CA LEU A 677 -11.46 20.98 -13.57
C LEU A 677 -12.63 21.08 -12.59
N TRP A 678 -13.56 22.00 -12.85
CA TRP A 678 -14.78 22.11 -12.07
C TRP A 678 -15.62 20.85 -12.19
N GLU A 679 -15.73 20.34 -13.41
CA GLU A 679 -16.50 19.15 -13.70
C GLU A 679 -15.92 17.95 -12.97
N GLN A 680 -14.62 17.88 -12.85
CA GLN A 680 -13.99 16.79 -12.12
C GLN A 680 -13.86 17.09 -10.63
N ARG A 681 -14.33 18.27 -10.18
CA ARG A 681 -14.41 18.65 -8.76
C ARG A 681 -13.04 18.80 -8.10
N PHE A 682 -12.02 19.26 -8.84
CA PHE A 682 -10.73 19.52 -8.22
C PHE A 682 -10.74 20.76 -7.34
N LEU A 683 -11.66 21.68 -7.58
CA LEU A 683 -11.80 22.86 -6.74
C LEU A 683 -13.27 23.23 -6.65
N THR A 684 -13.59 24.10 -5.71
CA THR A 684 -14.95 24.59 -5.55
C THR A 684 -15.08 25.91 -6.30
N LEU A 685 -16.10 26.00 -7.14
CA LEU A 685 -16.43 27.20 -7.90
C LEU A 685 -17.87 27.57 -7.61
N ALA A 686 -18.10 28.77 -7.11
CA ALA A 686 -19.47 29.18 -6.76
C ALA A 686 -19.49 30.69 -6.55
N PRO A 687 -20.63 31.34 -6.77
CA PRO A 687 -20.70 32.80 -6.58
C PRO A 687 -20.33 33.18 -5.16
N ALA A 688 -19.93 34.45 -5.02
CA ALA A 688 -19.55 34.97 -3.71
C ALA A 688 -20.67 34.76 -2.70
N GLY A 689 -20.27 34.40 -1.49
CA GLY A 689 -21.23 34.20 -0.43
C GLY A 689 -21.65 32.76 -0.33
N ASP A 690 -22.70 32.55 0.47
CA ASP A 690 -23.31 31.23 0.61
C ASP A 690 -24.76 31.42 1.03
N ILE A 691 -25.47 30.29 1.13
CA ILE A 691 -26.89 30.30 1.43
C ILE A 691 -27.19 30.67 2.88
N GLY A 692 -26.18 30.61 3.77
CA GLY A 692 -26.39 30.81 5.18
C GLY A 692 -26.96 29.56 5.86
N PRO A 693 -27.11 29.60 7.18
CA PRO A 693 -27.70 28.46 7.89
C PRO A 693 -29.05 28.12 7.31
N LEU A 694 -29.39 26.84 7.33
CA LEU A 694 -30.57 26.37 6.60
C LEU A 694 -31.88 26.80 7.25
N MET B 21 29.82 -23.78 -20.15
CA MET B 21 28.48 -23.63 -19.56
C MET B 21 28.29 -22.28 -18.84
N LEU B 22 27.82 -21.26 -19.54
CA LEU B 22 27.76 -19.90 -19.00
C LEU B 22 26.31 -19.52 -18.74
N VAL B 23 25.97 -19.28 -17.47
CA VAL B 23 24.58 -19.18 -17.04
C VAL B 23 24.38 -17.95 -16.16
N LEU B 24 23.42 -17.12 -16.54
CA LEU B 24 23.01 -15.95 -15.76
C LEU B 24 21.93 -16.33 -14.75
N GLY B 25 22.11 -15.97 -13.49
CA GLY B 25 21.08 -16.11 -12.48
C GLY B 25 20.50 -14.74 -12.14
N LEU B 26 19.16 -14.66 -12.13
CA LEU B 26 18.42 -13.42 -11.93
C LEU B 26 17.50 -13.49 -10.71
N ASN B 27 17.45 -12.41 -9.94
CA ASN B 27 16.44 -12.26 -8.89
C ASN B 27 16.04 -10.80 -8.78
N GLY B 28 14.79 -10.57 -8.35
CA GLY B 28 14.23 -9.25 -8.17
C GLY B 28 12.99 -9.05 -9.04
N ASN B 29 12.42 -7.85 -8.94
CA ASN B 29 11.28 -7.43 -9.73
C ASN B 29 11.75 -6.90 -11.08
N PHE B 30 10.87 -6.25 -11.84
CA PHE B 30 11.14 -5.97 -13.25
C PHE B 30 11.10 -4.48 -13.60
N SER B 31 11.10 -3.60 -12.60
CA SER B 31 10.95 -2.17 -12.87
C SER B 31 12.18 -1.63 -13.60
N ALA B 32 11.94 -0.62 -14.46
CA ALA B 32 13.01 0.16 -15.08
C ALA B 32 13.70 1.07 -14.06
N ALA B 33 14.73 1.80 -14.52
CA ALA B 33 15.47 2.68 -13.62
C ALA B 33 14.60 3.81 -13.08
N ASP B 34 13.78 4.44 -13.93
CA ASP B 34 13.10 5.68 -13.55
C ASP B 34 11.67 5.49 -13.04
N THR B 35 11.03 4.37 -13.34
CA THR B 35 9.66 4.08 -12.92
C THR B 35 9.60 2.68 -12.33
N ASP B 36 8.45 2.35 -11.72
CA ASP B 36 8.21 1.01 -11.21
C ASP B 36 7.06 0.37 -11.99
N VAL B 37 7.04 -0.97 -12.03
CA VAL B 37 6.06 -1.69 -12.84
C VAL B 37 4.65 -1.30 -12.43
N VAL B 38 4.41 -1.15 -11.13
CA VAL B 38 3.21 -0.48 -10.64
C VAL B 38 3.70 0.68 -9.78
N PRO B 39 3.07 1.85 -9.89
CA PRO B 39 3.54 3.02 -9.14
C PRO B 39 3.69 2.74 -7.64
N GLN B 40 4.83 3.18 -7.10
CA GLN B 40 5.19 2.98 -5.69
C GLN B 40 5.14 1.49 -5.32
N LEU B 41 5.66 0.64 -6.21
CA LEU B 41 5.68 -0.80 -5.99
C LEU B 41 6.32 -1.12 -4.63
N GLY B 42 5.63 -1.97 -3.86
CA GLY B 42 6.09 -2.33 -2.53
C GLY B 42 7.54 -2.76 -2.47
N GLU B 43 8.30 -2.20 -1.53
CA GLU B 43 9.70 -2.56 -1.36
C GLU B 43 9.92 -4.02 -0.96
N TYR B 44 8.86 -4.73 -0.59
CA TYR B 44 8.92 -6.15 -0.24
C TYR B 44 8.57 -7.06 -1.41
N PHE B 45 8.32 -6.49 -2.59
CA PHE B 45 7.91 -7.24 -3.78
C PHE B 45 9.17 -7.53 -4.59
N PHE B 46 9.92 -8.55 -4.15
CA PHE B 46 11.08 -9.07 -4.85
C PHE B 46 12.28 -8.14 -4.73
N HIS B 47 12.84 -8.08 -3.52
CA HIS B 47 13.87 -7.17 -3.07
C HIS B 47 15.28 -7.74 -3.30
N ASP B 48 16.29 -6.89 -3.07
CA ASP B 48 17.70 -7.24 -3.24
C ASP B 48 17.97 -7.82 -4.63
N SER B 49 17.45 -7.16 -5.66
CA SER B 49 17.76 -7.55 -7.04
C SER B 49 19.25 -7.71 -7.21
N ALA B 50 19.63 -8.70 -8.03
CA ALA B 50 21.03 -9.03 -8.23
C ALA B 50 21.16 -9.83 -9.50
N ALA B 51 22.39 -9.93 -9.99
CA ALA B 51 22.71 -10.81 -11.11
C ALA B 51 23.97 -11.56 -10.77
N SER B 52 23.99 -12.83 -11.16
CA SER B 52 25.13 -13.72 -10.99
C SER B 52 25.45 -14.38 -12.31
N LEU B 53 26.72 -14.70 -12.50
CA LEU B 53 27.19 -15.39 -13.69
C LEU B 53 28.08 -16.55 -13.27
N ILE B 54 27.72 -17.74 -13.75
N ILE B 54 27.71 -17.76 -13.69
CA ILE B 54 28.45 -18.98 -13.52
CA ILE B 54 28.56 -18.92 -13.47
C ILE B 54 29.07 -19.43 -14.84
C ILE B 54 29.08 -19.41 -14.81
N ARG B 55 30.25 -20.03 -14.75
CA ARG B 55 30.94 -20.56 -15.91
C ARG B 55 31.68 -21.81 -15.47
N ASP B 56 31.52 -22.89 -16.23
CA ASP B 56 32.21 -24.16 -15.92
C ASP B 56 32.11 -24.48 -14.43
N GLY B 57 30.95 -24.17 -13.85
CA GLY B 57 30.64 -24.51 -12.48
C GLY B 57 31.12 -23.53 -11.43
N GLU B 58 31.86 -22.49 -11.81
CA GLU B 58 32.35 -21.54 -10.83
C GLU B 58 31.59 -20.22 -10.91
N LEU B 59 31.44 -19.57 -9.77
CA LEU B 59 30.88 -18.23 -9.71
C LEU B 59 31.92 -17.23 -10.20
N VAL B 60 31.77 -16.71 -11.42
CA VAL B 60 32.78 -15.79 -11.94
C VAL B 60 32.45 -14.32 -11.67
N ALA B 61 31.19 -13.97 -11.43
CA ALA B 61 30.80 -12.59 -11.20
C ALA B 61 29.43 -12.54 -10.54
N ALA B 62 29.25 -11.55 -9.65
CA ALA B 62 27.99 -11.40 -8.92
C ALA B 62 27.97 -10.02 -8.27
N VAL B 63 26.86 -9.30 -8.42
CA VAL B 63 26.73 -7.97 -7.82
C VAL B 63 25.25 -7.68 -7.63
N GLU B 64 24.93 -7.07 -6.49
CA GLU B 64 23.58 -6.62 -6.23
C GLU B 64 23.31 -5.29 -6.93
N GLU B 65 22.11 -5.17 -7.52
CA GLU B 65 21.73 -3.95 -8.22
C GLU B 65 21.81 -2.73 -7.32
N GLU B 66 21.59 -2.89 -6.01
CA GLU B 66 21.64 -1.77 -5.08
C GLU B 66 22.96 -1.02 -5.16
N ARG B 67 24.05 -1.73 -5.47
CA ARG B 67 25.35 -1.07 -5.58
C ARG B 67 25.40 -0.16 -6.79
N LEU B 68 24.63 -0.46 -7.83
CA LEU B 68 24.69 0.25 -9.10
C LEU B 68 23.61 1.31 -9.25
N ASN B 69 22.39 1.10 -8.75
CA ASN B 69 21.42 2.19 -8.77
C ASN B 69 21.36 2.94 -7.43
N ARG B 70 22.12 2.49 -6.42
CA ARG B 70 22.31 3.20 -5.15
C ARG B 70 21.04 3.26 -4.31
N ILE B 71 20.12 2.31 -4.53
CA ILE B 71 18.90 2.16 -3.75
C ILE B 71 19.05 0.92 -2.89
N LYS B 72 19.20 1.11 -1.58
CA LYS B 72 19.29 0.01 -0.63
C LYS B 72 18.23 -1.07 -0.90
N LYS B 73 18.68 -2.33 -1.02
CA LYS B 73 17.80 -3.51 -1.14
C LYS B 73 16.78 -3.35 -2.28
N THR B 74 17.19 -2.70 -3.35
CA THR B 74 16.30 -2.33 -4.45
C THR B 74 15.55 -3.52 -5.01
N THR B 75 14.36 -3.23 -5.57
CA THR B 75 13.54 -4.23 -6.23
C THR B 75 13.62 -4.14 -7.74
N LYS B 76 14.30 -3.12 -8.25
CA LYS B 76 14.30 -2.82 -9.67
C LYS B 76 15.03 -3.92 -10.43
N PHE B 77 14.71 -4.05 -11.71
CA PHE B 77 15.32 -5.09 -12.53
C PHE B 77 16.83 -4.90 -12.56
N PRO B 78 17.63 -5.95 -12.34
CA PRO B 78 19.09 -5.83 -12.18
C PRO B 78 19.85 -5.69 -13.50
N LEU B 79 19.41 -4.77 -14.34
CA LEU B 79 19.96 -4.62 -15.69
C LEU B 79 21.44 -4.25 -15.64
N ASN B 80 21.80 -3.28 -14.79
CA ASN B 80 23.19 -2.90 -14.64
C ASN B 80 24.00 -4.06 -14.10
N ALA B 81 23.44 -4.82 -13.14
CA ALA B 81 24.17 -5.95 -12.59
C ALA B 81 24.50 -6.95 -13.68
N VAL B 82 23.58 -7.14 -14.62
CA VAL B 82 23.83 -8.05 -15.73
C VAL B 82 24.94 -7.49 -16.63
N ARG B 83 24.83 -6.22 -17.01
CA ARG B 83 25.88 -5.61 -17.84
C ARG B 83 27.24 -5.76 -17.19
N GLU B 84 27.34 -5.45 -15.89
CA GLU B 84 28.61 -5.53 -15.19
C GLU B 84 29.13 -6.96 -15.14
N CYS B 85 28.24 -7.93 -14.88
CA CYS B 85 28.67 -9.34 -14.83
C CYS B 85 29.18 -9.80 -16.19
N LEU B 86 28.51 -9.42 -17.27
CA LEU B 86 28.97 -9.81 -18.59
C LEU B 86 30.35 -9.23 -18.88
N ALA B 87 30.59 -7.99 -18.44
CA ALA B 87 31.90 -7.37 -18.69
C ALA B 87 32.99 -8.07 -17.88
N LEU B 88 32.72 -8.38 -16.61
CA LEU B 88 33.72 -9.11 -15.84
C LEU B 88 34.04 -10.47 -16.45
N ALA B 89 33.10 -11.06 -17.19
CA ALA B 89 33.32 -12.40 -17.74
C ALA B 89 33.85 -12.36 -19.18
N GLY B 90 34.00 -11.16 -19.75
CA GLY B 90 34.40 -11.05 -21.14
C GLY B 90 33.43 -11.68 -22.10
N ALA B 91 32.12 -11.61 -21.81
CA ALA B 91 31.11 -12.27 -22.60
C ALA B 91 30.19 -11.26 -23.28
N ARG B 92 29.68 -11.63 -24.45
CA ARG B 92 28.55 -10.94 -25.03
C ARG B 92 27.28 -11.50 -24.40
N PRO B 93 26.16 -10.76 -24.44
CA PRO B 93 24.90 -11.36 -23.99
C PRO B 93 24.60 -12.66 -24.71
N GLU B 94 24.85 -12.71 -26.01
CA GLU B 94 24.53 -13.90 -26.79
C GLU B 94 25.43 -15.09 -26.44
N ASP B 95 26.55 -14.85 -25.75
CA ASP B 95 27.35 -15.96 -25.26
C ASP B 95 26.64 -16.76 -24.17
N VAL B 96 25.59 -16.21 -23.55
CA VAL B 96 25.01 -16.83 -22.36
C VAL B 96 24.23 -18.07 -22.77
N ASP B 97 24.47 -19.18 -22.07
CA ASP B 97 23.82 -20.43 -22.43
C ASP B 97 22.42 -20.55 -21.83
N ALA B 98 22.21 -20.08 -20.60
CA ALA B 98 20.90 -20.16 -19.97
C ALA B 98 20.73 -19.02 -18.98
N VAL B 99 19.47 -18.69 -18.68
CA VAL B 99 19.12 -17.71 -17.67
C VAL B 99 18.17 -18.39 -16.68
N GLY B 100 18.53 -18.39 -15.40
CA GLY B 100 17.67 -18.93 -14.35
C GLY B 100 17.04 -17.81 -13.53
N TYR B 101 15.75 -17.94 -13.25
CA TYR B 101 15.03 -16.96 -12.43
C TYR B 101 14.53 -17.63 -11.14
N TYR B 102 14.69 -16.91 -10.02
CA TYR B 102 14.66 -17.53 -8.69
C TYR B 102 13.23 -17.85 -8.14
N PHE B 103 12.19 -17.86 -8.96
CA PHE B 103 10.87 -18.36 -8.58
C PHE B 103 10.31 -19.14 -9.74
N PRO B 104 9.36 -20.08 -9.48
CA PRO B 104 8.63 -20.70 -10.59
C PRO B 104 7.84 -19.64 -11.37
N GLU B 105 7.63 -19.93 -12.65
CA GLU B 105 6.99 -18.95 -13.54
C GLU B 105 5.56 -18.67 -13.10
N ASN B 106 4.81 -19.70 -12.76
CA ASN B 106 3.43 -19.44 -12.37
C ASN B 106 3.35 -18.62 -11.09
N HIS B 107 4.30 -18.79 -10.17
CA HIS B 107 4.24 -18.02 -8.93
C HIS B 107 4.48 -16.53 -9.17
N ILE B 108 5.59 -16.17 -9.83
CA ILE B 108 5.86 -14.75 -10.05
C ILE B 108 4.74 -14.12 -10.87
N ASP B 109 4.26 -14.83 -11.88
CA ASP B 109 3.21 -14.28 -12.74
C ASP B 109 1.88 -14.13 -12.01
N THR B 110 1.62 -15.00 -11.03
CA THR B 110 0.45 -14.83 -10.18
C THR B 110 0.57 -13.60 -9.30
N VAL B 111 1.76 -13.37 -8.73
CA VAL B 111 1.95 -12.16 -7.93
C VAL B 111 1.84 -10.92 -8.82
N LEU B 112 2.48 -10.95 -9.99
CA LEU B 112 2.32 -9.83 -10.93
C LEU B 112 0.85 -9.60 -11.27
N ASN B 113 0.13 -10.67 -11.60
CA ASN B 113 -1.30 -10.55 -11.91
C ASN B 113 -2.06 -9.88 -10.77
N HIS B 114 -1.72 -10.21 -9.53
CA HIS B 114 -2.40 -9.58 -8.39
C HIS B 114 -2.11 -8.09 -8.35
N LEU B 115 -0.84 -7.70 -8.53
CA LEU B 115 -0.52 -6.28 -8.62
C LEU B 115 -1.30 -5.60 -9.73
N TYR B 116 -1.47 -6.29 -10.87
CA TYR B 116 -2.20 -5.70 -11.98
C TYR B 116 -3.69 -5.51 -11.66
N THR B 117 -4.30 -6.40 -10.88
CA THR B 117 -5.71 -6.17 -10.56
C THR B 117 -5.87 -4.98 -9.61
N GLU B 118 -4.88 -4.77 -8.73
CA GLU B 118 -4.88 -3.62 -7.83
C GLU B 118 -4.47 -2.31 -8.51
N TYR B 119 -3.90 -2.36 -9.70
CA TYR B 119 -3.54 -1.14 -10.44
C TYR B 119 -4.02 -1.33 -11.87
N PRO B 120 -5.29 -1.08 -12.14
CA PRO B 120 -5.86 -1.44 -13.45
C PRO B 120 -5.26 -0.68 -14.62
N ARG B 121 -4.46 0.37 -14.41
CA ARG B 121 -3.81 1.06 -15.52
C ARG B 121 -2.53 0.38 -16.00
N ALA B 122 -1.99 -0.59 -15.23
CA ALA B 122 -0.74 -1.25 -15.60
C ALA B 122 -0.98 -2.30 -16.69
N PRO B 123 -0.23 -2.26 -17.79
CA PRO B 123 -0.45 -3.26 -18.85
C PRO B 123 -0.15 -4.69 -18.39
N LEU B 124 -0.78 -5.66 -19.05
CA LEU B 124 -0.64 -7.06 -18.63
C LEU B 124 0.65 -7.63 -19.23
N ARG B 125 1.77 -7.41 -18.55
CA ARG B 125 3.05 -7.97 -18.96
C ARG B 125 3.57 -8.89 -17.87
N TYR B 126 3.74 -10.16 -18.19
CA TYR B 126 4.17 -11.14 -17.19
C TYR B 126 5.67 -11.38 -17.31
N SER B 127 6.21 -12.18 -16.38
CA SER B 127 7.64 -12.17 -16.11
C SER B 127 8.45 -12.50 -17.35
N ARG B 128 7.98 -13.45 -18.17
CA ARG B 128 8.77 -13.84 -19.34
C ARG B 128 8.88 -12.70 -20.33
N GLU B 129 7.75 -12.05 -20.65
CA GLU B 129 7.79 -10.89 -21.53
C GLU B 129 8.63 -9.77 -20.93
N LEU B 130 8.56 -9.57 -19.61
CA LEU B 130 9.31 -8.46 -19.01
C LEU B 130 10.80 -8.73 -19.03
N ILE B 131 11.20 -9.96 -18.71
CA ILE B 131 12.63 -10.31 -18.71
C ILE B 131 13.20 -10.09 -20.10
N ARG B 132 12.47 -10.55 -21.11
CA ARG B 132 12.98 -10.41 -22.47
C ARG B 132 13.01 -8.96 -22.89
N GLN B 133 11.99 -8.18 -22.51
CA GLN B 133 11.97 -6.77 -22.86
C GLN B 133 13.11 -6.03 -22.20
N ARG B 134 13.38 -6.29 -20.91
CA ARG B 134 14.47 -5.58 -20.25
C ARG B 134 15.82 -5.91 -20.89
N LEU B 135 16.03 -7.16 -21.27
CA LEU B 135 17.32 -7.53 -21.84
C LEU B 135 17.45 -7.00 -23.27
N LYS B 136 16.38 -7.11 -24.04
CA LYS B 136 16.36 -6.56 -25.40
C LYS B 136 16.61 -5.06 -25.40
N GLU B 137 15.84 -4.30 -24.61
CA GLU B 137 16.00 -2.85 -24.63
C GLU B 137 17.28 -2.43 -23.93
N GLY B 138 17.72 -3.18 -22.94
CA GLY B 138 18.87 -2.79 -22.14
C GLY B 138 20.20 -3.19 -22.75
N LEU B 139 20.26 -4.37 -23.39
CA LEU B 139 21.53 -4.91 -23.86
C LEU B 139 21.49 -5.36 -25.32
N GLY B 140 20.46 -4.98 -26.07
CA GLY B 140 20.33 -5.52 -27.42
C GLY B 140 20.27 -7.04 -27.47
N TRP B 141 19.95 -7.69 -26.36
CA TRP B 141 19.97 -9.15 -26.25
C TRP B 141 18.61 -9.74 -26.54
N ASP B 142 18.58 -10.68 -27.47
CA ASP B 142 17.39 -11.38 -27.93
C ASP B 142 17.33 -12.74 -27.25
N LEU B 143 16.72 -12.81 -26.07
CA LEU B 143 16.72 -14.06 -25.30
C LEU B 143 15.74 -15.07 -25.89
N PRO B 144 16.21 -16.20 -26.40
CA PRO B 144 15.29 -17.24 -26.86
C PRO B 144 14.59 -17.89 -25.68
N ASP B 145 13.30 -18.19 -25.86
CA ASP B 145 12.49 -18.69 -24.75
C ASP B 145 13.07 -19.94 -24.12
N GLU B 146 13.74 -20.79 -24.91
CA GLU B 146 14.28 -22.03 -24.38
C GLU B 146 15.45 -21.82 -23.44
N LYS B 147 16.06 -20.62 -23.43
CA LYS B 147 17.18 -20.34 -22.53
C LYS B 147 16.75 -19.82 -21.16
N LEU B 148 15.47 -19.46 -20.99
CA LEU B 148 14.98 -18.95 -19.71
C LEU B 148 14.40 -20.12 -18.91
N VAL B 149 14.93 -20.33 -17.70
CA VAL B 149 14.52 -21.43 -16.84
C VAL B 149 14.08 -20.84 -15.50
N TYR B 150 12.85 -21.16 -15.08
CA TYR B 150 12.35 -20.73 -13.78
C TYR B 150 12.53 -21.84 -12.76
N VAL B 151 12.80 -21.45 -11.52
CA VAL B 151 13.40 -22.34 -10.53
C VAL B 151 12.65 -22.28 -9.20
N PRO B 152 12.38 -23.41 -8.52
CA PRO B 152 11.85 -23.35 -7.16
C PRO B 152 12.74 -22.53 -6.24
N HIS B 153 12.11 -21.67 -5.44
CA HIS B 153 12.85 -20.67 -4.68
C HIS B 153 13.79 -21.31 -3.67
N HIS B 154 13.31 -22.32 -2.94
CA HIS B 154 14.15 -22.90 -1.91
C HIS B 154 15.21 -23.81 -2.49
N GLU B 155 14.96 -24.37 -3.66
CA GLU B 155 16.01 -25.06 -4.39
C GLU B 155 17.15 -24.11 -4.74
N ALA B 156 16.82 -22.91 -5.18
CA ALA B 156 17.86 -21.92 -5.52
C ALA B 156 18.72 -21.62 -4.31
N HIS B 157 18.10 -21.20 -3.20
CA HIS B 157 18.82 -21.03 -1.93
C HIS B 157 19.70 -22.24 -1.61
N ALA B 158 19.14 -23.45 -1.73
CA ALA B 158 19.89 -24.63 -1.29
C ALA B 158 21.11 -24.86 -2.16
N TYR B 159 20.99 -24.69 -3.48
CA TYR B 159 22.15 -24.88 -4.34
C TYR B 159 23.27 -23.90 -3.98
N SER B 160 22.90 -22.63 -3.81
CA SER B 160 23.87 -21.59 -3.49
C SER B 160 24.62 -21.90 -2.19
N SER B 161 23.87 -22.22 -1.13
CA SER B 161 24.51 -22.46 0.16
C SER B 161 25.36 -23.73 0.13
N TYR B 162 24.82 -24.82 -0.44
CA TYR B 162 25.53 -26.09 -0.37
C TYR B 162 26.68 -26.19 -1.37
N LEU B 163 26.50 -25.71 -2.60
CA LEU B 163 27.52 -25.92 -3.62
C LEU B 163 28.81 -25.14 -3.34
N HIS B 164 28.75 -24.06 -2.57
CA HIS B 164 29.96 -23.30 -2.25
C HIS B 164 30.59 -23.72 -0.92
N SER B 165 30.04 -24.75 -0.28
CA SER B 165 30.52 -25.15 1.03
C SER B 165 31.81 -25.96 0.98
N GLY B 166 32.20 -26.45 -0.20
CA GLY B 166 33.26 -27.44 -0.26
C GLY B 166 32.93 -28.79 0.34
N MET B 167 31.74 -28.97 0.92
CA MET B 167 31.31 -30.28 1.41
C MET B 167 30.80 -31.17 0.28
N ASP B 168 30.97 -32.48 0.44
CA ASP B 168 30.44 -33.45 -0.53
C ASP B 168 29.11 -34.02 -0.10
N SER B 169 28.69 -33.78 1.13
CA SER B 169 27.35 -34.12 1.56
C SER B 169 27.05 -33.28 2.80
N ALA B 170 25.77 -33.00 3.02
CA ALA B 170 25.40 -32.10 4.08
C ALA B 170 23.90 -32.13 4.28
N LEU B 171 23.49 -31.91 5.53
CA LEU B 171 22.15 -31.40 5.78
C LEU B 171 22.09 -29.94 5.35
N VAL B 172 21.04 -29.59 4.60
CA VAL B 172 20.83 -28.21 4.15
C VAL B 172 19.52 -27.71 4.75
N LEU B 173 19.58 -26.57 5.45
CA LEU B 173 18.38 -25.91 5.97
C LEU B 173 18.21 -24.56 5.29
N VAL B 174 17.01 -24.30 4.79
CA VAL B 174 16.67 -23.01 4.19
C VAL B 174 15.51 -22.41 4.95
N LEU B 175 15.70 -21.18 5.45
CA LEU B 175 14.69 -20.46 6.23
C LEU B 175 14.62 -19.02 5.73
N ASP B 176 13.48 -18.63 5.14
CA ASP B 176 13.36 -17.26 4.66
C ASP B 176 11.93 -16.79 4.89
N ALA B 177 11.56 -15.71 4.23
CA ALA B 177 10.26 -15.08 4.46
C ALA B 177 9.20 -15.59 3.50
N ALA B 178 9.55 -15.86 2.25
CA ALA B 178 8.51 -16.27 1.31
C ALA B 178 9.12 -17.05 0.14
N GLY B 179 9.19 -18.35 0.28
CA GLY B 179 9.18 -19.20 -0.90
C GLY B 179 7.78 -19.27 -1.51
N GLU B 180 7.69 -19.88 -2.71
CA GLU B 180 6.39 -20.00 -3.35
C GLU B 180 5.47 -20.93 -2.57
N LEU B 181 6.02 -22.03 -2.04
CA LEU B 181 5.26 -23.01 -1.27
C LEU B 181 5.64 -23.04 0.20
N HIS B 182 6.91 -22.85 0.51
CA HIS B 182 7.42 -23.14 1.85
C HIS B 182 8.15 -21.92 2.40
N SER B 183 8.07 -21.72 3.72
CA SER B 183 8.92 -20.76 4.38
C SER B 183 10.19 -21.41 4.94
N GLY B 184 10.20 -22.73 5.06
CA GLY B 184 11.35 -23.48 5.51
C GLY B 184 11.45 -24.81 4.77
N THR B 185 12.67 -25.25 4.48
CA THR B 185 12.89 -26.53 3.82
C THR B 185 14.16 -27.13 4.38
N VAL B 186 14.16 -28.46 4.49
CA VAL B 186 15.31 -29.25 4.91
C VAL B 186 15.64 -30.22 3.79
N TYR B 187 16.92 -30.24 3.39
CA TYR B 187 17.39 -31.13 2.34
C TYR B 187 18.52 -32.02 2.86
N ARG B 188 18.71 -33.16 2.19
CA ARG B 188 19.97 -33.89 2.21
C ARG B 188 20.66 -33.64 0.87
N ALA B 189 21.89 -33.14 0.91
CA ALA B 189 22.65 -32.87 -0.30
C ALA B 189 23.79 -33.87 -0.41
N GLU B 190 24.03 -34.37 -1.63
CA GLU B 190 25.06 -35.37 -1.90
C GLU B 190 25.59 -35.09 -3.30
N GLY B 191 26.88 -34.78 -3.42
CA GLY B 191 27.40 -34.44 -4.73
C GLY B 191 26.74 -33.19 -5.29
N THR B 192 25.98 -33.35 -6.37
CA THR B 192 25.17 -32.29 -6.96
C THR B 192 23.67 -32.54 -6.80
N ARG B 193 23.29 -33.41 -5.88
CA ARG B 193 21.91 -33.88 -5.76
C ARG B 193 21.30 -33.35 -4.48
N LEU B 194 20.14 -32.72 -4.59
CA LEU B 194 19.37 -32.27 -3.44
C LEU B 194 18.13 -33.15 -3.31
N GLU B 195 17.86 -33.64 -2.10
CA GLU B 195 16.66 -34.41 -1.80
C GLU B 195 15.92 -33.75 -0.63
N LYS B 196 14.69 -33.31 -0.87
CA LYS B 196 13.93 -32.67 0.19
C LYS B 196 13.53 -33.67 1.27
N LEU B 197 13.83 -33.35 2.53
CA LEU B 197 13.43 -34.19 3.66
C LEU B 197 12.21 -33.66 4.39
N ALA B 198 12.05 -32.34 4.45
CA ALA B 198 10.94 -31.73 5.18
C ALA B 198 10.69 -30.33 4.66
N ASP B 199 9.56 -29.77 5.05
CA ASP B 199 9.17 -28.43 4.67
C ASP B 199 8.27 -27.86 5.75
N TYR B 200 8.11 -26.52 5.72
CA TYR B 200 7.28 -25.76 6.64
C TYR B 200 6.52 -24.73 5.84
N PRO B 201 5.22 -24.56 6.08
CA PRO B 201 4.40 -23.71 5.22
C PRO B 201 4.68 -22.23 5.40
N VAL B 202 4.22 -21.46 4.40
CA VAL B 202 4.50 -20.03 4.37
C VAL B 202 4.06 -19.31 5.64
N PRO B 203 2.88 -19.54 6.21
CA PRO B 203 2.49 -18.78 7.42
C PRO B 203 3.38 -19.05 8.64
N LYS B 204 4.21 -20.10 8.63
CA LYS B 204 5.12 -20.35 9.75
C LYS B 204 6.46 -19.65 9.59
N SER B 205 6.57 -18.71 8.64
CA SER B 205 7.85 -18.08 8.36
C SER B 205 8.41 -17.44 9.62
N LEU B 206 9.63 -17.84 9.96
CA LEU B 206 10.36 -17.15 11.02
C LEU B 206 10.91 -15.81 10.55
N GLY B 207 11.22 -15.69 9.26
CA GLY B 207 11.57 -14.38 8.73
C GLY B 207 10.43 -13.38 8.79
N ARG B 208 9.20 -13.85 8.57
CA ARG B 208 8.06 -12.94 8.70
C ARG B 208 7.82 -12.59 10.16
N LEU B 209 7.94 -13.57 11.04
CA LEU B 209 7.85 -13.31 12.47
C LEU B 209 8.84 -12.23 12.88
N TYR B 210 10.11 -12.36 12.46
CA TYR B 210 11.14 -11.39 12.85
C TYR B 210 10.82 -10.00 12.30
N LEU B 211 10.42 -9.93 11.03
CA LEU B 211 10.09 -8.63 10.45
C LEU B 211 8.86 -8.01 11.12
N ASN B 212 7.82 -8.82 11.38
CA ASN B 212 6.63 -8.35 12.08
C ASN B 212 6.98 -7.68 13.41
N ALA B 213 7.83 -8.35 14.21
CA ALA B 213 8.31 -7.77 15.46
C ALA B 213 9.16 -6.52 15.23
N THR B 214 9.99 -6.54 14.19
CA THR B 214 10.88 -5.41 13.95
C THR B 214 10.10 -4.10 13.82
N TYR B 215 8.87 -4.16 13.30
CA TYR B 215 8.06 -2.95 13.16
C TYR B 215 7.70 -2.34 14.50
N LEU B 216 7.54 -3.16 15.55
CA LEU B 216 7.20 -2.63 16.86
C LEU B 216 8.31 -1.79 17.46
N LEU B 217 9.50 -1.80 16.85
CA LEU B 217 10.65 -1.08 17.36
C LEU B 217 10.96 0.17 16.54
N GLY B 218 9.97 0.67 15.78
CA GLY B 218 10.17 1.83 14.95
C GLY B 218 10.98 1.57 13.70
N TYR B 219 11.19 0.31 13.35
CA TYR B 219 12.04 -0.09 12.24
C TYR B 219 11.18 -0.71 11.14
N GLY B 220 11.81 -1.04 10.03
CA GLY B 220 11.08 -1.64 8.94
C GLY B 220 11.95 -2.62 8.18
N PHE B 221 11.56 -2.97 6.94
CA PHE B 221 12.32 -3.94 6.17
C PHE B 221 13.78 -3.53 6.12
N GLY B 222 14.66 -4.52 6.31
CA GLY B 222 16.08 -4.30 6.22
C GLY B 222 16.75 -3.95 7.54
N ASP B 223 15.96 -3.68 8.58
CA ASP B 223 16.49 -3.31 9.88
C ASP B 223 16.69 -4.49 10.83
N GLU B 224 16.44 -5.72 10.36
CA GLU B 224 16.54 -6.88 11.24
C GLU B 224 17.89 -6.94 11.94
N TYR B 225 18.96 -6.62 11.20
CA TYR B 225 20.29 -6.63 11.80
C TYR B 225 20.41 -5.61 12.93
N LYS B 226 19.73 -4.47 12.82
CA LYS B 226 19.70 -3.52 13.94
C LYS B 226 19.02 -4.14 15.15
N VAL B 227 17.87 -4.79 14.94
CA VAL B 227 17.19 -5.46 16.05
C VAL B 227 18.09 -6.53 16.67
N MET B 228 18.79 -7.29 15.83
CA MET B 228 19.71 -8.29 16.36
C MET B 228 20.83 -7.64 17.16
N GLY B 229 21.36 -6.51 16.66
CA GLY B 229 22.37 -5.77 17.40
C GLY B 229 21.85 -5.29 18.75
N LEU B 230 20.57 -4.92 18.82
CA LEU B 230 20.02 -4.40 20.06
C LEU B 230 19.84 -5.50 21.10
N ALA B 231 19.46 -6.70 20.68
CA ALA B 231 18.99 -7.74 21.60
C ALA B 231 19.88 -8.04 22.81
N PRO B 232 21.23 -8.05 22.71
CA PRO B 232 22.03 -8.33 23.92
C PRO B 232 21.88 -7.29 25.03
N TRP B 233 21.38 -6.10 24.73
CA TRP B 233 21.16 -5.06 25.73
C TRP B 233 19.92 -5.29 26.57
N GLY B 234 19.10 -6.29 26.21
CA GLY B 234 17.81 -6.49 26.84
C GLY B 234 17.80 -7.77 27.65
N ASN B 235 16.76 -7.88 28.48
CA ASN B 235 16.54 -9.06 29.30
C ASN B 235 15.47 -9.92 28.65
N PRO B 236 15.79 -11.14 28.20
CA PRO B 236 14.78 -11.98 27.53
C PRO B 236 13.71 -12.52 28.47
N GLU B 237 13.86 -12.35 29.77
CA GLU B 237 12.84 -12.85 30.69
C GLU B 237 11.54 -12.05 30.61
N THR B 238 11.65 -10.75 30.31
CA THR B 238 10.51 -9.85 30.48
C THR B 238 9.32 -10.28 29.64
N TYR B 239 9.55 -10.57 28.35
CA TYR B 239 8.48 -10.90 27.43
C TYR B 239 8.51 -12.36 27.01
N ARG B 240 9.23 -13.21 27.74
CA ARG B 240 9.33 -14.62 27.36
C ARG B 240 7.96 -15.28 27.35
N ASP B 241 7.16 -15.05 28.40
CA ASP B 241 5.83 -15.66 28.47
C ASP B 241 4.86 -15.08 27.45
N THR B 242 5.08 -13.85 26.98
CA THR B 242 4.23 -13.30 25.94
C THR B 242 4.51 -13.98 24.60
N PHE B 243 5.78 -14.07 24.20
CA PHE B 243 6.14 -14.76 22.98
C PHE B 243 5.73 -16.24 23.02
N ALA B 244 5.74 -16.85 24.21
CA ALA B 244 5.30 -18.24 24.35
C ALA B 244 3.89 -18.45 23.81
N LYS B 245 3.03 -17.43 23.89
CA LYS B 245 1.68 -17.51 23.36
C LYS B 245 1.63 -17.45 21.84
N LEU B 246 2.73 -17.10 21.17
CA LEU B 246 2.73 -16.95 19.72
C LEU B 246 3.29 -18.16 18.98
N TYR B 247 3.97 -19.07 19.66
CA TYR B 247 4.45 -20.29 19.04
C TYR B 247 4.30 -21.44 20.03
N THR B 248 4.25 -22.66 19.50
CA THR B 248 4.40 -23.87 20.30
C THR B 248 5.28 -24.88 19.56
N LEU B 249 6.29 -25.37 20.26
CA LEU B 249 7.14 -26.43 19.72
C LEU B 249 6.40 -27.76 19.83
N GLN B 250 6.52 -28.59 18.80
CA GLN B 250 5.80 -29.85 18.73
C GLN B 250 6.76 -30.97 18.31
N ASP B 251 6.23 -32.20 18.30
CA ASP B 251 7.06 -33.38 18.07
C ASP B 251 7.59 -33.41 16.64
N ASN B 252 8.67 -34.17 16.46
CA ASN B 252 9.30 -34.38 15.16
C ASN B 252 9.78 -33.07 14.56
N GLY B 253 10.31 -32.19 15.40
CA GLY B 253 10.85 -30.93 14.89
C GLY B 253 9.82 -30.03 14.24
N GLU B 254 8.55 -30.19 14.61
CA GLU B 254 7.48 -29.31 14.15
C GLU B 254 7.31 -28.14 15.11
N TYR B 255 6.65 -27.09 14.61
CA TYR B 255 6.22 -25.98 15.44
C TYR B 255 5.00 -25.36 14.76
N GLU B 256 4.26 -24.56 15.53
CA GLU B 256 3.17 -23.75 15.02
C GLU B 256 3.39 -22.31 15.45
N LEU B 257 3.01 -21.38 14.57
CA LEU B 257 2.87 -19.96 14.91
C LEU B 257 1.39 -19.64 14.95
N HIS B 258 0.97 -18.83 15.91
CA HIS B 258 -0.45 -18.61 16.15
C HIS B 258 -0.85 -17.25 15.61
N GLY B 259 -1.60 -17.26 14.50
CA GLY B 259 -1.96 -16.05 13.80
C GLY B 259 -3.18 -15.38 14.41
N ASN B 260 -3.72 -14.44 13.64
CA ASN B 260 -4.93 -13.75 14.04
C ASN B 260 -5.64 -13.28 12.78
N ILE B 261 -6.89 -12.86 12.94
CA ILE B 261 -7.69 -12.41 11.81
C ILE B 261 -7.74 -10.90 11.71
N MET B 262 -7.10 -10.18 12.62
CA MET B 262 -7.28 -8.74 12.72
C MET B 262 -6.33 -7.97 11.82
N VAL B 263 -5.04 -8.32 11.83
CA VAL B 263 -4.06 -7.53 11.08
C VAL B 263 -3.00 -8.45 10.50
N PRO B 264 -2.42 -8.03 9.36
CA PRO B 264 -1.28 -8.78 8.81
C PRO B 264 -0.01 -8.57 9.61
N ASN B 265 -0.06 -8.94 10.89
CA ASN B 265 1.13 -8.88 11.73
C ASN B 265 0.89 -9.84 12.88
N LEU B 266 1.75 -10.86 12.97
CA LEU B 266 1.58 -11.91 13.97
C LEU B 266 1.71 -11.37 15.39
N VAL B 267 2.49 -10.30 15.55
CA VAL B 267 3.00 -9.97 16.87
C VAL B 267 2.25 -8.79 17.47
N SER B 268 1.84 -7.84 16.63
CA SER B 268 1.32 -6.58 17.18
C SER B 268 0.06 -6.74 18.01
N PRO B 269 -0.94 -7.57 17.65
CA PRO B 269 -2.18 -7.59 18.45
C PRO B 269 -1.98 -8.01 19.89
N LEU B 270 -1.20 -9.07 20.15
CA LEU B 270 -1.01 -9.49 21.54
C LEU B 270 -0.24 -8.44 22.32
N PHE B 271 0.83 -7.90 21.74
CA PHE B 271 1.62 -6.92 22.48
C PHE B 271 0.85 -5.63 22.73
N TYR B 272 -0.06 -5.25 21.83
CA TYR B 272 -0.94 -4.12 22.14
C TYR B 272 -1.80 -4.44 23.35
N ALA B 273 -2.37 -5.65 23.40
CA ALA B 273 -3.29 -6.01 24.47
C ALA B 273 -2.60 -6.03 25.84
N GLU B 274 -1.27 -6.07 25.86
CA GLU B 274 -0.52 -6.09 27.10
C GLU B 274 0.17 -4.76 27.40
N GLY B 275 -0.17 -3.70 26.68
CA GLY B 275 0.31 -2.37 26.98
C GLY B 275 1.63 -1.98 26.34
N PHE B 276 2.17 -2.80 25.44
CA PHE B 276 3.43 -2.43 24.80
C PHE B 276 3.23 -1.22 23.90
N ARG B 277 4.23 -0.34 23.86
CA ARG B 277 4.15 0.92 23.12
C ARG B 277 5.17 0.92 22.00
N PRO B 278 4.76 0.75 20.75
CA PRO B 278 5.73 0.74 19.63
C PRO B 278 6.53 2.03 19.54
N ARG B 279 7.85 1.88 19.34
CA ARG B 279 8.75 3.04 19.37
C ARG B 279 8.45 3.98 18.21
N ARG B 280 8.43 5.29 18.50
CA ARG B 280 8.18 6.29 17.48
C ARG B 280 9.49 6.79 16.86
N LYS B 281 9.39 7.32 15.64
CA LYS B 281 10.55 7.83 14.91
C LYS B 281 11.29 8.84 15.78
N GLY B 282 12.61 8.65 15.88
CA GLY B 282 13.46 9.55 16.65
C GLY B 282 13.40 9.37 18.15
N GLU B 283 12.53 8.50 18.65
CA GLU B 283 12.44 8.23 20.07
C GLU B 283 13.60 7.35 20.52
N PRO B 284 13.93 7.37 21.81
CA PRO B 284 14.95 6.46 22.32
C PRO B 284 14.40 5.06 22.57
N PHE B 285 15.31 4.10 22.67
CA PHE B 285 14.96 2.71 22.91
C PHE B 285 14.81 2.48 24.42
N THR B 286 13.58 2.28 24.88
CA THR B 286 13.35 2.10 26.31
C THR B 286 13.80 0.70 26.72
N GLN B 287 13.72 0.42 28.03
CA GLN B 287 14.07 -0.92 28.50
C GLN B 287 13.05 -1.94 28.03
N ALA B 288 11.80 -1.51 27.86
CA ALA B 288 10.80 -2.35 27.22
C ALA B 288 11.25 -2.75 25.81
N HIS B 289 11.68 -1.75 25.03
CA HIS B 289 12.12 -2.01 23.66
C HIS B 289 13.32 -2.94 23.62
N ARG B 290 14.33 -2.66 24.45
CA ARG B 290 15.51 -3.53 24.51
C ARG B 290 15.12 -4.97 24.89
N ASP B 291 14.25 -5.14 25.88
CA ASP B 291 13.86 -6.48 26.30
C ASP B 291 13.05 -7.20 25.22
N PHE B 292 12.20 -6.46 24.52
CA PHE B 292 11.46 -7.02 23.39
C PHE B 292 12.42 -7.61 22.35
N ALA B 293 13.42 -6.84 21.95
CA ALA B 293 14.42 -7.36 21.02
C ALA B 293 15.07 -8.63 21.57
N ALA B 294 15.40 -8.63 22.85
CA ALA B 294 16.06 -9.80 23.44
C ALA B 294 15.15 -11.02 23.41
N ALA B 295 13.87 -10.84 23.74
CA ALA B 295 12.96 -11.98 23.75
C ALA B 295 12.64 -12.46 22.34
N LEU B 296 12.56 -11.54 21.37
CA LEU B 296 12.33 -11.93 19.98
C LEU B 296 13.46 -12.81 19.46
N GLN B 297 14.71 -12.38 19.72
CA GLN B 297 15.87 -13.12 19.25
C GLN B 297 15.95 -14.50 19.89
N GLU B 298 15.69 -14.59 21.20
CA GLU B 298 15.68 -15.88 21.87
C GLU B 298 14.57 -16.79 21.35
N THR B 299 13.43 -16.22 20.95
CA THR B 299 12.35 -17.03 20.39
C THR B 299 12.78 -17.72 19.10
N VAL B 300 13.27 -16.94 18.14
CA VAL B 300 13.68 -17.51 16.85
C VAL B 300 14.81 -18.51 17.06
N GLU B 301 15.69 -18.25 18.01
CA GLU B 301 16.75 -19.21 18.30
C GLU B 301 16.16 -20.54 18.78
N LYS B 302 15.19 -20.49 19.69
CA LYS B 302 14.66 -21.73 20.26
C LYS B 302 13.97 -22.56 19.19
N ILE B 303 13.26 -21.90 18.28
CA ILE B 303 12.54 -22.63 17.25
C ILE B 303 13.52 -23.28 16.28
N VAL B 304 14.55 -22.54 15.86
CA VAL B 304 15.48 -23.09 14.86
C VAL B 304 16.31 -24.22 15.46
N LEU B 305 16.72 -24.08 16.72
CA LEU B 305 17.43 -25.17 17.37
C LEU B 305 16.50 -26.36 17.58
N HIS B 306 15.21 -26.11 17.81
CA HIS B 306 14.24 -27.21 17.85
C HIS B 306 14.21 -27.94 16.51
N ILE B 307 14.20 -27.19 15.41
CA ILE B 307 14.21 -27.81 14.09
C ILE B 307 15.49 -28.62 13.89
N LEU B 308 16.65 -28.00 14.20
CA LEU B 308 17.93 -28.60 13.87
C LEU B 308 18.28 -29.78 14.78
N GLU B 309 17.86 -29.75 16.05
CA GLU B 309 18.07 -30.91 16.92
C GLU B 309 17.35 -32.13 16.37
N TYR B 310 16.12 -31.96 15.88
CA TYR B 310 15.40 -33.08 15.32
C TYR B 310 16.07 -33.57 14.04
N TRP B 311 16.39 -32.66 13.13
CA TRP B 311 16.88 -33.10 11.83
C TRP B 311 18.34 -33.50 11.86
N ALA B 312 19.13 -33.03 12.83
CA ALA B 312 20.45 -33.62 13.04
C ALA B 312 20.33 -35.08 13.43
N LYS B 313 19.50 -35.37 14.43
CA LYS B 313 19.36 -36.74 14.93
C LYS B 313 18.75 -37.64 13.86
N THR B 314 17.68 -37.17 13.22
CA THR B 314 16.95 -37.98 12.25
C THR B 314 17.79 -38.25 11.00
N SER B 315 18.51 -37.25 10.50
CA SER B 315 19.28 -37.47 9.28
C SER B 315 20.61 -38.16 9.56
N GLY B 316 21.12 -38.04 10.77
CA GLY B 316 22.39 -38.60 11.15
C GLY B 316 23.58 -37.78 10.71
N HIS B 317 23.37 -36.63 10.09
CA HIS B 317 24.45 -35.92 9.43
C HIS B 317 25.24 -35.04 10.40
N SER B 318 26.53 -34.88 10.10
CA SER B 318 27.42 -34.05 10.91
C SER B 318 27.75 -32.70 10.30
N ARG B 319 27.36 -32.45 9.05
CA ARG B 319 27.63 -31.20 8.36
C ARG B 319 26.32 -30.46 8.07
N LEU B 320 26.31 -29.14 8.27
CA LEU B 320 25.14 -28.31 8.00
C LEU B 320 25.50 -27.13 7.11
N CYS B 321 24.71 -26.92 6.05
CA CYS B 321 24.67 -25.65 5.34
C CYS B 321 23.37 -24.96 5.71
N PHE B 322 23.45 -23.65 5.95
CA PHE B 322 22.29 -22.87 6.39
C PHE B 322 22.14 -21.69 5.45
N GLY B 323 20.99 -21.62 4.75
CA GLY B 323 20.70 -20.57 3.81
C GLY B 323 19.33 -19.97 4.07
N GLY B 324 18.93 -19.08 3.16
CA GLY B 324 17.78 -18.23 3.39
C GLY B 324 18.14 -16.97 4.17
N GLY B 325 17.32 -15.93 4.01
CA GLY B 325 17.59 -14.66 4.66
C GLY B 325 17.77 -14.77 6.16
N VAL B 326 17.08 -15.72 6.80
CA VAL B 326 17.23 -15.89 8.24
C VAL B 326 18.67 -16.23 8.60
N ALA B 327 19.42 -16.85 7.69
CA ALA B 327 20.81 -17.22 7.99
C ALA B 327 21.76 -16.01 7.98
N HIS B 328 21.26 -14.79 7.82
CA HIS B 328 22.04 -13.62 8.14
C HIS B 328 21.90 -13.21 9.61
N ASN B 329 21.19 -14.01 10.40
CA ASN B 329 21.15 -13.81 11.86
C ASN B 329 22.39 -14.47 12.45
N SER B 330 23.50 -13.72 12.42
CA SER B 330 24.78 -14.27 12.88
C SER B 330 24.74 -14.69 14.35
N SER B 331 23.90 -14.05 15.17
CA SER B 331 23.76 -14.52 16.55
C SER B 331 23.16 -15.92 16.58
N LEU B 332 22.14 -16.16 15.74
CA LEU B 332 21.59 -17.51 15.65
C LEU B 332 22.65 -18.48 15.15
N ASN B 333 23.43 -18.08 14.13
CA ASN B 333 24.45 -18.96 13.58
C ASN B 333 25.50 -19.30 14.65
N GLY B 334 25.85 -18.32 15.48
CA GLY B 334 26.76 -18.59 16.58
C GLY B 334 26.21 -19.61 17.56
N LEU B 335 24.88 -19.58 17.79
CA LEU B 335 24.26 -20.58 18.64
C LEU B 335 24.23 -21.94 17.97
N ILE B 336 23.98 -21.99 16.66
CA ILE B 336 24.08 -23.26 15.93
C ILE B 336 25.49 -23.81 16.04
N LEU B 337 26.50 -22.93 15.86
CA LEU B 337 27.90 -23.36 15.91
C LEU B 337 28.22 -24.00 17.26
N LYS B 338 27.79 -23.38 18.36
CA LYS B 338 28.13 -23.86 19.69
C LYS B 338 27.25 -24.99 20.17
N SER B 339 26.19 -25.34 19.44
CA SER B 339 25.25 -26.35 19.94
C SER B 339 25.87 -27.74 20.02
N GLY B 340 26.94 -28.00 19.28
CA GLY B 340 27.46 -29.35 19.21
C GLY B 340 26.65 -30.29 18.36
N LEU B 341 25.61 -29.79 17.66
CA LEU B 341 24.83 -30.65 16.80
C LEU B 341 25.60 -31.05 15.55
N PHE B 342 26.58 -30.26 15.13
CA PHE B 342 27.27 -30.51 13.88
C PHE B 342 28.77 -30.40 14.09
N ASP B 343 29.53 -31.04 13.21
CA ASP B 343 30.98 -30.82 13.23
C ASP B 343 31.41 -29.68 12.33
N GLU B 344 30.68 -29.44 11.24
CA GLU B 344 30.95 -28.35 10.33
C GLU B 344 29.66 -27.61 10.02
N VAL B 345 29.77 -26.30 9.86
CA VAL B 345 28.66 -25.45 9.45
C VAL B 345 29.17 -24.46 8.42
N PHE B 346 28.45 -24.31 7.31
CA PHE B 346 28.80 -23.35 6.28
C PHE B 346 27.62 -22.44 5.99
N VAL B 347 27.91 -21.14 5.82
CA VAL B 347 26.91 -20.12 5.49
C VAL B 347 27.50 -19.21 4.41
N HIS B 348 26.70 -18.97 3.36
CA HIS B 348 27.12 -18.23 2.18
C HIS B 348 27.16 -16.72 2.50
N PRO B 349 28.07 -15.96 1.88
CA PRO B 349 28.07 -14.50 2.11
C PRO B 349 26.75 -13.83 1.74
N ALA B 350 26.06 -14.31 0.71
CA ALA B 350 24.77 -13.75 0.29
C ALA B 350 23.71 -14.83 0.44
N SER B 351 23.19 -14.97 1.65
CA SER B 351 22.17 -15.97 1.98
C SER B 351 20.75 -15.46 1.76
N HIS B 352 20.56 -14.15 1.56
CA HIS B 352 19.27 -13.58 1.19
C HIS B 352 18.98 -13.81 -0.28
N ASP B 353 18.03 -13.06 -0.86
CA ASP B 353 17.55 -13.41 -2.19
C ASP B 353 18.59 -13.24 -3.31
N ALA B 354 19.61 -12.39 -3.13
CA ALA B 354 20.67 -12.36 -4.13
C ALA B 354 21.37 -13.71 -4.25
N GLY B 355 21.45 -14.44 -3.13
CA GLY B 355 21.98 -15.79 -3.19
C GLY B 355 21.07 -16.77 -3.90
N ALA B 356 19.75 -16.66 -3.67
CA ALA B 356 18.81 -17.44 -4.47
C ALA B 356 18.94 -17.11 -5.96
N GLY B 357 19.28 -15.86 -6.27
CA GLY B 357 19.58 -15.51 -7.66
C GLY B 357 20.73 -16.32 -8.22
N GLU B 358 21.82 -16.46 -7.45
CA GLU B 358 22.93 -17.29 -7.89
C GLU B 358 22.51 -18.75 -8.00
N GLY B 359 21.97 -19.31 -6.91
CA GLY B 359 21.44 -20.67 -6.95
C GLY B 359 20.57 -20.96 -8.16
N ALA B 360 19.78 -19.99 -8.60
CA ALA B 360 18.93 -20.23 -9.76
C ALA B 360 19.74 -20.49 -11.02
N ALA B 361 20.93 -19.88 -11.14
CA ALA B 361 21.81 -20.20 -12.27
C ALA B 361 22.19 -21.67 -12.25
N TYR B 362 22.61 -22.18 -11.09
CA TYR B 362 22.98 -23.59 -10.99
C TYR B 362 21.78 -24.50 -11.28
N ALA B 363 20.59 -24.14 -10.76
CA ALA B 363 19.41 -24.96 -11.05
C ALA B 363 19.04 -24.91 -12.52
N ALA B 364 19.32 -23.80 -13.20
CA ALA B 364 19.04 -23.78 -14.62
C ALA B 364 19.98 -24.70 -15.37
N ALA B 365 21.25 -24.75 -14.96
CA ALA B 365 22.20 -25.65 -15.62
C ALA B 365 21.86 -27.11 -15.33
N ALA B 366 21.46 -27.41 -14.09
CA ALA B 366 21.04 -28.77 -13.75
C ALA B 366 19.83 -29.20 -14.58
N SER B 367 18.88 -28.30 -14.81
CA SER B 367 17.74 -28.63 -15.64
C SER B 367 18.16 -28.97 -17.06
N LEU B 368 19.34 -28.54 -17.50
CA LEU B 368 19.78 -28.75 -18.88
C LEU B 368 21.03 -29.61 -18.94
N GLY B 369 21.03 -30.75 -18.25
CA GLY B 369 22.15 -31.67 -18.25
C GLY B 369 22.85 -31.71 -16.90
N THR B 370 23.95 -32.45 -16.87
CA THR B 370 24.70 -32.65 -15.63
C THR B 370 25.28 -31.31 -15.15
N LEU B 371 25.35 -31.18 -13.83
CA LEU B 371 25.62 -29.91 -13.18
C LEU B 371 27.10 -29.83 -12.83
N GLU B 372 27.77 -28.79 -13.31
CA GLU B 372 29.14 -28.48 -12.93
C GLU B 372 29.09 -27.59 -11.69
N ARG B 373 29.89 -27.92 -10.69
CA ARG B 373 29.86 -27.32 -9.37
C ARG B 373 31.21 -26.71 -9.00
N PRO B 374 31.28 -25.85 -7.98
CA PRO B 374 32.57 -25.30 -7.56
C PRO B 374 33.48 -26.37 -6.98
N GLY B 375 34.78 -26.22 -7.24
CA GLY B 375 35.73 -27.22 -6.79
C GLY B 375 36.15 -27.08 -5.35
N LYS B 376 35.96 -25.91 -4.74
CA LYS B 376 36.45 -25.68 -3.39
C LYS B 376 35.48 -24.77 -2.63
N ARG B 377 35.65 -24.76 -1.31
CA ARG B 377 34.84 -23.88 -0.49
C ARG B 377 35.08 -22.42 -0.85
N LEU B 378 33.99 -21.67 -0.95
CA LEU B 378 34.10 -20.25 -1.24
C LEU B 378 34.79 -19.51 -0.09
N LEU B 379 35.84 -18.76 -0.43
CA LEU B 379 36.59 -18.00 0.56
C LEU B 379 36.50 -16.49 0.38
N SER B 380 36.29 -16.01 -0.84
CA SER B 380 36.23 -14.58 -1.07
C SER B 380 34.90 -14.21 -1.71
N ALA B 381 34.29 -13.14 -1.21
CA ALA B 381 33.08 -12.57 -1.76
C ALA B 381 33.34 -11.40 -2.70
N SER B 382 34.60 -11.18 -3.07
CA SER B 382 35.03 -10.06 -3.93
C SER B 382 34.65 -10.38 -5.37
N LEU B 383 33.45 -10.00 -5.78
CA LEU B 383 32.95 -10.52 -7.04
C LEU B 383 32.24 -9.49 -7.90
N GLY B 384 31.94 -8.29 -7.39
CA GLY B 384 31.36 -7.26 -8.20
C GLY B 384 32.38 -6.58 -9.11
N PRO B 385 32.00 -5.45 -9.69
CA PRO B 385 32.95 -4.71 -10.53
C PRO B 385 34.10 -4.17 -9.70
N ALA B 386 35.25 -4.04 -10.35
CA ALA B 386 36.43 -3.47 -9.71
C ALA B 386 36.30 -1.94 -9.75
N LEU B 387 37.35 -1.22 -9.32
CA LEU B 387 37.35 0.23 -9.39
C LEU B 387 37.93 0.76 -10.69
N GLY B 388 38.76 -0.02 -11.37
CA GLY B 388 39.40 0.38 -12.61
C GLY B 388 40.90 0.21 -12.55
N GLY B 389 41.55 0.40 -13.72
CA GLY B 389 43.00 0.33 -13.79
C GLY B 389 43.69 1.57 -13.22
N ARG B 390 44.99 1.45 -12.93
CA ARG B 390 45.73 2.54 -12.29
C ARG B 390 45.74 3.80 -13.16
N GLU B 391 45.89 3.65 -14.47
CA GLU B 391 45.89 4.80 -15.38
C GLU B 391 44.56 5.56 -15.30
N GLN B 392 43.45 4.85 -15.45
CA GLN B 392 42.16 5.53 -15.46
C GLN B 392 41.79 6.04 -14.08
N ILE B 393 42.28 5.40 -13.01
CA ILE B 393 41.98 5.86 -11.67
C ILE B 393 42.66 7.20 -11.40
N ARG B 394 44.00 7.26 -11.56
CA ARG B 394 44.73 8.52 -11.42
C ARG B 394 44.07 9.62 -12.23
N ALA B 395 43.81 9.36 -13.52
CA ALA B 395 43.12 10.34 -14.36
C ALA B 395 41.84 10.85 -13.70
N ARG B 396 41.03 9.95 -13.13
CA ARG B 396 39.78 10.37 -12.52
C ARG B 396 39.99 11.07 -11.18
N LEU B 397 40.91 10.56 -10.34
CA LEU B 397 41.24 11.27 -9.12
C LEU B 397 41.72 12.69 -9.43
N ALA B 398 42.34 12.90 -10.58
CA ALA B 398 42.77 14.25 -10.95
C ALA B 398 41.57 15.13 -11.25
N ASP B 399 40.50 14.59 -11.88
CA ASP B 399 39.30 15.38 -12.06
C ASP B 399 38.75 15.87 -10.71
N TRP B 400 39.06 15.17 -9.63
CA TRP B 400 38.61 15.55 -8.30
C TRP B 400 39.55 16.52 -7.61
N ALA B 401 40.60 16.98 -8.30
CA ALA B 401 41.62 17.82 -7.69
C ALA B 401 41.05 18.97 -6.87
N PRO B 402 40.10 19.78 -7.35
CA PRO B 402 39.63 20.92 -6.54
C PRO B 402 39.09 20.55 -5.18
N LEU B 403 38.97 19.25 -4.86
CA LEU B 403 38.40 18.82 -3.60
C LEU B 403 39.31 17.96 -2.72
N ILE B 404 40.29 17.25 -3.30
CA ILE B 404 41.11 16.30 -2.55
C ILE B 404 42.60 16.56 -2.80
N ASP B 405 43.43 16.04 -1.90
CA ASP B 405 44.87 15.94 -2.08
C ASP B 405 45.28 14.47 -2.11
N VAL B 406 46.01 14.07 -3.14
CA VAL B 406 46.37 12.67 -3.39
C VAL B 406 47.88 12.49 -3.21
N GLU B 407 48.25 11.52 -2.37
CA GLU B 407 49.62 11.02 -2.30
C GLU B 407 49.71 9.63 -2.93
N PHE B 408 50.92 9.24 -3.32
CA PHE B 408 51.19 7.92 -3.87
C PHE B 408 52.30 7.23 -3.09
N PRO B 409 52.01 6.76 -1.86
CA PRO B 409 53.05 6.10 -1.04
C PRO B 409 53.71 4.94 -1.77
N ASP B 410 54.90 4.54 -1.32
CA ASP B 410 55.58 3.42 -1.98
C ASP B 410 54.88 2.11 -1.67
N ASP B 411 54.52 1.89 -0.39
CA ASP B 411 53.78 0.72 0.05
C ASP B 411 52.54 1.24 0.78
N ALA B 412 51.43 1.34 0.04
CA ALA B 412 50.19 1.89 0.60
C ALA B 412 49.69 1.09 1.79
N VAL B 413 49.96 -0.21 1.85
CA VAL B 413 49.55 -0.99 3.01
C VAL B 413 50.36 -0.60 4.24
N GLU B 414 51.68 -0.45 4.08
CA GLU B 414 52.53 -0.05 5.21
C GLU B 414 52.12 1.31 5.74
N THR B 415 51.97 2.29 4.85
CA THR B 415 51.53 3.60 5.28
C THR B 415 50.17 3.51 5.98
N ALA B 416 49.25 2.74 5.39
CA ALA B 416 47.91 2.60 5.98
C ALA B 416 47.99 1.95 7.36
N ALA B 417 48.84 0.91 7.49
CA ALA B 417 49.02 0.25 8.77
C ALA B 417 49.49 1.24 9.83
N GLY B 418 50.48 2.07 9.49
CA GLY B 418 50.96 3.05 10.46
C GLY B 418 49.89 4.06 10.84
N LEU B 419 49.21 4.61 9.83
CA LEU B 419 48.14 5.56 10.11
C LEU B 419 47.12 4.99 11.08
N LEU B 420 46.74 3.71 10.91
CA LEU B 420 45.81 3.09 11.84
C LEU B 420 46.43 2.94 13.23
N ALA B 421 47.71 2.58 13.29
CA ALA B 421 48.40 2.56 14.57
C ALA B 421 48.39 3.95 15.21
N GLU B 422 48.45 5.01 14.40
CA GLU B 422 48.36 6.37 14.90
C GLU B 422 46.97 6.73 15.43
N GLY B 423 45.94 5.95 15.08
CA GLY B 423 44.60 6.22 15.55
C GLY B 423 43.65 6.84 14.54
N GLN B 424 43.98 6.76 13.25
CA GLN B 424 43.11 7.31 12.22
C GLN B 424 42.05 6.28 11.81
N VAL B 425 40.97 6.78 11.22
CA VAL B 425 39.91 5.97 10.64
C VAL B 425 40.02 6.06 9.12
N LEU B 426 40.12 4.91 8.47
CA LEU B 426 40.49 4.82 7.07
C LEU B 426 39.32 4.33 6.22
N GLY B 427 39.17 4.92 5.05
CA GLY B 427 38.42 4.28 3.98
C GLY B 427 39.36 3.38 3.19
N TRP B 428 38.87 2.20 2.83
CA TRP B 428 39.68 1.15 2.23
C TRP B 428 38.90 0.56 1.06
N ALA B 429 39.26 0.96 -0.15
CA ALA B 429 38.58 0.57 -1.38
C ALA B 429 39.59 -0.08 -2.32
N TYR B 430 39.43 -1.38 -2.58
CA TYR B 430 40.37 -2.14 -3.39
C TYR B 430 39.62 -3.18 -4.20
N GLY B 431 39.86 -3.20 -5.50
CA GLY B 431 39.44 -4.33 -6.33
C GLY B 431 37.94 -4.49 -6.47
N ARG B 432 37.50 -5.74 -6.45
CA ARG B 432 36.10 -6.08 -6.74
C ARG B 432 35.27 -6.00 -5.48
N SER B 433 34.09 -5.39 -5.61
CA SER B 433 33.20 -5.20 -4.47
C SER B 433 32.62 -6.53 -3.99
N GLU B 434 32.32 -6.56 -2.69
CA GLU B 434 31.77 -7.69 -1.97
C GLU B 434 30.33 -8.01 -2.38
N PHE B 435 30.06 -9.30 -2.54
CA PHE B 435 28.72 -9.81 -2.77
C PHE B 435 28.07 -10.11 -1.42
N GLY B 436 26.83 -9.64 -1.23
CA GLY B 436 26.18 -9.78 0.06
C GLY B 436 26.48 -8.61 0.97
N PRO B 437 25.83 -8.58 2.15
CA PRO B 437 25.78 -7.34 2.94
C PRO B 437 27.08 -6.93 3.66
N ARG B 438 28.01 -7.84 3.93
CA ARG B 438 29.18 -7.52 4.75
C ARG B 438 30.32 -6.94 3.92
N ALA B 439 30.98 -5.93 4.46
CA ALA B 439 32.26 -5.45 3.93
C ALA B 439 33.39 -6.29 4.50
N LEU B 440 34.28 -6.78 3.63
CA LEU B 440 35.33 -7.72 4.05
C LEU B 440 36.72 -7.26 3.60
N GLY B 441 36.91 -5.98 3.41
CA GLY B 441 38.20 -5.45 3.01
C GLY B 441 38.31 -5.10 1.55
N HIS B 442 37.20 -4.94 0.86
CA HIS B 442 37.25 -4.41 -0.49
C HIS B 442 36.49 -3.09 -0.62
N ARG B 443 35.49 -2.87 0.24
CA ARG B 443 34.78 -1.61 0.36
C ARG B 443 34.49 -1.42 1.85
N SER B 444 35.54 -1.12 2.61
CA SER B 444 35.45 -1.13 4.07
C SER B 444 35.86 0.20 4.67
N ILE B 445 35.46 0.38 5.92
CA ILE B 445 36.01 1.40 6.79
C ILE B 445 36.66 0.67 7.95
N VAL B 446 37.93 0.99 8.23
CA VAL B 446 38.73 0.26 9.20
C VAL B 446 39.39 1.23 10.18
N ALA B 447 39.49 0.79 11.43
CA ALA B 447 40.11 1.57 12.49
C ALA B 447 40.73 0.61 13.49
N ASP B 448 41.51 1.17 14.41
CA ASP B 448 42.02 0.40 15.53
C ASP B 448 40.86 -0.23 16.29
N ALA B 449 41.03 -1.48 16.72
CA ALA B 449 39.95 -2.19 17.38
C ALA B 449 40.02 -2.14 18.90
N ARG B 450 41.07 -1.57 19.47
CA ARG B 450 41.24 -1.59 20.93
C ARG B 450 40.47 -0.53 21.70
N PRO B 451 40.45 0.74 21.29
CA PRO B 451 39.82 1.77 22.14
C PRO B 451 38.30 1.79 21.98
N GLU B 452 37.59 1.64 23.10
CA GLU B 452 36.13 1.78 23.09
C GLU B 452 35.72 3.05 22.39
N GLU B 453 36.46 4.14 22.63
CA GLU B 453 36.12 5.46 22.08
C GLU B 453 35.76 5.39 20.60
N ASN B 454 36.42 4.51 19.85
CA ASN B 454 36.14 4.40 18.42
C ASN B 454 34.70 4.00 18.12
N ARG B 455 33.98 3.44 19.10
CA ARG B 455 32.59 3.02 18.90
C ARG B 455 31.70 4.25 18.68
N THR B 456 31.57 5.09 19.71
CA THR B 456 30.75 6.28 19.54
C THR B 456 31.36 7.25 18.54
N ARG B 457 32.69 7.23 18.39
CA ARG B 457 33.36 8.11 17.42
C ARG B 457 32.97 7.76 15.99
N ILE B 458 32.90 6.47 15.67
CA ILE B 458 32.53 6.08 14.32
C ILE B 458 31.01 5.99 14.15
N ASN B 459 30.30 5.47 15.16
CA ASN B 459 28.85 5.38 15.07
C ASN B 459 28.23 6.76 14.92
N ALA B 460 28.44 7.62 15.92
CA ALA B 460 27.71 8.88 15.95
C ALA B 460 28.24 9.87 14.94
N MET B 461 29.56 9.99 14.80
CA MET B 461 30.10 11.09 14.01
C MET B 461 30.17 10.75 12.52
N VAL B 462 30.92 9.72 12.16
CA VAL B 462 31.24 9.52 10.75
C VAL B 462 30.17 8.67 10.04
N LYS B 463 29.64 7.64 10.70
CA LYS B 463 28.60 6.79 10.12
C LYS B 463 27.18 7.21 10.49
N LYS B 464 27.03 8.09 11.49
CA LYS B 464 25.75 8.68 11.87
C LYS B 464 24.67 7.59 12.02
N ARG B 465 24.89 6.70 12.98
CA ARG B 465 23.87 5.71 13.32
C ARG B 465 23.76 5.57 14.84
N GLU B 466 22.93 4.63 15.32
CA GLU B 466 22.64 4.52 16.74
C GLU B 466 23.85 3.99 17.52
N GLY B 467 23.91 4.32 18.82
CA GLY B 467 25.08 4.00 19.62
C GLY B 467 25.20 2.55 20.07
N PHE B 468 24.07 1.87 20.24
CA PHE B 468 24.13 0.48 20.70
C PHE B 468 24.78 -0.45 19.68
N ARG B 469 24.80 -0.05 18.41
CA ARG B 469 25.37 -0.80 17.30
C ARG B 469 26.84 -1.13 17.58
N PRO B 470 27.16 -2.41 17.80
CA PRO B 470 28.57 -2.79 17.94
C PRO B 470 29.26 -2.86 16.58
N PHE B 471 30.58 -3.03 16.62
CA PHE B 471 31.37 -3.08 15.41
C PHE B 471 32.03 -4.44 15.29
N ALA B 472 32.28 -4.84 14.05
CA ALA B 472 32.79 -6.18 13.80
C ALA B 472 34.31 -6.16 13.67
N PRO B 473 34.98 -7.12 14.31
CA PRO B 473 36.43 -7.27 14.13
C PRO B 473 36.85 -8.17 12.99
N VAL B 474 37.98 -7.82 12.38
CA VAL B 474 38.70 -8.69 11.45
C VAL B 474 40.03 -9.06 12.09
N VAL B 475 40.38 -10.35 12.03
CA VAL B 475 41.61 -10.88 12.63
C VAL B 475 42.26 -11.81 11.62
N THR B 476 43.59 -11.95 11.73
CA THR B 476 44.30 -12.87 10.85
C THR B 476 43.96 -14.30 11.27
N ALA B 477 44.02 -15.21 10.30
CA ALA B 477 43.83 -16.63 10.59
C ALA B 477 44.80 -17.12 11.66
N GLU B 478 46.04 -16.62 11.63
CA GLU B 478 47.09 -17.10 12.53
C GLU B 478 46.82 -16.71 13.98
N ALA B 479 46.21 -15.56 14.20
CA ALA B 479 45.94 -15.07 15.55
C ALA B 479 44.51 -15.31 16.01
N ALA B 480 43.65 -15.80 15.13
CA ALA B 480 42.21 -15.86 15.41
C ALA B 480 41.92 -16.48 16.77
N ARG B 481 42.53 -17.64 17.06
CA ARG B 481 42.23 -18.35 18.31
C ARG B 481 42.92 -17.77 19.53
N ASP B 482 43.80 -16.78 19.37
CA ASP B 482 44.34 -16.07 20.52
C ASP B 482 43.37 -15.03 21.07
N TYR B 483 42.27 -14.77 20.36
CA TYR B 483 41.35 -13.70 20.73
C TYR B 483 39.91 -14.18 20.78
N PHE B 484 39.52 -15.11 19.91
CA PHE B 484 38.13 -15.53 19.79
C PHE B 484 37.95 -17.03 20.03
N ASP B 485 36.79 -17.39 20.57
CA ASP B 485 36.39 -18.78 20.82
C ASP B 485 35.56 -19.30 19.65
N LEU B 486 36.22 -20.03 18.74
CA LEU B 486 35.57 -20.57 17.56
C LEU B 486 35.02 -22.00 17.76
N SER B 487 35.03 -22.51 18.99
CA SER B 487 34.74 -23.90 19.29
C SER B 487 33.28 -24.26 19.01
N GLY B 488 32.93 -25.52 19.30
CA GLY B 488 31.61 -26.07 19.09
C GLY B 488 31.42 -26.75 17.74
N ALA B 489 32.21 -26.35 16.74
CA ALA B 489 32.25 -26.94 15.40
C ALA B 489 33.19 -26.10 14.55
N ASP B 490 33.42 -26.52 13.32
CA ASP B 490 34.28 -25.79 12.41
C ASP B 490 33.36 -25.03 11.44
N GLY B 491 33.11 -23.75 11.76
CA GLY B 491 32.36 -22.88 10.88
C GLY B 491 33.27 -22.01 10.02
N ASN B 492 32.73 -21.52 8.91
CA ASN B 492 33.49 -20.66 8.01
C ASN B 492 33.34 -19.21 8.47
N HIS B 493 34.48 -18.53 8.67
CA HIS B 493 34.45 -17.17 9.21
C HIS B 493 34.97 -16.12 8.24
N GLU B 494 35.13 -16.47 6.96
CA GLU B 494 35.59 -15.47 6.01
C GLU B 494 34.56 -14.38 5.76
N PHE B 495 33.31 -14.57 6.17
CA PHE B 495 32.25 -13.64 5.79
C PHE B 495 31.50 -13.06 6.99
N MET B 496 32.03 -13.19 8.21
CA MET B 496 31.36 -12.74 9.44
C MET B 496 29.98 -13.37 9.62
N SER B 497 29.80 -14.62 9.18
CA SER B 497 28.53 -15.31 9.34
C SER B 497 28.24 -15.67 10.79
N PHE B 498 29.26 -15.79 11.63
CA PHE B 498 29.09 -16.34 12.97
C PHE B 498 29.46 -15.31 14.02
N VAL B 499 28.62 -15.19 15.03
CA VAL B 499 28.95 -14.49 16.25
C VAL B 499 29.60 -15.51 17.19
N VAL B 500 30.76 -15.16 17.73
CA VAL B 500 31.51 -16.05 18.62
C VAL B 500 31.91 -15.26 19.86
N PRO B 501 32.07 -15.90 21.02
CA PRO B 501 32.53 -15.14 22.20
C PRO B 501 33.96 -14.68 22.01
N VAL B 502 34.25 -13.48 22.54
CA VAL B 502 35.62 -13.01 22.67
C VAL B 502 36.15 -13.55 24.00
N LEU B 503 37.36 -14.11 23.97
CA LEU B 503 37.90 -14.74 25.17
C LEU B 503 37.98 -13.71 26.28
N PRO B 504 37.57 -14.06 27.51
CA PRO B 504 37.49 -13.05 28.58
C PRO B 504 38.77 -12.24 28.76
N GLU B 505 39.93 -12.88 28.68
CA GLU B 505 41.23 -12.22 28.86
C GLU B 505 41.58 -11.29 27.70
N ARG B 506 40.72 -11.17 26.69
CA ARG B 506 40.94 -10.24 25.60
C ARG B 506 39.84 -9.19 25.52
N ARG B 507 38.80 -9.30 26.35
CA ARG B 507 37.65 -8.40 26.23
C ARG B 507 38.07 -6.95 26.37
N THR B 508 38.70 -6.59 27.49
CA THR B 508 39.10 -5.20 27.68
C THR B 508 40.12 -4.76 26.64
N GLU B 509 40.96 -5.66 26.15
CA GLU B 509 41.89 -5.30 25.09
C GLU B 509 41.17 -4.90 23.81
N LEU B 510 40.06 -5.59 23.48
CA LEU B 510 39.27 -5.29 22.28
C LEU B 510 38.02 -4.50 22.66
N GLY B 511 38.24 -3.24 23.02
CA GLY B 511 37.18 -2.40 23.57
C GLY B 511 36.16 -1.92 22.55
N ALA B 512 36.53 -1.87 21.27
CA ALA B 512 35.63 -1.36 20.25
C ALA B 512 34.79 -2.44 19.57
N VAL B 513 35.21 -3.69 19.59
CA VAL B 513 34.57 -4.74 18.79
C VAL B 513 33.97 -5.82 19.68
N THR B 514 33.78 -5.54 20.96
CA THR B 514 33.26 -6.51 21.91
C THR B 514 31.89 -6.03 22.37
N HIS B 515 30.87 -6.86 22.17
CA HIS B 515 29.51 -6.51 22.54
C HIS B 515 29.34 -6.64 24.06
N VAL B 516 28.15 -6.31 24.55
CA VAL B 516 27.86 -6.33 25.98
C VAL B 516 27.91 -7.74 26.55
N ASP B 517 27.58 -8.74 25.74
CA ASP B 517 27.67 -10.13 26.15
C ASP B 517 29.00 -10.76 25.77
N GLY B 518 30.00 -9.93 25.45
CA GLY B 518 31.34 -10.42 25.17
C GLY B 518 31.52 -11.12 23.84
N THR B 519 30.66 -10.88 22.87
CA THR B 519 30.68 -11.59 21.60
C THR B 519 31.05 -10.64 20.47
N ALA B 520 31.33 -11.23 19.30
CA ALA B 520 31.75 -10.42 18.15
C ALA B 520 31.49 -11.20 16.86
N ARG B 521 31.11 -10.45 15.82
CA ARG B 521 30.86 -10.97 14.48
C ARG B 521 32.16 -10.98 13.69
N VAL B 522 33.01 -11.97 13.96
CA VAL B 522 34.40 -11.88 13.52
C VAL B 522 34.56 -12.32 12.08
N GLN B 523 35.32 -11.54 11.31
CA GLN B 523 35.91 -12.00 10.07
C GLN B 523 37.29 -12.54 10.38
N VAL B 524 37.61 -13.72 9.88
CA VAL B 524 38.95 -14.28 9.97
C VAL B 524 39.55 -14.23 8.57
N VAL B 525 40.50 -13.34 8.37
CA VAL B 525 41.10 -13.13 7.05
C VAL B 525 42.37 -13.97 6.94
N SER B 526 42.62 -14.48 5.75
CA SER B 526 43.79 -15.29 5.46
C SER B 526 44.42 -14.76 4.17
N ALA B 527 45.65 -15.18 3.90
CA ALA B 527 46.24 -14.88 2.60
C ALA B 527 45.43 -15.48 1.47
N GLU B 528 44.60 -16.49 1.76
CA GLU B 528 43.73 -17.11 0.76
C GLU B 528 42.48 -16.27 0.53
N SER B 529 41.80 -15.87 1.62
CA SER B 529 40.52 -15.16 1.49
C SER B 529 40.72 -13.75 0.96
N GLY B 530 41.80 -13.07 1.36
CA GLY B 530 42.12 -11.73 0.89
C GLY B 530 43.55 -11.32 1.20
N GLU B 531 44.45 -11.46 0.22
CA GLU B 531 45.88 -11.29 0.47
C GLU B 531 46.18 -9.90 1.02
N ARG B 532 45.68 -8.86 0.35
CA ARG B 532 46.01 -7.50 0.76
C ARG B 532 45.46 -7.18 2.15
N PHE B 533 44.22 -7.59 2.43
CA PHE B 533 43.61 -7.28 3.71
C PHE B 533 44.26 -8.07 4.84
N HIS B 534 44.61 -9.34 4.56
CA HIS B 534 45.41 -10.10 5.52
C HIS B 534 46.73 -9.40 5.80
N ARG B 535 47.43 -8.95 4.75
CA ARG B 535 48.70 -8.23 4.93
C ARG B 535 48.51 -7.02 5.84
N LEU B 536 47.46 -6.22 5.58
CA LEU B 536 47.20 -5.03 6.38
C LEU B 536 47.06 -5.38 7.86
N VAL B 537 46.21 -6.35 8.16
CA VAL B 537 45.91 -6.67 9.56
C VAL B 537 47.12 -7.31 10.24
N ARG B 538 47.83 -8.18 9.52
CA ARG B 538 49.07 -8.73 10.06
C ARG B 538 50.06 -7.62 10.36
N ARG B 539 50.33 -6.77 9.37
CA ARG B 539 51.26 -5.66 9.54
C ARG B 539 50.83 -4.73 10.68
N PHE B 540 49.52 -4.48 10.83
CA PHE B 540 49.06 -3.72 11.98
C PHE B 540 49.35 -4.45 13.28
N GLY B 541 49.25 -5.78 13.27
CA GLY B 541 49.52 -6.55 14.48
C GLY B 541 50.96 -6.44 14.93
N GLU B 542 51.90 -6.49 13.97
CA GLU B 542 53.30 -6.32 14.30
C GLU B 542 53.57 -4.94 14.89
N LEU B 543 52.98 -3.89 14.30
CA LEU B 543 53.17 -2.54 14.81
C LEU B 543 52.59 -2.33 16.21
N THR B 544 51.62 -3.15 16.63
CA THR B 544 50.83 -2.82 17.80
C THR B 544 50.72 -3.90 18.85
N GLY B 545 50.98 -5.17 18.52
CA GLY B 545 50.72 -6.26 19.44
C GLY B 545 49.31 -6.80 19.41
N THR B 546 48.47 -6.31 18.49
CA THR B 546 47.09 -6.77 18.37
C THR B 546 46.75 -6.81 16.89
N PRO B 547 46.70 -8.00 16.28
CA PRO B 547 46.36 -8.12 14.86
C PRO B 547 44.86 -8.19 14.61
N VAL B 548 44.13 -7.25 15.21
CA VAL B 548 42.68 -7.13 15.09
C VAL B 548 42.36 -5.69 14.72
N LEU B 549 41.56 -5.51 13.67
CA LEU B 549 41.02 -4.20 13.31
C LEU B 549 39.49 -4.22 13.35
N LEU B 550 38.93 -3.04 13.62
CA LEU B 550 37.53 -2.76 13.36
C LEU B 550 37.29 -2.72 11.86
N ASN B 551 36.19 -3.35 11.41
CA ASN B 551 35.86 -3.40 9.98
C ASN B 551 34.35 -3.19 9.81
N THR B 552 33.97 -2.04 9.27
CA THR B 552 32.57 -1.72 9.02
C THR B 552 32.43 -1.33 7.55
N SER B 553 31.19 -1.35 7.08
CA SER B 553 30.95 -1.21 5.64
C SER B 553 31.14 0.22 5.21
N PHE B 554 31.70 0.40 4.02
CA PHE B 554 32.04 1.73 3.50
C PHE B 554 30.78 2.33 2.88
N ASN B 555 29.98 2.99 3.71
CA ASN B 555 28.82 3.76 3.26
C ASN B 555 28.33 4.62 4.41
N ASN B 556 27.67 5.74 4.07
CA ASN B 556 26.98 6.52 5.10
C ASN B 556 25.55 5.98 5.26
N ASN B 557 24.73 6.67 6.06
CA ASN B 557 23.40 6.17 6.39
C ASN B 557 22.40 6.22 5.24
N ALA B 558 22.76 6.76 4.07
CA ALA B 558 21.79 7.02 3.01
C ALA B 558 22.10 6.28 1.72
N GLU B 559 22.88 5.21 1.78
CA GLU B 559 23.38 4.56 0.58
C GLU B 559 23.80 3.14 0.94
N PRO B 560 23.79 2.24 -0.02
CA PRO B 560 24.40 0.93 0.17
C PRO B 560 25.91 1.07 0.06
N ILE B 561 26.61 -0.04 0.31
CA ILE B 561 28.07 -0.04 0.19
C ILE B 561 28.50 0.58 -1.13
N VAL B 562 29.53 1.45 -1.07
CA VAL B 562 29.98 2.15 -2.27
C VAL B 562 30.51 1.14 -3.31
N GLN B 563 30.28 1.45 -4.58
CA GLN B 563 30.74 0.59 -5.67
C GLN B 563 31.94 1.19 -6.41
N SER B 564 31.74 2.33 -7.09
CA SER B 564 32.71 2.90 -8.03
C SER B 564 33.70 3.83 -7.33
N LEU B 565 34.77 4.19 -8.06
CA LEU B 565 35.70 5.20 -7.53
C LEU B 565 34.96 6.47 -7.15
N ASP B 566 34.08 6.96 -8.05
CA ASP B 566 33.26 8.12 -7.75
C ASP B 566 32.45 7.95 -6.47
N ASP B 567 31.74 6.81 -6.33
CA ASP B 567 31.03 6.52 -5.07
C ASP B 567 31.96 6.56 -3.87
N VAL B 568 33.15 5.96 -4.01
CA VAL B 568 34.11 5.90 -2.91
C VAL B 568 34.55 7.31 -2.51
N VAL B 569 34.92 8.13 -3.48
CA VAL B 569 35.37 9.50 -3.19
C VAL B 569 34.22 10.35 -2.65
N THR B 570 33.04 10.26 -3.29
CA THR B 570 31.85 10.95 -2.80
C THR B 570 31.60 10.62 -1.33
N SER B 571 31.66 9.34 -0.98
CA SER B 571 31.35 8.94 0.38
C SER B 571 32.41 9.41 1.35
N PHE B 572 33.68 9.34 0.95
CA PHE B 572 34.74 9.93 1.75
C PHE B 572 34.45 11.40 2.03
N LEU B 573 34.15 12.17 0.98
CA LEU B 573 33.98 13.61 1.13
C LEU B 573 32.72 14.01 1.90
N THR B 574 31.79 13.08 2.14
CA THR B 574 30.54 13.40 2.84
C THR B 574 30.45 12.72 4.20
N THR B 575 31.48 12.01 4.62
CA THR B 575 31.59 11.56 6.00
C THR B 575 32.88 12.12 6.59
N ASP B 576 33.04 11.98 7.89
CA ASP B 576 34.17 12.57 8.59
C ASP B 576 35.33 11.59 8.75
N LEU B 577 35.63 10.82 7.70
CA LEU B 577 36.77 9.91 7.73
C LEU B 577 38.08 10.69 7.57
N ASP B 578 39.14 10.17 8.19
CA ASP B 578 40.45 10.84 8.18
C ASP B 578 41.15 10.70 6.84
N VAL B 579 41.41 9.45 6.42
CA VAL B 579 42.13 9.19 5.18
C VAL B 579 41.39 8.12 4.40
N LEU B 580 41.55 8.16 3.07
CA LEU B 580 41.02 7.15 2.17
C LEU B 580 42.20 6.50 1.45
N VAL B 581 42.25 5.17 1.50
CA VAL B 581 43.17 4.37 0.69
C VAL B 581 42.36 3.70 -0.40
N VAL B 582 42.60 4.08 -1.65
CA VAL B 582 41.88 3.51 -2.79
C VAL B 582 42.90 3.16 -3.86
N GLU B 583 43.11 1.86 -4.05
CA GLU B 583 44.04 1.34 -5.06
C GLU B 583 45.41 2.04 -4.96
N ASP B 584 45.96 2.01 -3.74
CA ASP B 584 47.31 2.48 -3.38
C ASP B 584 47.44 4.00 -3.34
N CYS B 585 46.43 4.74 -3.77
CA CYS B 585 46.42 6.18 -3.58
C CYS B 585 45.90 6.53 -2.18
N LEU B 586 46.52 7.52 -1.57
CA LEU B 586 46.16 8.00 -0.24
C LEU B 586 45.46 9.35 -0.40
N VAL B 587 44.15 9.40 -0.13
CA VAL B 587 43.34 10.56 -0.44
C VAL B 587 42.93 11.27 0.85
N ARG B 588 43.05 12.60 0.84
CA ARG B 588 42.56 13.43 1.94
C ARG B 588 41.77 14.60 1.38
N GLY B 589 40.86 15.13 2.21
CA GLY B 589 40.01 16.24 1.76
C GLY B 589 40.70 17.59 1.94
N LYS B 590 40.76 18.37 0.85
CA LYS B 590 41.34 19.72 0.88
C LYS B 590 40.78 20.55 2.01
N ALA B 591 41.50 21.61 2.38
CA ALA B 591 41.07 22.48 3.47
C ALA B 591 39.66 23.00 3.22
N SER B 592 39.47 23.71 2.11
CA SER B 592 38.15 24.16 1.68
C SER B 592 37.87 23.58 0.29
N PRO B 593 37.09 22.51 0.19
CA PRO B 593 36.83 21.93 -1.14
C PRO B 593 35.93 22.83 -1.97
N ASP B 594 36.28 22.97 -3.25
CA ASP B 594 35.48 23.75 -4.21
C ASP B 594 34.33 22.87 -4.71
N LEU B 595 33.17 22.97 -4.06
CA LEU B 595 31.98 22.29 -4.56
C LEU B 595 31.53 22.81 -5.92
N GLY B 596 31.93 24.03 -6.29
CA GLY B 596 31.47 24.65 -7.52
C GLY B 596 31.88 23.91 -8.78
N VAL B 597 32.92 23.08 -8.70
CA VAL B 597 33.36 22.40 -9.91
C VAL B 597 32.56 21.13 -10.17
N LEU B 598 31.87 20.61 -9.16
CA LEU B 598 31.07 19.38 -9.34
C LEU B 598 29.90 19.64 -10.28
N VAL B 599 29.55 18.62 -11.06
CA VAL B 599 28.47 18.72 -12.03
C VAL B 599 27.27 17.98 -11.43
N PRO B 600 26.16 18.66 -11.13
CA PRO B 600 25.01 17.96 -10.57
C PRO B 600 24.27 17.19 -11.65
N ARG B 601 23.73 16.05 -11.25
CA ARG B 601 22.98 15.19 -12.14
C ARG B 601 21.81 14.57 -11.36
N PHE B 602 20.61 14.62 -11.94
CA PHE B 602 19.49 13.90 -11.34
C PHE B 602 19.78 12.40 -11.33
N ARG B 603 19.40 11.72 -10.25
CA ARG B 603 19.27 10.27 -10.36
C ARG B 603 18.00 9.95 -11.14
N PRO B 604 17.85 8.70 -11.61
CA PRO B 604 16.60 8.35 -12.31
C PRO B 604 15.37 8.54 -11.44
N VAL B 605 15.50 8.43 -10.12
CA VAL B 605 14.37 8.57 -9.20
C VAL B 605 14.25 9.97 -8.61
N THR B 606 15.15 10.89 -8.95
CA THR B 606 15.09 12.24 -8.37
C THR B 606 13.87 13.00 -8.87
N ARG B 607 13.11 13.60 -7.95
CA ARG B 607 11.99 14.47 -8.30
C ARG B 607 12.15 15.81 -7.60
N LEU B 608 11.81 16.88 -8.32
CA LEU B 608 11.90 18.24 -7.82
C LEU B 608 10.52 18.85 -7.93
N VAL B 609 10.01 19.38 -6.83
CA VAL B 609 8.60 19.72 -6.76
C VAL B 609 8.42 21.05 -6.04
N GLU B 610 7.57 21.92 -6.60
CA GLU B 610 6.93 23.03 -5.90
C GLU B 610 5.48 22.64 -5.62
N ARG B 611 5.05 22.75 -4.36
CA ARG B 611 3.73 22.30 -3.92
C ARG B 611 2.93 23.46 -3.34
N ARG B 612 1.62 23.43 -3.55
CA ARG B 612 0.70 24.26 -2.80
C ARG B 612 -0.38 23.37 -2.21
N THR B 613 -0.63 23.51 -0.92
CA THR B 613 -1.70 22.78 -0.28
C THR B 613 -2.86 23.74 -0.04
N ALA B 614 -3.97 23.21 0.44
CA ALA B 614 -5.12 24.06 0.74
C ALA B 614 -4.84 24.88 1.98
N GLY B 615 -5.09 26.18 1.92
CA GLY B 615 -4.94 27.01 3.09
C GLY B 615 -6.22 26.95 3.91
N PRO B 616 -6.20 27.52 5.11
CA PRO B 616 -7.46 27.83 5.78
C PRO B 616 -8.16 28.93 4.98
N ASP B 617 -9.47 29.03 5.17
CA ASP B 617 -10.32 29.87 4.33
C ASP B 617 -10.32 29.42 2.88
N ALA B 618 -9.80 28.21 2.61
CA ALA B 618 -9.94 27.58 1.31
C ALA B 618 -9.18 28.32 0.23
N SER B 619 -8.06 28.93 0.61
CA SER B 619 -7.17 29.54 -0.35
C SER B 619 -6.12 28.52 -0.80
N ALA B 620 -5.34 28.92 -1.80
CA ALA B 620 -4.12 28.21 -2.11
C ALA B 620 -3.08 28.55 -1.06
N GLY B 621 -2.63 27.56 -0.29
CA GLY B 621 -1.52 27.74 0.63
C GLY B 621 -0.29 28.33 -0.04
N ALA B 622 0.72 28.68 0.74
CA ALA B 622 1.91 29.29 0.17
C ALA B 622 2.87 28.21 -0.35
N LYS B 623 3.53 28.51 -1.49
CA LYS B 623 4.49 27.61 -2.13
C LYS B 623 5.50 27.07 -1.14
N THR B 624 5.68 25.74 -1.14
CA THR B 624 6.87 25.11 -0.60
C THR B 624 7.56 24.29 -1.69
N HIS B 625 8.83 23.96 -1.46
CA HIS B 625 9.68 23.32 -2.45
C HIS B 625 10.34 22.11 -1.81
N GLU B 626 10.43 21.02 -2.56
CA GLU B 626 11.07 19.83 -2.02
C GLU B 626 11.70 19.01 -3.13
N ILE B 627 12.70 18.23 -2.73
CA ILE B 627 13.31 17.21 -3.57
C ILE B 627 13.03 15.84 -2.93
N HIS B 628 12.76 14.82 -3.75
CA HIS B 628 12.61 13.50 -3.15
C HIS B 628 13.03 12.43 -4.15
N LEU B 629 13.16 11.20 -3.64
CA LEU B 629 13.49 10.04 -4.46
C LEU B 629 12.23 9.21 -4.63
N ASP B 630 11.85 8.94 -5.87
CA ASP B 630 10.55 8.34 -6.18
C ASP B 630 10.68 6.82 -6.23
N TYR B 631 10.78 6.24 -5.03
CA TYR B 631 10.55 4.81 -4.84
C TYR B 631 9.95 4.62 -3.45
N ASP B 632 9.35 3.45 -3.22
CA ASP B 632 8.65 3.21 -1.98
C ASP B 632 9.63 3.24 -0.81
N GLY B 633 9.36 4.10 0.18
CA GLY B 633 10.30 4.34 1.25
C GLY B 633 11.36 5.39 0.95
N GLY B 634 11.30 6.06 -0.19
CA GLY B 634 12.33 7.01 -0.58
C GLY B 634 12.33 8.28 0.26
N PRO B 635 13.51 8.84 0.50
CA PRO B 635 13.59 10.03 1.36
C PRO B 635 13.05 11.27 0.66
N SER B 636 13.00 12.35 1.43
CA SER B 636 12.42 13.61 0.99
C SER B 636 13.05 14.74 1.81
N ALA B 637 13.18 15.93 1.21
CA ALA B 637 13.80 17.05 1.93
C ALA B 637 13.34 18.37 1.35
N LYS B 638 12.99 19.31 2.22
CA LYS B 638 12.73 20.71 1.83
C LYS B 638 13.95 21.31 1.15
N VAL B 639 13.70 22.22 0.18
CA VAL B 639 14.75 23.04 -0.42
C VAL B 639 14.29 24.50 -0.45
N SER B 640 15.26 25.42 -0.37
CA SER B 640 14.94 26.84 -0.44
C SER B 640 14.48 27.20 -1.86
N PRO B 641 13.69 28.28 -1.98
CA PRO B 641 13.27 28.71 -3.32
C PRO B 641 14.43 28.91 -4.23
N GLU B 642 15.58 29.35 -3.68
CA GLU B 642 16.74 29.63 -4.50
C GLU B 642 17.35 28.33 -5.04
N LEU B 643 17.52 27.32 -4.17
CA LEU B 643 18.04 26.04 -4.66
C LEU B 643 17.08 25.37 -5.62
N TYR B 644 15.77 25.57 -5.42
CA TYR B 644 14.78 25.04 -6.37
C TYR B 644 14.97 25.63 -7.75
N GLU B 645 15.25 26.93 -7.82
CA GLU B 645 15.47 27.55 -9.12
C GLU B 645 16.74 27.02 -9.75
N LEU B 646 17.80 26.88 -8.94
CA LEU B 646 19.06 26.34 -9.43
C LEU B 646 18.89 24.89 -9.91
N LEU B 647 18.33 24.03 -9.05
CA LEU B 647 18.23 22.62 -9.42
C LEU B 647 17.34 22.41 -10.65
N GLY B 648 16.35 23.28 -10.87
CA GLY B 648 15.50 23.12 -12.05
C GLY B 648 16.24 23.27 -13.36
N ALA B 649 17.39 23.94 -13.36
CA ALA B 649 18.21 24.11 -14.56
C ALA B 649 19.31 23.06 -14.69
N VAL B 650 19.35 22.06 -13.80
CA VAL B 650 20.39 21.04 -13.92
C VAL B 650 20.29 20.38 -15.27
N ASP B 651 21.42 20.32 -16.00
CA ASP B 651 21.41 19.78 -17.34
C ASP B 651 22.33 18.58 -17.51
N GLY B 652 23.03 18.16 -16.46
CA GLY B 652 23.91 17.02 -16.57
C GLY B 652 25.32 17.34 -17.01
N THR B 653 25.59 18.57 -17.49
CA THR B 653 26.95 18.92 -17.95
C THR B 653 27.48 20.22 -17.33
N THR B 654 26.64 21.23 -17.17
CA THR B 654 27.06 22.49 -16.55
C THR B 654 27.36 22.30 -15.06
N THR B 655 28.43 22.94 -14.60
CA THR B 655 28.88 22.75 -13.22
C THR B 655 27.96 23.49 -12.25
N LEU B 656 28.11 23.13 -10.97
CA LEU B 656 27.30 23.75 -9.93
C LEU B 656 27.60 25.25 -9.81
N GLY B 657 28.89 25.61 -9.80
CA GLY B 657 29.26 27.03 -9.85
C GLY B 657 28.56 27.78 -10.97
N ASP B 658 28.65 27.26 -12.18
CA ASP B 658 28.07 27.98 -13.31
C ASP B 658 26.55 28.04 -13.25
N LEU B 659 25.90 26.95 -12.79
CA LEU B 659 24.45 27.01 -12.59
C LEU B 659 24.08 28.03 -11.52
N ALA B 660 24.82 28.06 -10.42
CA ALA B 660 24.51 28.99 -9.34
C ALA B 660 24.56 30.45 -9.79
N LYS B 661 25.40 30.77 -10.81
CA LYS B 661 25.47 32.16 -11.29
C LYS B 661 24.09 32.70 -11.59
N THR B 662 23.17 31.85 -12.07
CA THR B 662 21.84 32.37 -12.38
C THR B 662 21.09 32.82 -11.13
N VAL B 663 21.54 32.46 -9.92
CA VAL B 663 20.89 32.93 -8.70
C VAL B 663 21.85 33.78 -7.83
N GLY B 664 22.87 34.38 -8.45
CA GLY B 664 23.74 35.30 -7.75
C GLY B 664 25.03 34.69 -7.23
N GLY B 665 25.35 33.46 -7.61
CA GLY B 665 26.60 32.85 -7.19
C GLY B 665 26.40 31.76 -6.16
N LEU B 666 27.38 30.85 -6.11
CA LEU B 666 27.42 29.76 -5.13
C LEU B 666 27.87 30.32 -3.78
N SER B 667 26.94 30.98 -3.10
CA SER B 667 27.18 31.53 -1.78
C SER B 667 27.45 30.41 -0.77
N ASP B 668 28.00 30.80 0.39
CA ASP B 668 28.24 29.83 1.45
C ASP B 668 26.95 29.15 1.88
N ALA B 669 25.83 29.88 1.88
CA ALA B 669 24.55 29.32 2.27
C ALA B 669 24.08 28.26 1.27
N LEU B 670 24.15 28.58 -0.02
CA LEU B 670 23.75 27.60 -1.03
C LEU B 670 24.66 26.38 -1.02
N ALA B 671 25.96 26.59 -0.87
CA ALA B 671 26.90 25.46 -0.91
C ALA B 671 26.62 24.51 0.26
N THR B 672 26.26 25.06 1.41
CA THR B 672 25.90 24.26 2.56
C THR B 672 24.61 23.50 2.33
N GLU B 673 23.62 24.18 1.73
CA GLU B 673 22.35 23.52 1.43
C GLU B 673 22.57 22.37 0.47
N VAL B 674 23.37 22.60 -0.58
CA VAL B 674 23.67 21.57 -1.56
C VAL B 674 24.40 20.40 -0.91
N PHE B 675 25.42 20.71 -0.11
CA PHE B 675 26.18 19.67 0.59
C PHE B 675 25.27 18.73 1.37
N ALA B 676 24.29 19.27 2.12
CA ALA B 676 23.40 18.41 2.90
C ALA B 676 22.49 17.56 2.00
N LEU B 677 22.12 18.08 0.82
CA LEU B 677 21.41 17.24 -0.14
C LEU B 677 22.33 16.15 -0.67
N TRP B 678 23.59 16.50 -0.93
CA TRP B 678 24.60 15.53 -1.36
C TRP B 678 24.77 14.39 -0.35
N GLU B 679 24.84 14.71 0.95
CA GLU B 679 25.00 13.69 1.97
C GLU B 679 23.82 12.72 2.00
N GLN B 680 22.62 13.19 1.66
CA GLN B 680 21.46 12.32 1.59
C GLN B 680 21.28 11.70 0.20
N ARG B 681 22.15 12.04 -0.74
CA ARG B 681 22.21 11.40 -2.06
C ARG B 681 20.98 11.67 -2.91
N PHE B 682 20.34 12.84 -2.73
CA PHE B 682 19.21 13.21 -3.59
C PHE B 682 19.64 13.46 -5.03
N LEU B 683 20.89 13.83 -5.26
CA LEU B 683 21.45 14.12 -6.56
C LEU B 683 22.81 13.45 -6.68
N THR B 684 23.26 13.25 -7.90
CA THR B 684 24.64 12.86 -8.14
C THR B 684 25.46 14.12 -8.29
N LEU B 685 26.60 14.19 -7.58
CA LEU B 685 27.51 15.33 -7.67
C LEU B 685 28.93 14.79 -7.86
N ALA B 686 29.49 15.05 -9.03
CA ALA B 686 30.83 14.54 -9.35
C ALA B 686 31.43 15.39 -10.45
N PRO B 687 32.76 15.37 -10.60
CA PRO B 687 33.40 16.11 -11.70
C PRO B 687 32.86 15.71 -13.06
N ALA B 688 33.10 16.57 -14.05
CA ALA B 688 32.56 16.35 -15.38
C ALA B 688 33.11 15.06 -15.98
N GLY B 689 32.26 14.36 -16.72
CA GLY B 689 32.65 13.11 -17.33
C GLY B 689 32.56 11.94 -16.36
N ASP B 690 33.13 10.81 -16.79
CA ASP B 690 33.16 9.59 -15.98
C ASP B 690 34.60 9.06 -15.97
N ILE B 691 34.79 7.91 -15.32
CA ILE B 691 36.08 7.24 -15.34
C ILE B 691 36.26 6.40 -16.60
N GLY B 692 35.28 6.39 -17.49
CA GLY B 692 35.34 5.62 -18.70
C GLY B 692 35.08 4.15 -18.44
N PRO B 693 35.03 3.35 -19.49
CA PRO B 693 34.80 1.91 -19.31
C PRO B 693 35.89 1.28 -18.46
N LEU B 694 35.48 0.37 -17.58
CA LEU B 694 36.44 -0.27 -16.69
C LEU B 694 37.44 -1.08 -17.51
N ALA B 695 38.72 -0.82 -17.29
CA ALA B 695 39.76 -1.41 -18.13
C ALA B 695 40.01 -2.87 -17.78
N ASP B 696 40.39 -3.64 -18.80
CA ASP B 696 40.90 -5.00 -18.64
C ASP B 696 42.20 -4.99 -17.85
N ASP B 697 42.13 -5.34 -16.56
CA ASP B 697 43.31 -5.47 -15.71
C ASP B 697 44.09 -6.75 -15.97
N GLY B 698 43.61 -7.64 -16.84
CA GLY B 698 44.30 -8.87 -17.13
C GLY B 698 44.06 -9.99 -16.13
N THR B 699 42.93 -9.98 -15.43
CA THR B 699 42.60 -11.03 -14.47
C THR B 699 41.26 -11.69 -14.81
N CP C . -41.52 13.39 0.82
C CP C . -41.99 14.66 0.29
O CP C . -42.85 14.61 -0.53
O4P CP C . -41.43 15.89 0.75
P CP C . -40.29 16.80 -0.10
O1P CP C . -40.46 18.29 0.13
O2P CP C . -40.49 16.48 -1.58
O3P CP C . -38.87 16.54 0.32
FE FE D . -20.27 -3.86 7.92
C1 EDO E . -31.37 3.96 -0.36
O1 EDO E . -30.23 3.15 -0.57
C2 EDO E . -30.89 5.37 -0.33
O2 EDO E . -31.94 6.26 0.01
C1 EDO F . -28.38 33.46 -0.32
O1 EDO F . -29.35 33.15 0.69
C2 EDO F . -27.44 34.57 0.12
O2 EDO F . -26.98 35.28 -1.04
C1 EDO G . -22.94 -4.25 23.47
O1 EDO G . -23.96 -4.35 22.46
C2 EDO G . -22.48 -2.80 23.53
O2 EDO G . -21.16 -2.72 24.09
C1 EDO H . -22.79 23.94 1.24
O1 EDO H . -23.15 25.23 1.73
C2 EDO H . -22.30 24.11 -0.20
O2 EDO H . -21.79 22.88 -0.73
N1 CA0 I . -22.71 -7.44 -4.03
C2 CA0 I . -21.95 -8.18 -3.23
N3 CA0 I . -21.26 -7.65 -2.24
C4 CA0 I . -21.32 -6.33 -1.99
C5 CA0 I . -22.09 -5.52 -2.80
C6 CA0 I . -22.81 -6.12 -3.85
N6 CA0 I . -23.65 -5.33 -4.73
N7 CA0 I . -21.96 -4.25 -2.32
C8 CA0 I . -21.12 -4.28 -1.30
N9 CA0 I . -20.73 -5.53 -1.08
PA CA0 I . -19.86 -3.23 4.78
CB CA0 I . -17.54 -3.74 6.12
C1' CA0 I . -19.83 -5.96 -0.05
O1A CA0 I . -20.99 -3.69 5.67
O1B CA0 I . -16.52 -3.32 6.55
C2' CA0 I . -18.33 -5.32 -0.35
O2' CA0 I . -17.68 -6.07 -1.43
O2A CA0 I . -20.34 -2.02 4.05
N2B CA0 I . -17.74 -5.15 6.08
C3' CA0 I . -17.69 -5.38 0.75
O3' CA0 I . -16.95 -6.67 0.91
O3A CA0 I . -18.50 -2.85 5.65
C4' CA0 I . -18.82 -5.33 1.85
O4' CA0 I . -20.16 -5.45 1.08
C5' CA0 I . -18.79 -4.15 2.56
O5' CA0 I . -19.52 -4.44 3.71
S SO4 J . -27.87 4.58 -10.33
O1 SO4 J . -26.45 4.89 -10.27
O2 SO4 J . -28.36 4.64 -11.70
O3 SO4 J . -28.63 5.54 -9.52
O4 SO4 J . -28.07 3.23 -9.81
S SO4 K . -21.24 5.99 -11.63
O1 SO4 K . -20.48 6.31 -10.43
O2 SO4 K . -21.66 7.21 -12.33
O3 SO4 K . -20.37 5.21 -12.49
O4 SO4 K . -22.44 5.23 -11.29
S SO4 L . 11.50 23.78 -18.29
O1 SO4 L . 12.39 23.43 -19.38
O2 SO4 L . 11.92 25.03 -17.64
O3 SO4 L . 10.17 23.92 -18.86
O4 SO4 L . 11.54 22.73 -17.27
S SO4 M . -4.62 15.75 13.19
O1 SO4 M . -3.20 16.00 12.96
O2 SO4 M . -5.40 16.68 12.37
O3 SO4 M . -4.93 14.36 12.82
O4 SO4 M . -4.90 16.02 14.60
S SO4 N . -41.80 -14.77 12.15
O1 SO4 N . -40.66 -14.42 11.26
O2 SO4 N . -42.83 -13.72 12.07
O3 SO4 N . -42.37 -16.08 11.75
O4 SO4 N . -41.30 -14.88 13.53
FE FE O . 14.44 -16.17 -0.10
C1 EDO P . 29.81 -10.40 2.53
O1 EDO P . 30.02 -9.88 1.23
C2 EDO P . 28.34 -10.81 2.67
O2 EDO P . 28.03 -11.12 4.03
C1 EDO Q . 22.23 -11.20 19.87
O1 EDO Q . 21.44 -10.86 18.71
C2 EDO Q . 21.35 -11.72 21.00
O2 EDO Q . 21.84 -13.00 21.41
N1 CA0 R . 17.80 -11.67 11.47
C2 CA0 R . 16.63 -12.33 11.48
N3 CA0 R . 15.89 -12.46 10.37
C4 CA0 R . 16.34 -11.94 9.21
C5 CA0 R . 17.55 -11.27 9.17
C6 CA0 R . 18.28 -11.14 10.35
N6 CA0 R . 19.55 -10.43 10.31
N7 CA0 R . 17.76 -10.85 7.91
C8 CA0 R . 16.74 -11.24 7.18
N9 CA0 R . 15.88 -11.90 7.94
PA CA0 R . 15.04 -13.52 1.87
CB CA0 R . 12.59 -13.75 0.88
C1' CA0 R . 14.68 -12.42 7.45
O1A CA0 R . 15.63 -14.87 1.58
O1B CA0 R . 11.75 -13.31 1.57
C2' CA0 R . 13.80 -11.08 7.00
O2' CA0 R . 13.05 -10.61 8.16
O2A CA0 R . 16.10 -12.47 1.73
N2B CA0 R . 12.30 -14.92 0.09
C3' CA0 R . 13.05 -11.45 6.06
O3' CA0 R . 11.76 -12.01 6.64
O3A CA0 R . 13.84 -13.14 0.80
C4' CA0 R . 13.82 -12.64 5.35
O4' CA0 R . 14.93 -13.06 6.36
C5' CA0 R . 14.33 -12.28 4.13
O5' CA0 R . 14.49 -13.49 3.43
S SO4 S . 28.35 -3.09 9.82
O1 SO4 S . 29.51 -3.01 8.95
O2 SO4 S . 28.68 -2.64 11.18
O3 SO4 S . 27.87 -4.46 9.90
O4 SO4 S . 27.29 -2.25 9.26
S SO4 T . 8.39 0.52 -18.69
O1 SO4 T . 9.64 1.29 -18.60
O2 SO4 T . 7.32 1.40 -19.14
O3 SO4 T . 8.54 -0.56 -19.67
O4 SO4 T . 8.07 -0.03 -17.36
S SO4 U . 15.15 6.28 14.23
O1 SO4 U . 16.12 5.46 14.98
O2 SO4 U . 15.74 7.55 13.81
O3 SO4 U . 14.71 5.55 13.04
O4 SO4 U . 14.03 6.58 15.10
CL CL V . 42.43 -6.64 -3.46
#